data_2MYX
#
_entry.id   2MYX
#
_entity_poly.entity_id   1
_entity_poly.type   'polypeptide(L)'
_entity_poly.pdbx_seq_one_letter_code
;GAMGPQGSTQNALRRTGRVNGGHPVTTQMVETVQNLAPNLHPEQIRYSLENTGSVEETVERYLRGDEFSFPPGFE
;
_entity_poly.pdbx_strand_id   A
#
# COMPACT_ATOMS: atom_id res chain seq x y z
N GLY A 1 -53.82 16.52 2.43
CA GLY A 1 -52.65 17.14 1.79
C GLY A 1 -51.65 16.06 1.42
N ALA A 2 -50.45 16.44 0.99
CA ALA A 2 -49.41 15.48 0.63
C ALA A 2 -48.83 14.86 1.91
N MET A 3 -47.95 13.87 1.75
CA MET A 3 -47.27 13.16 2.83
C MET A 3 -45.95 12.60 2.27
N GLY A 4 -45.05 12.15 3.13
CA GLY A 4 -43.77 11.60 2.72
C GLY A 4 -42.76 11.68 3.87
N PRO A 5 -42.78 10.76 4.85
CA PRO A 5 -41.86 10.78 5.99
C PRO A 5 -40.40 10.45 5.66
N GLN A 6 -40.11 9.99 4.43
CA GLN A 6 -38.80 9.62 3.87
C GLN A 6 -37.76 9.17 4.91
N GLY A 7 -37.93 7.96 5.46
CA GLY A 7 -37.02 7.40 6.45
C GLY A 7 -36.99 5.88 6.31
N SER A 8 -35.89 5.34 5.78
CA SER A 8 -35.69 3.91 5.58
C SER A 8 -34.87 3.35 6.75
N THR A 9 -34.76 2.03 6.85
CA THR A 9 -33.99 1.40 7.92
C THR A 9 -32.50 1.52 7.55
N GLN A 10 -31.82 2.55 8.06
CA GLN A 10 -30.40 2.83 7.83
C GLN A 10 -29.43 1.85 8.50
N ASN A 11 -29.87 0.60 8.69
CA ASN A 11 -29.11 -0.48 9.30
C ASN A 11 -28.28 -1.18 8.23
N ALA A 12 -27.12 -0.61 7.89
CA ALA A 12 -26.20 -1.17 6.89
C ALA A 12 -25.65 -2.52 7.35
N LEU A 13 -24.78 -3.13 6.54
CA LEU A 13 -24.15 -4.43 6.81
C LEU A 13 -23.56 -4.47 8.22
N ARG A 14 -23.72 -5.61 8.90
CA ARG A 14 -23.23 -5.87 10.25
C ARG A 14 -21.78 -5.40 10.41
N ARG A 15 -21.51 -4.70 11.53
CA ARG A 15 -20.19 -4.16 11.88
C ARG A 15 -19.09 -5.18 11.60
N THR A 16 -18.22 -4.87 10.65
CA THR A 16 -17.13 -5.73 10.26
C THR A 16 -16.03 -5.71 11.33
N GLY A 17 -15.09 -6.66 11.28
CA GLY A 17 -14.02 -6.76 12.26
C GLY A 17 -12.90 -5.78 11.97
N ARG A 18 -12.32 -5.84 10.77
CA ARG A 18 -11.23 -4.99 10.32
C ARG A 18 -11.39 -4.72 8.83
N VAL A 19 -11.68 -3.49 8.43
CA VAL A 19 -11.79 -3.15 7.00
C VAL A 19 -10.36 -2.92 6.52
N ASN A 20 -9.81 -3.91 5.80
CA ASN A 20 -8.47 -3.99 5.22
C ASN A 20 -8.60 -4.65 3.84
N GLY A 21 -7.48 -4.96 3.19
CA GLY A 21 -7.47 -5.60 1.88
C GLY A 21 -7.38 -4.59 0.75
N GLY A 22 -6.65 -3.50 0.96
CA GLY A 22 -6.45 -2.42 -0.01
C GLY A 22 -7.17 -1.17 0.47
N HIS A 23 -6.50 -0.03 0.37
CA HIS A 23 -6.98 1.28 0.77
C HIS A 23 -6.76 2.25 -0.40
N PRO A 24 -7.58 3.31 -0.56
CA PRO A 24 -7.44 4.27 -1.64
C PRO A 24 -6.26 5.20 -1.39
N VAL A 25 -5.33 5.32 -2.33
CA VAL A 25 -4.14 6.18 -2.22
C VAL A 25 -4.09 7.16 -3.37
N THR A 26 -3.33 8.23 -3.24
CA THR A 26 -3.17 9.26 -4.25
C THR A 26 -1.70 9.44 -4.59
N THR A 27 -1.42 10.14 -5.69
CA THR A 27 -0.08 10.44 -6.20
C THR A 27 0.78 11.07 -5.11
N GLN A 28 0.20 12.00 -4.32
CA GLN A 28 0.88 12.70 -3.24
C GLN A 28 1.44 11.71 -2.22
N MET A 29 0.76 10.58 -1.98
CA MET A 29 1.26 9.59 -1.04
C MET A 29 2.50 8.92 -1.62
N VAL A 30 2.46 8.57 -2.91
CA VAL A 30 3.56 7.91 -3.61
C VAL A 30 4.80 8.79 -3.56
N GLU A 31 4.70 10.03 -4.04
CA GLU A 31 5.83 10.94 -4.05
C GLU A 31 6.36 11.17 -2.65
N THR A 32 5.51 11.34 -1.64
CA THR A 32 5.96 11.56 -0.27
C THR A 32 6.90 10.41 0.14
N VAL A 33 6.43 9.16 0.13
CA VAL A 33 7.31 8.04 0.49
C VAL A 33 8.55 8.06 -0.40
N GLN A 34 8.40 8.22 -1.71
CA GLN A 34 9.53 8.22 -2.64
C GLN A 34 10.61 9.24 -2.27
N ASN A 35 10.21 10.46 -1.91
CA ASN A 35 11.14 11.51 -1.53
C ASN A 35 11.90 11.09 -0.28
N LEU A 36 11.18 10.53 0.69
CA LEU A 36 11.73 10.08 1.97
C LEU A 36 12.44 8.73 1.89
N ALA A 37 12.24 7.97 0.81
CA ALA A 37 12.80 6.66 0.54
C ALA A 37 13.24 6.61 -0.94
N PRO A 38 14.31 7.32 -1.31
CA PRO A 38 14.79 7.36 -2.69
C PRO A 38 15.30 5.99 -3.17
N ASN A 39 15.70 5.09 -2.26
CA ASN A 39 16.19 3.76 -2.60
C ASN A 39 15.07 2.84 -3.12
N LEU A 40 13.80 3.19 -2.92
CA LEU A 40 12.66 2.39 -3.36
C LEU A 40 12.17 2.77 -4.75
N HIS A 41 11.50 1.82 -5.42
CA HIS A 41 10.92 2.03 -6.74
C HIS A 41 9.61 2.79 -6.53
N PRO A 42 9.22 3.71 -7.40
CA PRO A 42 8.00 4.49 -7.26
C PRO A 42 6.74 3.62 -7.37
N GLU A 43 6.79 2.53 -8.14
CA GLU A 43 5.64 1.67 -8.33
C GLU A 43 5.40 0.77 -7.11
N GLN A 44 6.45 0.24 -6.49
CA GLN A 44 6.30 -0.60 -5.30
C GLN A 44 5.63 0.20 -4.19
N ILE A 45 5.95 1.50 -4.10
CA ILE A 45 5.39 2.41 -3.10
C ILE A 45 3.88 2.38 -3.19
N ARG A 46 3.29 2.67 -4.35
CA ARG A 46 1.83 2.65 -4.53
C ARG A 46 1.23 1.37 -3.92
N TYR A 47 1.81 0.21 -4.21
CA TYR A 47 1.27 -1.04 -3.68
C TYR A 47 1.36 -1.10 -2.16
N SER A 48 2.51 -0.69 -1.61
CA SER A 48 2.71 -0.73 -0.18
C SER A 48 1.73 0.24 0.49
N LEU A 49 1.52 1.43 -0.08
CA LEU A 49 0.60 2.44 0.43
C LEU A 49 -0.82 1.88 0.46
N GLU A 50 -1.22 1.10 -0.55
CA GLU A 50 -2.57 0.56 -0.57
C GLU A 50 -2.74 -0.52 0.48
N ASN A 51 -1.70 -1.31 0.73
CA ASN A 51 -1.77 -2.37 1.72
C ASN A 51 -1.78 -1.81 3.13
N THR A 52 -0.84 -0.91 3.43
CA THR A 52 -0.68 -0.29 4.73
C THR A 52 -1.78 0.74 5.01
N GLY A 53 -2.14 1.54 3.99
CA GLY A 53 -3.13 2.60 4.05
C GLY A 53 -2.51 3.97 4.37
N SER A 54 -1.22 4.08 4.69
CA SER A 54 -0.59 5.35 5.02
C SER A 54 0.86 5.43 4.54
N VAL A 55 1.28 6.66 4.27
CA VAL A 55 2.63 7.00 3.83
C VAL A 55 3.55 6.71 4.99
N GLU A 56 3.19 7.23 6.17
CA GLU A 56 3.93 7.10 7.39
C GLU A 56 4.27 5.65 7.71
N GLU A 57 3.29 4.73 7.60
CA GLU A 57 3.50 3.31 7.86
C GLU A 57 4.49 2.78 6.83
N THR A 58 4.34 3.16 5.56
CA THR A 58 5.20 2.77 4.46
C THR A 58 6.63 3.25 4.70
N VAL A 59 6.79 4.44 5.27
CA VAL A 59 8.09 5.05 5.57
C VAL A 59 8.70 4.32 6.78
N GLU A 60 7.88 3.90 7.75
CA GLU A 60 8.30 3.21 8.96
C GLU A 60 8.77 1.79 8.64
N ARG A 61 8.08 1.10 7.72
CA ARG A 61 8.47 -0.25 7.32
C ARG A 61 9.67 -0.18 6.37
N TYR A 62 9.78 0.90 5.61
CA TYR A 62 10.90 1.14 4.71
C TYR A 62 12.17 1.27 5.54
N LEU A 63 12.19 2.19 6.51
CA LEU A 63 13.37 2.42 7.37
C LEU A 63 13.78 1.18 8.17
N ARG A 64 12.88 0.21 8.37
CA ARG A 64 13.20 -1.04 9.08
C ARG A 64 13.64 -2.12 8.07
N GLY A 65 13.55 -1.82 6.77
CA GLY A 65 13.94 -2.66 5.67
C GLY A 65 13.01 -3.83 5.45
N ASP A 66 11.71 -3.65 5.64
CA ASP A 66 10.73 -4.72 5.44
C ASP A 66 10.60 -5.04 3.93
N GLU A 67 9.73 -5.97 3.55
CA GLU A 67 9.47 -6.39 2.18
C GLU A 67 8.54 -5.44 1.46
N PHE A 68 8.91 -5.11 0.23
CA PHE A 68 8.19 -4.25 -0.68
C PHE A 68 8.07 -5.01 -1.99
N SER A 69 6.86 -5.41 -2.30
CA SER A 69 6.52 -6.13 -3.51
C SER A 69 6.02 -5.12 -4.55
N PHE A 70 5.76 -5.56 -5.78
CA PHE A 70 5.29 -4.69 -6.85
C PHE A 70 3.77 -4.80 -6.98
N PRO A 71 3.11 -3.77 -7.53
CA PRO A 71 1.66 -3.80 -7.69
C PRO A 71 1.24 -4.80 -8.77
N PRO A 72 -0.05 -5.16 -8.79
CA PRO A 72 -0.57 -6.09 -9.78
C PRO A 72 -0.34 -5.53 -11.18
N GLY A 73 -0.06 -6.42 -12.12
CA GLY A 73 0.20 -6.08 -13.51
C GLY A 73 1.66 -5.70 -13.78
N PHE A 74 2.47 -5.46 -12.73
CA PHE A 74 3.87 -5.12 -12.93
C PHE A 74 4.63 -6.40 -13.31
N GLU A 75 4.36 -7.46 -12.55
CA GLU A 75 4.96 -8.77 -12.74
C GLU A 75 4.27 -9.48 -13.89
N GLY A 1 2.95 -46.72 -21.14
CA GLY A 1 3.23 -47.81 -20.20
C GLY A 1 3.64 -47.23 -18.86
N ALA A 2 3.80 -48.07 -17.83
CA ALA A 2 4.20 -47.74 -16.45
C ALA A 2 3.20 -46.87 -15.67
N MET A 3 2.19 -46.26 -16.30
CA MET A 3 1.19 -45.46 -15.59
C MET A 3 0.33 -46.40 -14.74
N GLY A 4 -0.42 -45.84 -13.78
CA GLY A 4 -1.27 -46.60 -12.88
C GLY A 4 -1.16 -45.95 -11.50
N PRO A 5 -0.04 -46.11 -10.78
CA PRO A 5 0.14 -45.50 -9.46
C PRO A 5 0.31 -43.96 -9.55
N GLN A 6 0.24 -43.39 -10.75
CA GLN A 6 0.33 -41.98 -11.09
C GLN A 6 -0.69 -41.82 -12.24
N GLY A 7 -1.47 -40.74 -12.19
CA GLY A 7 -2.50 -40.39 -13.16
C GLY A 7 -2.91 -38.93 -12.93
N SER A 8 -4.19 -38.61 -13.08
CA SER A 8 -4.74 -37.27 -12.88
C SER A 8 -6.17 -37.38 -12.38
N THR A 9 -6.78 -36.27 -11.95
CA THR A 9 -8.14 -36.19 -11.43
C THR A 9 -8.54 -34.69 -11.34
N GLN A 10 -9.68 -34.40 -10.73
CA GLN A 10 -10.25 -33.07 -10.50
C GLN A 10 -10.63 -32.92 -9.01
N ASN A 11 -9.82 -33.52 -8.14
CA ASN A 11 -9.97 -33.51 -6.69
C ASN A 11 -9.83 -32.06 -6.22
N ALA A 12 -10.94 -31.38 -5.98
CA ALA A 12 -11.00 -29.99 -5.55
C ALA A 12 -12.10 -29.82 -4.51
N LEU A 13 -12.09 -28.67 -3.83
CA LEU A 13 -13.03 -28.28 -2.79
C LEU A 13 -13.56 -26.86 -3.04
N ARG A 14 -14.27 -26.26 -2.08
CA ARG A 14 -14.85 -24.93 -2.22
C ARG A 14 -13.79 -23.82 -2.38
N ARG A 15 -14.26 -22.63 -2.76
CA ARG A 15 -13.42 -21.45 -2.95
C ARG A 15 -13.00 -20.90 -1.58
N THR A 16 -12.26 -19.80 -1.57
CA THR A 16 -11.78 -19.15 -0.35
C THR A 16 -12.13 -17.65 -0.37
N GLY A 17 -11.84 -16.97 0.74
CA GLY A 17 -12.08 -15.55 0.92
C GLY A 17 -11.07 -14.77 0.10
N ARG A 18 -9.83 -14.68 0.61
CA ARG A 18 -8.65 -13.99 0.07
C ARG A 18 -8.91 -13.25 -1.24
N VAL A 19 -9.45 -12.04 -1.16
CA VAL A 19 -9.75 -11.20 -2.31
C VAL A 19 -9.06 -9.84 -2.08
N ASN A 20 -8.80 -9.10 -3.16
CA ASN A 20 -8.17 -7.79 -3.08
C ASN A 20 -9.16 -6.81 -2.45
N GLY A 21 -8.67 -5.72 -1.88
CA GLY A 21 -9.52 -4.72 -1.24
C GLY A 21 -8.81 -3.95 -0.15
N GLY A 22 -7.59 -3.47 -0.42
CA GLY A 22 -6.78 -2.71 0.54
C GLY A 22 -7.38 -1.31 0.70
N HIS A 23 -6.53 -0.29 0.66
CA HIS A 23 -6.93 1.10 0.81
C HIS A 23 -6.60 1.93 -0.43
N PRO A 24 -7.33 3.03 -0.69
CA PRO A 24 -7.08 3.90 -1.82
C PRO A 24 -5.86 4.79 -1.54
N VAL A 25 -5.14 5.17 -2.60
CA VAL A 25 -3.95 6.01 -2.53
C VAL A 25 -3.99 7.11 -3.59
N THR A 26 -3.20 8.15 -3.38
CA THR A 26 -3.09 9.29 -4.28
C THR A 26 -1.64 9.52 -4.68
N THR A 27 -1.43 10.28 -5.75
CA THR A 27 -0.14 10.65 -6.31
C THR A 27 0.82 11.18 -5.23
N GLN A 28 0.31 12.07 -4.37
CA GLN A 28 1.05 12.71 -3.29
C GLN A 28 1.56 11.71 -2.25
N MET A 29 0.82 10.64 -1.99
CA MET A 29 1.28 9.67 -1.02
C MET A 29 2.56 9.02 -1.57
N VAL A 30 2.56 8.70 -2.87
CA VAL A 30 3.68 8.06 -3.54
C VAL A 30 4.91 8.95 -3.46
N GLU A 31 4.82 10.20 -3.92
CA GLU A 31 6.00 11.07 -3.88
C GLU A 31 6.50 11.29 -2.46
N THR A 32 5.64 11.42 -1.44
CA THR A 32 6.12 11.60 -0.08
C THR A 32 6.99 10.41 0.32
N VAL A 33 6.47 9.17 0.28
CA VAL A 33 7.31 8.03 0.65
C VAL A 33 8.57 8.05 -0.22
N GLN A 34 8.46 8.31 -1.51
CA GLN A 34 9.60 8.37 -2.44
C GLN A 34 10.69 9.32 -1.94
N ASN A 35 10.34 10.55 -1.58
CA ASN A 35 11.30 11.54 -1.09
C ASN A 35 12.01 11.01 0.15
N LEU A 36 11.25 10.42 1.08
CA LEU A 36 11.83 9.92 2.32
C LEU A 36 12.56 8.59 2.14
N ALA A 37 12.22 7.82 1.09
CA ALA A 37 12.78 6.52 0.77
C ALA A 37 13.19 6.50 -0.71
N PRO A 38 14.30 7.16 -1.05
CA PRO A 38 14.80 7.24 -2.42
C PRO A 38 15.26 5.91 -3.01
N ASN A 39 15.53 4.89 -2.16
CA ASN A 39 15.99 3.59 -2.59
C ASN A 39 14.85 2.66 -3.04
N LEU A 40 13.62 3.17 -3.19
CA LEU A 40 12.45 2.38 -3.59
C LEU A 40 11.93 2.78 -4.97
N HIS A 41 11.24 1.83 -5.62
CA HIS A 41 10.65 2.01 -6.93
C HIS A 41 9.32 2.76 -6.77
N PRO A 42 8.94 3.63 -7.72
CA PRO A 42 7.70 4.40 -7.64
C PRO A 42 6.45 3.52 -7.65
N GLU A 43 6.50 2.36 -8.29
CA GLU A 43 5.35 1.48 -8.38
C GLU A 43 5.20 0.69 -7.08
N GLN A 44 6.32 0.25 -6.47
CA GLN A 44 6.26 -0.51 -5.21
C GLN A 44 5.60 0.34 -4.14
N ILE A 45 6.04 1.60 -4.02
CA ILE A 45 5.52 2.55 -3.04
C ILE A 45 4.02 2.53 -3.15
N ARG A 46 3.48 2.83 -4.32
CA ARG A 46 2.05 2.85 -4.57
C ARG A 46 1.34 1.58 -4.03
N TYR A 47 1.81 0.38 -4.37
CA TYR A 47 1.17 -0.85 -3.88
C TYR A 47 1.30 -0.98 -2.36
N SER A 48 2.42 -0.51 -1.84
CA SER A 48 2.73 -0.56 -0.41
C SER A 48 1.71 0.32 0.30
N LEU A 49 1.49 1.52 -0.23
CA LEU A 49 0.55 2.50 0.28
C LEU A 49 -0.85 1.89 0.28
N GLU A 50 -1.19 1.07 -0.72
CA GLU A 50 -2.52 0.48 -0.75
C GLU A 50 -2.69 -0.57 0.34
N ASN A 51 -1.64 -1.35 0.60
CA ASN A 51 -1.70 -2.41 1.60
C ASN A 51 -1.62 -1.86 3.02
N THR A 52 -0.71 -0.92 3.29
CA THR A 52 -0.51 -0.30 4.60
C THR A 52 -1.63 0.72 4.89
N GLY A 53 -2.03 1.49 3.87
CA GLY A 53 -3.05 2.53 3.90
C GLY A 53 -2.52 3.93 4.17
N SER A 54 -1.28 4.08 4.65
CA SER A 54 -0.69 5.38 4.97
C SER A 54 0.79 5.44 4.62
N VAL A 55 1.21 6.64 4.26
CA VAL A 55 2.56 7.01 3.89
C VAL A 55 3.46 6.70 5.08
N GLU A 56 3.04 7.15 6.26
CA GLU A 56 3.75 7.00 7.51
C GLU A 56 4.13 5.54 7.77
N GLU A 57 3.19 4.60 7.60
CA GLU A 57 3.47 3.19 7.82
C GLU A 57 4.48 2.73 6.78
N THR A 58 4.31 3.13 5.52
CA THR A 58 5.19 2.79 4.42
C THR A 58 6.63 3.27 4.67
N VAL A 59 6.79 4.47 5.22
CA VAL A 59 8.11 5.00 5.52
C VAL A 59 8.67 4.29 6.74
N GLU A 60 7.84 4.01 7.76
CA GLU A 60 8.21 3.35 9.02
C GLU A 60 8.71 1.92 8.77
N ARG A 61 8.14 1.23 7.78
CA ARG A 61 8.54 -0.14 7.44
C ARG A 61 9.81 -0.09 6.59
N TYR A 62 9.86 0.87 5.65
CA TYR A 62 11.02 1.06 4.77
C TYR A 62 12.28 1.31 5.61
N LEU A 63 12.21 2.27 6.53
CA LEU A 63 13.35 2.63 7.39
C LEU A 63 13.75 1.50 8.35
N ARG A 64 12.95 0.45 8.43
CA ARG A 64 13.14 -0.75 9.24
C ARG A 64 13.76 -1.84 8.37
N GLY A 65 13.72 -1.74 7.03
CA GLY A 65 14.29 -2.71 6.10
C GLY A 65 13.30 -3.79 5.68
N ASP A 66 12.00 -3.51 5.70
CA ASP A 66 10.96 -4.48 5.35
C ASP A 66 10.90 -4.76 3.84
N GLU A 67 10.09 -5.75 3.46
CA GLU A 67 9.87 -6.17 2.08
C GLU A 67 8.87 -5.28 1.36
N PHE A 68 9.08 -5.12 0.07
CA PHE A 68 8.26 -4.31 -0.81
C PHE A 68 8.04 -5.03 -2.14
N SER A 69 6.82 -5.49 -2.38
CA SER A 69 6.38 -6.15 -3.60
C SER A 69 5.82 -5.08 -4.56
N PHE A 70 5.64 -5.41 -5.83
CA PHE A 70 5.14 -4.51 -6.88
C PHE A 70 3.60 -4.65 -7.05
N PRO A 71 2.91 -3.65 -7.65
CA PRO A 71 1.46 -3.66 -7.84
C PRO A 71 0.98 -4.73 -8.83
N PRO A 72 -0.33 -5.04 -8.84
CA PRO A 72 -0.89 -6.05 -9.73
C PRO A 72 -0.69 -5.68 -11.19
N GLY A 73 -0.37 -6.67 -12.02
CA GLY A 73 -0.14 -6.54 -13.45
C GLY A 73 1.34 -6.29 -13.76
N PHE A 74 2.15 -5.87 -12.79
CA PHE A 74 3.57 -5.61 -13.01
C PHE A 74 4.27 -6.94 -13.33
N GLU A 75 4.08 -7.96 -12.48
CA GLU A 75 4.64 -9.30 -12.62
C GLU A 75 3.88 -10.02 -13.72
N GLY A 1 -5.69 -14.31 -37.91
CA GLY A 1 -6.80 -13.97 -37.02
C GLY A 1 -7.07 -12.48 -37.09
N ALA A 2 -7.47 -11.88 -35.97
CA ALA A 2 -7.76 -10.46 -35.81
C ALA A 2 -7.66 -10.17 -34.30
N MET A 3 -7.52 -8.89 -33.92
CA MET A 3 -7.41 -8.51 -32.52
C MET A 3 -8.78 -8.62 -31.86
N GLY A 4 -9.65 -7.61 -32.08
CA GLY A 4 -10.99 -7.55 -31.52
C GLY A 4 -11.04 -7.63 -29.98
N PRO A 5 -12.24 -7.83 -29.41
CA PRO A 5 -12.44 -7.93 -27.97
C PRO A 5 -11.96 -9.28 -27.43
N GLN A 6 -11.90 -9.39 -26.10
CA GLN A 6 -11.48 -10.59 -25.37
C GLN A 6 -12.63 -11.18 -24.54
N GLY A 7 -13.77 -10.51 -24.48
CA GLY A 7 -14.98 -10.90 -23.78
C GLY A 7 -14.80 -11.19 -22.30
N SER A 8 -14.75 -10.15 -21.46
CA SER A 8 -14.62 -10.31 -20.01
C SER A 8 -15.85 -11.08 -19.50
N THR A 9 -15.65 -11.98 -18.52
CA THR A 9 -16.71 -12.78 -17.93
C THR A 9 -16.29 -13.15 -16.50
N GLN A 10 -17.24 -13.36 -15.59
CA GLN A 10 -16.97 -13.72 -14.21
C GLN A 10 -18.21 -14.39 -13.64
N ASN A 11 -18.10 -15.65 -13.19
CA ASN A 11 -19.24 -16.36 -12.61
C ASN A 11 -19.45 -15.79 -11.21
N ALA A 12 -18.59 -16.18 -10.26
CA ALA A 12 -18.61 -15.76 -8.87
C ALA A 12 -17.22 -15.92 -8.26
N LEU A 13 -17.10 -15.59 -6.98
CA LEU A 13 -15.89 -15.68 -6.16
C LEU A 13 -16.31 -15.44 -4.71
N ARG A 14 -15.47 -15.79 -3.73
CA ARG A 14 -15.81 -15.53 -2.33
C ARG A 14 -15.64 -14.01 -2.13
N ARG A 15 -16.15 -13.46 -1.03
CA ARG A 15 -16.04 -12.03 -0.70
C ARG A 15 -15.52 -11.94 0.72
N THR A 16 -14.20 -12.02 0.91
CA THR A 16 -13.57 -11.92 2.21
C THR A 16 -12.21 -11.26 2.01
N GLY A 17 -11.60 -10.76 3.08
CA GLY A 17 -10.30 -10.13 3.00
C GLY A 17 -9.23 -11.18 2.77
N ARG A 18 -8.07 -10.71 2.33
CA ARG A 18 -6.89 -11.49 2.02
C ARG A 18 -5.82 -11.09 3.05
N VAL A 19 -4.62 -11.65 2.95
CA VAL A 19 -3.53 -11.29 3.86
C VAL A 19 -3.15 -9.82 3.61
N ASN A 20 -3.20 -9.38 2.34
CA ASN A 20 -2.90 -8.02 1.91
C ASN A 20 -4.03 -7.07 2.30
N GLY A 21 -3.82 -5.77 2.17
CA GLY A 21 -4.79 -4.74 2.49
C GLY A 21 -5.48 -4.19 1.24
N GLY A 22 -6.17 -3.06 1.36
CA GLY A 22 -6.86 -2.40 0.26
C GLY A 22 -7.42 -1.03 0.66
N HIS A 23 -6.56 -0.04 0.85
CA HIS A 23 -6.93 1.34 1.21
C HIS A 23 -6.71 2.24 -0.02
N PRO A 24 -7.42 3.38 -0.12
CA PRO A 24 -7.28 4.30 -1.23
C PRO A 24 -5.98 5.08 -1.11
N VAL A 25 -5.34 5.32 -2.25
CA VAL A 25 -4.09 6.08 -2.32
C VAL A 25 -4.18 7.09 -3.44
N THR A 26 -3.43 8.17 -3.31
CA THR A 26 -3.33 9.28 -4.24
C THR A 26 -1.86 9.46 -4.61
N THR A 27 -1.57 10.17 -5.70
CA THR A 27 -0.20 10.41 -6.15
C THR A 27 0.64 11.08 -5.07
N GLN A 28 0.05 11.98 -4.27
CA GLN A 28 0.72 12.67 -3.18
C GLN A 28 1.33 11.68 -2.18
N MET A 29 0.70 10.53 -1.97
CA MET A 29 1.23 9.52 -1.06
C MET A 29 2.49 8.92 -1.69
N VAL A 30 2.45 8.64 -2.99
CA VAL A 30 3.56 8.07 -3.74
C VAL A 30 4.79 9.00 -3.70
N GLU A 31 4.63 10.27 -4.10
CA GLU A 31 5.74 11.23 -4.11
C GLU A 31 6.30 11.39 -2.69
N THR A 32 5.46 11.44 -1.65
CA THR A 32 5.90 11.58 -0.27
C THR A 32 6.84 10.43 0.11
N VAL A 33 6.40 9.17 0.05
CA VAL A 33 7.26 8.03 0.36
C VAL A 33 8.53 8.14 -0.49
N GLN A 34 8.42 8.39 -1.80
CA GLN A 34 9.59 8.48 -2.66
C GLN A 34 10.59 9.53 -2.17
N ASN A 35 10.12 10.72 -1.79
CA ASN A 35 10.94 11.82 -1.30
C ASN A 35 11.72 11.39 -0.06
N LEU A 36 11.08 10.61 0.81
CA LEU A 36 11.70 10.16 2.05
C LEU A 36 12.46 8.83 1.89
N ALA A 37 12.17 8.04 0.86
CA ALA A 37 12.77 6.74 0.55
C ALA A 37 13.21 6.74 -0.92
N PRO A 38 14.32 7.41 -1.25
CA PRO A 38 14.81 7.48 -2.63
C PRO A 38 15.30 6.12 -3.17
N ASN A 39 15.57 5.15 -2.30
CA ASN A 39 16.04 3.82 -2.71
C ASN A 39 14.90 2.94 -3.23
N LEU A 40 13.64 3.27 -2.93
CA LEU A 40 12.51 2.46 -3.36
C LEU A 40 12.12 2.73 -4.81
N HIS A 41 11.48 1.73 -5.42
CA HIS A 41 11.00 1.78 -6.79
C HIS A 41 9.74 2.64 -6.85
N PRO A 42 9.52 3.41 -7.92
CA PRO A 42 8.36 4.29 -8.05
C PRO A 42 7.04 3.53 -8.14
N GLU A 43 7.01 2.28 -8.63
CA GLU A 43 5.80 1.48 -8.78
C GLU A 43 5.46 0.73 -7.49
N GLN A 44 6.47 0.19 -6.80
CA GLN A 44 6.25 -0.55 -5.55
C GLN A 44 5.60 0.33 -4.50
N ILE A 45 5.90 1.63 -4.48
CA ILE A 45 5.37 2.57 -3.51
C ILE A 45 3.84 2.51 -3.51
N ARG A 46 3.18 2.76 -4.65
CA ARG A 46 1.71 2.70 -4.71
C ARG A 46 1.15 1.41 -4.10
N TYR A 47 1.76 0.24 -4.38
CA TYR A 47 1.28 -1.02 -3.82
C TYR A 47 1.40 -1.02 -2.30
N SER A 48 2.53 -0.53 -1.81
CA SER A 48 2.82 -0.46 -0.39
C SER A 48 1.76 0.40 0.28
N LEU A 49 1.52 1.60 -0.27
CA LEU A 49 0.53 2.54 0.23
C LEU A 49 -0.85 1.92 0.24
N GLU A 50 -1.20 1.07 -0.73
CA GLU A 50 -2.53 0.45 -0.72
C GLU A 50 -2.60 -0.60 0.39
N ASN A 51 -1.48 -1.25 0.72
CA ASN A 51 -1.42 -2.26 1.77
C ASN A 51 -1.44 -1.63 3.17
N THR A 52 -0.62 -0.61 3.40
CA THR A 52 -0.50 0.08 4.68
C THR A 52 -1.65 1.09 4.89
N GLY A 53 -2.02 1.80 3.82
CA GLY A 53 -3.07 2.82 3.77
C GLY A 53 -2.59 4.18 4.27
N SER A 54 -1.36 4.26 4.79
CA SER A 54 -0.74 5.45 5.32
C SER A 54 0.73 5.51 4.93
N VAL A 55 1.16 6.68 4.43
CA VAL A 55 2.54 6.96 4.01
C VAL A 55 3.49 6.75 5.18
N GLU A 56 3.11 7.25 6.35
CA GLU A 56 3.89 7.14 7.57
C GLU A 56 4.27 5.69 7.84
N GLU A 57 3.30 4.77 7.76
CA GLU A 57 3.52 3.36 7.99
C GLU A 57 4.50 2.83 6.96
N THR A 58 4.36 3.22 5.69
CA THR A 58 5.24 2.80 4.61
C THR A 58 6.68 3.24 4.91
N VAL A 59 6.87 4.39 5.52
CA VAL A 59 8.17 4.91 5.88
C VAL A 59 8.72 4.17 7.11
N GLU A 60 7.88 3.89 8.11
CA GLU A 60 8.24 3.20 9.37
C GLU A 60 8.71 1.77 9.10
N ARG A 61 8.15 1.12 8.08
CA ARG A 61 8.53 -0.24 7.70
C ARG A 61 9.75 -0.21 6.79
N TYR A 62 9.82 0.74 5.86
CA TYR A 62 10.94 0.91 4.93
C TYR A 62 12.25 1.00 5.69
N LEU A 63 12.35 1.95 6.63
CA LEU A 63 13.53 2.17 7.46
C LEU A 63 13.94 0.97 8.32
N ARG A 64 13.05 -0.01 8.45
CA ARG A 64 13.23 -1.26 9.19
C ARG A 64 13.74 -2.34 8.24
N GLY A 65 13.76 -2.10 6.93
CA GLY A 65 14.21 -3.07 5.95
C GLY A 65 13.13 -4.12 5.69
N ASP A 66 11.85 -3.75 5.84
CA ASP A 66 10.74 -4.69 5.63
C ASP A 66 10.56 -5.08 4.16
N GLU A 67 9.59 -5.93 3.85
CA GLU A 67 9.28 -6.42 2.51
C GLU A 67 8.42 -5.46 1.69
N PHE A 68 8.82 -5.25 0.45
CA PHE A 68 8.12 -4.38 -0.49
C PHE A 68 8.01 -5.10 -1.82
N SER A 69 6.81 -5.51 -2.19
CA SER A 69 6.56 -6.17 -3.47
C SER A 69 6.04 -5.15 -4.50
N PHE A 70 5.77 -5.58 -5.73
CA PHE A 70 5.27 -4.74 -6.81
C PHE A 70 3.75 -4.90 -6.99
N PRO A 71 3.08 -3.93 -7.62
CA PRO A 71 1.64 -3.97 -7.86
C PRO A 71 1.29 -5.03 -8.91
N PRO A 72 0.01 -5.43 -9.01
CA PRO A 72 -0.40 -6.41 -10.00
C PRO A 72 -0.32 -5.75 -11.38
N GLY A 73 -0.13 -6.55 -12.42
CA GLY A 73 -0.01 -6.05 -13.77
C GLY A 73 1.46 -5.76 -14.13
N PHE A 74 2.34 -5.70 -13.13
CA PHE A 74 3.76 -5.46 -13.34
C PHE A 74 4.39 -6.70 -13.96
N GLU A 75 4.07 -7.89 -13.45
CA GLU A 75 4.60 -9.17 -13.94
C GLU A 75 4.11 -9.46 -15.37
N GLY A 1 19.99 -20.09 0.79
CA GLY A 1 19.56 -18.71 1.04
C GLY A 1 18.74 -18.19 -0.12
N ALA A 2 18.57 -16.87 -0.18
CA ALA A 2 17.82 -16.22 -1.26
C ALA A 2 18.63 -16.36 -2.56
N MET A 3 17.97 -16.30 -3.70
CA MET A 3 18.60 -16.43 -5.02
C MET A 3 18.23 -15.25 -5.92
N GLY A 4 18.85 -15.17 -7.10
CA GLY A 4 18.58 -14.12 -8.08
C GLY A 4 17.41 -14.56 -8.95
N PRO A 5 16.78 -13.64 -9.71
CA PRO A 5 15.65 -13.97 -10.56
C PRO A 5 16.05 -14.87 -11.73
N GLN A 6 15.04 -15.46 -12.38
CA GLN A 6 15.20 -16.36 -13.52
C GLN A 6 14.65 -15.73 -14.80
N GLY A 7 14.04 -14.54 -14.71
CA GLY A 7 13.49 -13.82 -15.84
C GLY A 7 12.29 -13.00 -15.41
N SER A 8 11.81 -12.17 -16.33
CA SER A 8 10.68 -11.29 -16.16
C SER A 8 9.67 -11.44 -17.29
N THR A 9 9.53 -12.65 -17.83
CA THR A 9 8.55 -12.88 -18.88
C THR A 9 7.19 -12.76 -18.16
N GLN A 10 6.15 -12.25 -18.82
CA GLN A 10 4.84 -12.08 -18.20
C GLN A 10 3.71 -12.22 -19.20
N ASN A 11 2.50 -12.31 -18.67
CA ASN A 11 1.26 -12.42 -19.42
C ASN A 11 0.10 -11.70 -18.70
N ALA A 12 0.25 -11.33 -17.43
CA ALA A 12 -0.77 -10.65 -16.64
C ALA A 12 -0.52 -9.15 -16.58
N LEU A 13 -0.86 -8.41 -17.62
CA LEU A 13 -0.64 -6.98 -17.65
C LEU A 13 -1.87 -6.22 -17.15
N ARG A 14 -1.77 -5.71 -15.93
CA ARG A 14 -2.80 -4.93 -15.23
C ARG A 14 -4.17 -5.63 -15.27
N ARG A 15 -4.17 -6.97 -15.18
CA ARG A 15 -5.37 -7.81 -15.18
C ARG A 15 -6.31 -7.43 -14.05
N THR A 16 -7.54 -7.94 -14.10
CA THR A 16 -8.54 -7.69 -13.08
C THR A 16 -8.16 -8.56 -11.86
N GLY A 17 -8.23 -7.98 -10.66
CA GLY A 17 -7.90 -8.61 -9.39
C GLY A 17 -8.84 -8.11 -8.30
N ARG A 18 -8.43 -8.25 -7.03
CA ARG A 18 -9.22 -7.82 -5.89
C ARG A 18 -9.18 -6.29 -5.78
N VAL A 19 -9.92 -5.62 -6.67
CA VAL A 19 -10.02 -4.18 -6.70
C VAL A 19 -10.54 -3.73 -5.34
N ASN A 20 -10.10 -2.56 -4.85
CA ASN A 20 -10.47 -1.98 -3.56
C ASN A 20 -10.09 -2.84 -2.35
N GLY A 21 -9.37 -3.95 -2.54
CA GLY A 21 -8.94 -4.85 -1.48
C GLY A 21 -7.70 -4.31 -0.74
N GLY A 22 -7.60 -2.99 -0.64
CA GLY A 22 -6.55 -2.23 -0.01
C GLY A 22 -7.18 -0.96 0.55
N HIS A 23 -6.52 0.16 0.39
CA HIS A 23 -6.95 1.47 0.83
C HIS A 23 -6.82 2.42 -0.36
N PRO A 24 -7.68 3.45 -0.46
CA PRO A 24 -7.62 4.40 -1.57
C PRO A 24 -6.38 5.27 -1.39
N VAL A 25 -5.53 5.35 -2.42
CA VAL A 25 -4.31 6.17 -2.37
C VAL A 25 -4.27 7.11 -3.56
N THR A 26 -3.50 8.17 -3.40
CA THR A 26 -3.30 9.23 -4.37
C THR A 26 -1.80 9.39 -4.67
N THR A 27 -1.49 10.08 -5.75
CA THR A 27 -0.14 10.36 -6.22
C THR A 27 0.71 11.03 -5.12
N GLN A 28 0.09 11.92 -4.33
CA GLN A 28 0.74 12.64 -3.25
C GLN A 28 1.33 11.67 -2.21
N MET A 29 0.65 10.55 -1.94
CA MET A 29 1.17 9.60 -0.98
C MET A 29 2.45 8.96 -1.56
N VAL A 30 2.42 8.63 -2.86
CA VAL A 30 3.52 8.00 -3.57
C VAL A 30 4.76 8.89 -3.55
N GLU A 31 4.65 10.14 -3.99
CA GLU A 31 5.78 11.08 -4.01
C GLU A 31 6.33 11.26 -2.59
N THR A 32 5.49 11.40 -1.56
CA THR A 32 5.99 11.57 -0.20
C THR A 32 6.91 10.40 0.16
N VAL A 33 6.40 9.16 0.16
CA VAL A 33 7.28 8.02 0.49
C VAL A 33 8.52 8.05 -0.40
N GLN A 34 8.36 8.25 -1.72
CA GLN A 34 9.48 8.27 -2.65
C GLN A 34 10.58 9.27 -2.25
N ASN A 35 10.21 10.47 -1.79
CA ASN A 35 11.19 11.48 -1.37
C ASN A 35 11.94 10.97 -0.14
N LEU A 36 11.20 10.38 0.80
CA LEU A 36 11.78 9.87 2.02
C LEU A 36 12.48 8.52 1.84
N ALA A 37 12.19 7.81 0.75
CA ALA A 37 12.73 6.51 0.40
C ALA A 37 13.12 6.49 -1.09
N PRO A 38 14.24 7.13 -1.47
CA PRO A 38 14.70 7.15 -2.86
C PRO A 38 15.19 5.76 -3.30
N ASN A 39 15.46 4.88 -2.34
CA ASN A 39 15.95 3.52 -2.55
C ASN A 39 14.81 2.54 -2.85
N LEU A 40 13.62 3.04 -3.20
CA LEU A 40 12.45 2.25 -3.55
C LEU A 40 11.97 2.65 -4.94
N HIS A 41 11.32 1.72 -5.63
CA HIS A 41 10.79 1.94 -6.96
C HIS A 41 9.49 2.75 -6.81
N PRO A 42 9.17 3.67 -7.73
CA PRO A 42 7.98 4.50 -7.66
C PRO A 42 6.69 3.70 -7.82
N GLU A 43 6.75 2.49 -8.37
CA GLU A 43 5.59 1.63 -8.57
C GLU A 43 5.32 0.80 -7.30
N GLN A 44 6.39 0.33 -6.62
CA GLN A 44 6.25 -0.46 -5.40
C GLN A 44 5.49 0.33 -4.35
N ILE A 45 5.89 1.59 -4.15
CA ILE A 45 5.34 2.52 -3.18
C ILE A 45 3.82 2.55 -3.27
N ARG A 46 3.25 2.79 -4.45
CA ARG A 46 1.80 2.82 -4.60
C ARG A 46 1.17 1.57 -3.99
N TYR A 47 1.71 0.39 -4.30
CA TYR A 47 1.18 -0.84 -3.76
C TYR A 47 1.35 -0.90 -2.24
N SER A 48 2.48 -0.39 -1.73
CA SER A 48 2.76 -0.38 -0.30
C SER A 48 1.70 0.44 0.41
N LEU A 49 1.42 1.62 -0.12
CA LEU A 49 0.43 2.56 0.40
C LEU A 49 -0.96 1.95 0.35
N GLU A 50 -1.27 1.14 -0.67
CA GLU A 50 -2.59 0.52 -0.79
C GLU A 50 -2.75 -0.55 0.29
N ASN A 51 -1.65 -1.22 0.63
CA ASN A 51 -1.64 -2.26 1.65
C ASN A 51 -1.70 -1.67 3.06
N THR A 52 -0.76 -0.79 3.40
CA THR A 52 -0.62 -0.14 4.70
C THR A 52 -1.73 0.88 4.98
N GLY A 53 -2.11 1.67 3.96
CA GLY A 53 -3.11 2.71 4.01
C GLY A 53 -2.56 4.08 4.42
N SER A 54 -1.27 4.17 4.81
CA SER A 54 -0.63 5.40 5.25
C SER A 54 0.83 5.46 4.80
N VAL A 55 1.26 6.67 4.44
CA VAL A 55 2.61 7.00 4.01
C VAL A 55 3.53 6.72 5.17
N GLU A 56 3.19 7.23 6.35
CA GLU A 56 3.95 7.07 7.57
C GLU A 56 4.28 5.60 7.83
N GLU A 57 3.30 4.69 7.71
CA GLU A 57 3.56 3.27 7.94
C GLU A 57 4.57 2.80 6.89
N THR A 58 4.35 3.17 5.63
CA THR A 58 5.23 2.81 4.53
C THR A 58 6.67 3.26 4.80
N VAL A 59 6.86 4.43 5.40
CA VAL A 59 8.17 4.96 5.74
C VAL A 59 8.73 4.21 6.96
N GLU A 60 7.91 3.90 7.97
CA GLU A 60 8.31 3.21 9.19
C GLU A 60 8.76 1.78 8.91
N ARG A 61 8.18 1.13 7.91
CA ARG A 61 8.57 -0.22 7.54
C ARG A 61 9.80 -0.14 6.64
N TYR A 62 9.85 0.86 5.74
CA TYR A 62 10.97 1.10 4.83
C TYR A 62 12.26 1.23 5.61
N LEU A 63 12.33 2.13 6.60
CA LEU A 63 13.52 2.32 7.44
C LEU A 63 13.93 1.05 8.20
N ARG A 64 13.00 0.10 8.38
CA ARG A 64 13.23 -1.19 9.04
C ARG A 64 13.84 -2.17 8.03
N GLY A 65 13.77 -1.88 6.73
CA GLY A 65 14.26 -2.74 5.67
C GLY A 65 13.26 -3.85 5.39
N ASP A 66 11.96 -3.60 5.64
CA ASP A 66 10.85 -4.55 5.47
C ASP A 66 10.72 -5.01 4.00
N GLU A 67 9.78 -5.91 3.73
CA GLU A 67 9.50 -6.43 2.41
C GLU A 67 8.69 -5.41 1.63
N PHE A 68 9.02 -5.22 0.36
CA PHE A 68 8.32 -4.30 -0.52
C PHE A 68 8.09 -5.04 -1.82
N SER A 69 6.85 -5.40 -2.08
CA SER A 69 6.44 -6.12 -3.27
C SER A 69 6.05 -5.12 -4.38
N PHE A 70 5.73 -5.62 -5.56
CA PHE A 70 5.32 -4.79 -6.69
C PHE A 70 3.81 -4.99 -6.92
N PRO A 71 3.11 -4.01 -7.49
CA PRO A 71 1.67 -4.12 -7.74
C PRO A 71 1.31 -5.11 -8.85
N PRO A 72 0.05 -5.54 -8.93
CA PRO A 72 -0.41 -6.46 -9.95
C PRO A 72 -0.29 -5.73 -11.29
N GLY A 73 0.31 -6.37 -12.28
CA GLY A 73 0.51 -5.79 -13.59
C GLY A 73 1.96 -5.38 -13.82
N PHE A 74 2.81 -5.40 -12.79
CA PHE A 74 4.21 -5.06 -12.92
C PHE A 74 5.01 -6.30 -13.33
N GLU A 75 4.52 -7.47 -12.93
CA GLU A 75 5.11 -8.76 -13.24
C GLU A 75 4.38 -9.19 -14.51
N GLY A 1 -26.84 -8.08 18.49
CA GLY A 1 -26.64 -9.49 18.82
C GLY A 1 -27.30 -10.37 17.78
N ALA A 2 -26.81 -11.61 17.66
CA ALA A 2 -27.30 -12.63 16.73
C ALA A 2 -27.34 -13.98 17.44
N MET A 3 -27.69 -15.03 16.71
CA MET A 3 -27.76 -16.40 17.21
C MET A 3 -27.15 -17.31 16.14
N GLY A 4 -26.98 -18.59 16.44
CA GLY A 4 -26.41 -19.56 15.53
C GLY A 4 -26.53 -20.97 16.11
N PRO A 5 -26.08 -22.00 15.39
CA PRO A 5 -26.15 -23.38 15.83
C PRO A 5 -25.29 -23.56 17.09
N GLN A 6 -25.94 -23.92 18.20
CA GLN A 6 -25.27 -24.14 19.47
C GLN A 6 -24.39 -25.38 19.30
N GLY A 7 -23.07 -25.18 19.19
CA GLY A 7 -22.11 -26.24 19.01
C GLY A 7 -20.76 -25.63 18.71
N SER A 8 -20.03 -26.18 17.71
CA SER A 8 -18.72 -25.71 17.30
C SER A 8 -18.81 -24.36 16.55
N THR A 9 -19.23 -23.30 17.23
CA THR A 9 -19.34 -21.96 16.66
C THR A 9 -17.96 -21.39 16.30
N GLN A 10 -16.87 -21.99 16.81
CA GLN A 10 -15.47 -21.63 16.62
C GLN A 10 -14.90 -21.75 15.20
N ASN A 11 -15.77 -21.73 14.20
CA ASN A 11 -15.38 -21.84 12.81
C ASN A 11 -14.71 -20.54 12.33
N ALA A 12 -15.36 -19.40 12.56
CA ALA A 12 -14.88 -18.08 12.17
C ALA A 12 -13.71 -17.61 13.04
N LEU A 13 -12.53 -18.18 12.86
CA LEU A 13 -11.31 -17.84 13.61
C LEU A 13 -10.18 -17.33 12.72
N ARG A 14 -9.31 -16.52 13.32
CA ARG A 14 -8.12 -15.90 12.74
C ARG A 14 -8.29 -15.05 11.48
N ARG A 15 -9.51 -14.66 11.11
CA ARG A 15 -9.70 -13.83 9.92
C ARG A 15 -9.09 -12.44 10.11
N THR A 16 -9.03 -11.91 11.33
CA THR A 16 -8.44 -10.60 11.61
C THR A 16 -6.94 -10.63 11.27
N GLY A 17 -6.34 -9.46 11.01
CA GLY A 17 -4.92 -9.32 10.66
C GLY A 17 -4.77 -8.66 9.29
N ARG A 18 -3.55 -8.28 8.91
CA ARG A 18 -3.25 -7.62 7.63
C ARG A 18 -3.42 -8.57 6.45
N VAL A 19 -4.62 -8.63 5.86
CA VAL A 19 -4.90 -9.47 4.70
C VAL A 19 -6.10 -8.88 3.98
N ASN A 20 -6.26 -9.18 2.68
CA ASN A 20 -7.33 -8.74 1.79
C ASN A 20 -7.63 -7.24 1.92
N GLY A 21 -6.60 -6.43 1.72
CA GLY A 21 -6.68 -4.98 1.80
C GLY A 21 -7.04 -4.33 0.45
N GLY A 22 -6.58 -3.10 0.25
CA GLY A 22 -6.78 -2.29 -0.94
C GLY A 22 -7.25 -0.88 -0.60
N HIS A 23 -6.48 -0.13 0.18
CA HIS A 23 -6.83 1.24 0.55
C HIS A 23 -6.66 2.14 -0.67
N PRO A 24 -7.54 3.13 -0.88
CA PRO A 24 -7.42 4.03 -2.02
C PRO A 24 -6.30 5.03 -1.72
N VAL A 25 -5.32 5.15 -2.60
CA VAL A 25 -4.19 6.07 -2.44
C VAL A 25 -4.27 7.18 -3.47
N THR A 26 -3.43 8.20 -3.33
CA THR A 26 -3.34 9.35 -4.22
C THR A 26 -1.88 9.45 -4.68
N THR A 27 -1.61 10.09 -5.82
CA THR A 27 -0.27 10.27 -6.37
C THR A 27 0.63 10.93 -5.33
N GLN A 28 0.08 11.88 -4.58
CA GLN A 28 0.76 12.62 -3.53
C GLN A 28 1.33 11.68 -2.44
N MET A 29 0.67 10.56 -2.12
CA MET A 29 1.20 9.65 -1.11
C MET A 29 2.48 9.00 -1.64
N VAL A 30 2.47 8.65 -2.94
CA VAL A 30 3.58 8.01 -3.63
C VAL A 30 4.81 8.91 -3.58
N GLU A 31 4.68 10.16 -4.00
CA GLU A 31 5.81 11.08 -4.00
C GLU A 31 6.31 11.30 -2.58
N THR A 32 5.46 11.47 -1.57
CA THR A 32 5.93 11.68 -0.20
C THR A 32 6.87 10.51 0.19
N VAL A 33 6.39 9.26 0.18
CA VAL A 33 7.27 8.13 0.50
C VAL A 33 8.53 8.16 -0.37
N GLN A 34 8.40 8.35 -1.68
CA GLN A 34 9.54 8.38 -2.60
C GLN A 34 10.59 9.42 -2.23
N ASN A 35 10.17 10.64 -1.87
CA ASN A 35 11.08 11.72 -1.48
C ASN A 35 11.89 11.27 -0.30
N LEU A 36 11.19 10.66 0.68
CA LEU A 36 11.78 10.19 1.91
C LEU A 36 12.65 8.95 1.69
N ALA A 37 12.26 8.05 0.79
CA ALA A 37 12.90 6.79 0.44
C ALA A 37 13.36 6.76 -1.02
N PRO A 38 14.51 7.35 -1.35
CA PRO A 38 15.08 7.39 -2.71
C PRO A 38 15.66 6.03 -3.13
N ASN A 39 15.62 5.06 -2.23
CA ASN A 39 16.11 3.70 -2.43
C ASN A 39 15.00 2.79 -2.99
N LEU A 40 13.73 3.19 -2.85
CA LEU A 40 12.60 2.40 -3.31
C LEU A 40 12.18 2.79 -4.71
N HIS A 41 11.50 1.86 -5.40
CA HIS A 41 11.00 2.09 -6.74
C HIS A 41 9.67 2.82 -6.57
N PRO A 42 9.32 3.78 -7.43
CA PRO A 42 8.06 4.53 -7.33
C PRO A 42 6.84 3.63 -7.48
N GLU A 43 6.97 2.53 -8.22
CA GLU A 43 5.86 1.64 -8.46
C GLU A 43 5.55 0.80 -7.22
N GLN A 44 6.58 0.31 -6.52
CA GLN A 44 6.38 -0.50 -5.31
C GLN A 44 5.64 0.31 -4.24
N ILE A 45 5.97 1.61 -4.14
CA ILE A 45 5.41 2.53 -3.17
C ILE A 45 3.90 2.48 -3.26
N ARG A 46 3.30 2.77 -4.42
CA ARG A 46 1.85 2.75 -4.58
C ARG A 46 1.23 1.48 -3.98
N TYR A 47 1.78 0.29 -4.26
CA TYR A 47 1.23 -0.94 -3.72
C TYR A 47 1.35 -0.98 -2.20
N SER A 48 2.52 -0.56 -1.67
CA SER A 48 2.76 -0.54 -0.24
C SER A 48 1.72 0.37 0.41
N LEU A 49 1.50 1.55 -0.15
CA LEU A 49 0.54 2.52 0.35
C LEU A 49 -0.86 1.92 0.40
N GLU A 50 -1.26 1.13 -0.59
CA GLU A 50 -2.59 0.53 -0.59
C GLU A 50 -2.73 -0.53 0.50
N ASN A 51 -1.66 -1.25 0.76
CA ASN A 51 -1.61 -2.32 1.76
C ASN A 51 -1.63 -1.71 3.16
N THR A 52 -0.67 -0.84 3.44
CA THR A 52 -0.48 -0.17 4.72
C THR A 52 -1.59 0.83 5.05
N GLY A 53 -2.03 1.62 4.07
CA GLY A 53 -3.05 2.66 4.19
C GLY A 53 -2.51 4.00 4.67
N SER A 54 -1.22 4.08 5.02
CA SER A 54 -0.58 5.29 5.50
C SER A 54 0.84 5.43 4.97
N VAL A 55 1.19 6.64 4.50
CA VAL A 55 2.51 6.98 4.01
C VAL A 55 3.47 6.74 5.18
N GLU A 56 3.16 7.24 6.37
CA GLU A 56 3.98 7.08 7.56
C GLU A 56 4.31 5.61 7.81
N GLU A 57 3.35 4.69 7.64
CA GLU A 57 3.57 3.27 7.85
C GLU A 57 4.57 2.79 6.80
N THR A 58 4.38 3.20 5.55
CA THR A 58 5.26 2.85 4.44
C THR A 58 6.69 3.33 4.72
N VAL A 59 6.84 4.50 5.34
CA VAL A 59 8.13 5.07 5.67
C VAL A 59 8.75 4.31 6.87
N GLU A 60 7.94 3.89 7.84
CA GLU A 60 8.35 3.18 9.04
C GLU A 60 8.79 1.76 8.71
N ARG A 61 8.13 1.10 7.76
CA ARG A 61 8.50 -0.26 7.37
C ARG A 61 9.71 -0.18 6.44
N TYR A 62 9.81 0.87 5.63
CA TYR A 62 10.94 1.08 4.74
C TYR A 62 12.22 1.13 5.55
N LEU A 63 12.30 2.03 6.54
CA LEU A 63 13.48 2.15 7.39
C LEU A 63 13.77 0.86 8.15
N ARG A 64 12.77 0.00 8.39
CA ARG A 64 12.99 -1.29 9.09
C ARG A 64 13.51 -2.33 8.10
N GLY A 65 13.53 -2.02 6.80
CA GLY A 65 13.99 -2.91 5.76
C GLY A 65 13.01 -4.05 5.55
N ASP A 66 11.71 -3.79 5.69
CA ASP A 66 10.69 -4.81 5.49
C ASP A 66 10.59 -5.19 4.00
N GLU A 67 9.76 -6.18 3.64
CA GLU A 67 9.59 -6.58 2.23
C GLU A 67 8.73 -5.55 1.52
N PHE A 68 9.00 -5.35 0.24
CA PHE A 68 8.25 -4.44 -0.60
C PHE A 68 8.06 -5.11 -1.95
N SER A 69 6.83 -5.49 -2.21
CA SER A 69 6.42 -6.14 -3.46
C SER A 69 5.88 -5.07 -4.42
N PHE A 70 5.77 -5.41 -5.70
CA PHE A 70 5.27 -4.53 -6.76
C PHE A 70 3.74 -4.70 -6.90
N PRO A 71 3.03 -3.73 -7.51
CA PRO A 71 1.59 -3.82 -7.68
C PRO A 71 1.19 -4.92 -8.68
N PRO A 72 -0.09 -5.32 -8.71
CA PRO A 72 -0.55 -6.33 -9.65
C PRO A 72 -0.40 -5.79 -11.08
N GLY A 73 -0.23 -6.69 -12.05
CA GLY A 73 -0.08 -6.31 -13.45
C GLY A 73 1.30 -5.76 -13.79
N PHE A 74 2.19 -5.55 -12.80
CA PHE A 74 3.54 -5.06 -13.07
C PHE A 74 4.43 -6.18 -13.60
N GLU A 75 4.11 -7.42 -13.26
CA GLU A 75 4.85 -8.59 -13.68
C GLU A 75 4.23 -9.17 -14.95
N GLY A 1 22.33 2.97 -12.90
CA GLY A 1 22.95 1.76 -12.35
C GLY A 1 23.04 1.79 -10.83
N ALA A 2 24.26 1.92 -10.28
CA ALA A 2 24.52 1.96 -8.85
C ALA A 2 23.61 2.93 -8.12
N MET A 3 22.74 2.41 -7.23
CA MET A 3 21.76 3.17 -6.44
C MET A 3 20.88 4.10 -7.28
N GLY A 4 20.82 3.90 -8.60
CA GLY A 4 20.06 4.70 -9.52
C GLY A 4 19.43 3.75 -10.53
N PRO A 5 18.33 3.07 -10.17
CA PRO A 5 17.68 2.14 -11.08
C PRO A 5 17.00 2.93 -12.20
N GLN A 6 16.33 2.21 -13.10
CA GLN A 6 15.61 2.80 -14.22
C GLN A 6 14.51 3.75 -13.71
N GLY A 7 13.86 4.47 -14.62
CA GLY A 7 12.79 5.41 -14.30
C GLY A 7 11.68 5.29 -15.32
N SER A 8 11.25 4.06 -15.60
CA SER A 8 10.19 3.77 -16.53
C SER A 8 8.90 4.04 -15.79
N THR A 9 8.29 5.21 -16.01
CA THR A 9 7.03 5.57 -15.37
C THR A 9 5.95 4.54 -15.77
N GLN A 10 6.08 3.91 -16.95
CA GLN A 10 5.20 2.89 -17.52
C GLN A 10 3.73 3.19 -17.22
N ASN A 11 3.30 4.40 -17.57
CA ASN A 11 1.94 4.89 -17.36
C ASN A 11 0.92 4.10 -18.18
N ALA A 12 -0.34 4.39 -17.89
CA ALA A 12 -1.54 3.86 -18.52
C ALA A 12 -2.44 5.07 -18.80
N LEU A 13 -3.66 4.85 -19.32
CA LEU A 13 -4.59 5.93 -19.63
C LEU A 13 -6.04 5.55 -19.31
N ARG A 14 -6.22 4.75 -18.26
CA ARG A 14 -7.51 4.26 -17.79
C ARG A 14 -7.38 3.83 -16.32
N ARG A 15 -8.49 3.55 -15.65
CA ARG A 15 -8.50 3.12 -14.25
C ARG A 15 -9.42 1.92 -14.15
N THR A 16 -8.85 0.72 -14.02
CA THR A 16 -9.64 -0.49 -13.90
C THR A 16 -10.19 -0.56 -12.48
N GLY A 17 -9.34 -0.29 -11.49
CA GLY A 17 -9.70 -0.34 -10.09
C GLY A 17 -10.03 -1.77 -9.66
N ARG A 18 -10.43 -1.89 -8.40
CA ARG A 18 -10.81 -3.11 -7.71
C ARG A 18 -11.95 -2.73 -6.75
N VAL A 19 -12.60 -3.72 -6.14
CA VAL A 19 -13.69 -3.48 -5.20
C VAL A 19 -13.17 -3.90 -3.82
N ASN A 20 -12.64 -5.12 -3.71
CA ASN A 20 -12.09 -5.72 -2.50
C ASN A 20 -10.56 -5.60 -2.49
N GLY A 21 -10.00 -4.50 -2.99
CA GLY A 21 -8.56 -4.24 -3.03
C GLY A 21 -8.08 -3.72 -1.68
N GLY A 22 -6.89 -3.10 -1.66
CA GLY A 22 -6.30 -2.55 -0.45
C GLY A 22 -7.00 -1.28 0.01
N HIS A 23 -6.36 -0.12 -0.09
CA HIS A 23 -6.93 1.16 0.32
C HIS A 23 -6.79 2.19 -0.80
N PRO A 24 -7.64 3.22 -0.86
CA PRO A 24 -7.58 4.24 -1.89
C PRO A 24 -6.40 5.19 -1.59
N VAL A 25 -5.51 5.37 -2.56
CA VAL A 25 -4.34 6.24 -2.45
C VAL A 25 -4.35 7.26 -3.57
N THR A 26 -3.58 8.32 -3.42
CA THR A 26 -3.43 9.43 -4.35
C THR A 26 -1.96 9.52 -4.76
N THR A 27 -1.61 10.37 -5.72
CA THR A 27 -0.24 10.51 -6.19
C THR A 27 0.64 11.07 -5.07
N GLN A 28 0.12 12.03 -4.29
CA GLN A 28 0.84 12.68 -3.20
C GLN A 28 1.41 11.67 -2.21
N MET A 29 0.68 10.58 -1.91
CA MET A 29 1.17 9.59 -0.99
C MET A 29 2.44 8.95 -1.56
N VAL A 30 2.43 8.65 -2.87
CA VAL A 30 3.53 8.03 -3.60
C VAL A 30 4.76 8.94 -3.57
N GLU A 31 4.63 10.17 -4.04
CA GLU A 31 5.76 11.09 -4.06
C GLU A 31 6.28 11.30 -2.64
N THR A 32 5.42 11.41 -1.61
CA THR A 32 5.87 11.61 -0.24
C THR A 32 6.82 10.47 0.17
N VAL A 33 6.37 9.20 0.16
CA VAL A 33 7.27 8.09 0.52
C VAL A 33 8.52 8.18 -0.36
N GLN A 34 8.41 8.40 -1.67
CA GLN A 34 9.57 8.50 -2.56
C GLN A 34 10.59 9.54 -2.08
N ASN A 35 10.15 10.71 -1.63
CA ASN A 35 11.03 11.76 -1.15
C ASN A 35 11.71 11.32 0.14
N LEU A 36 11.03 10.56 1.00
CA LEU A 36 11.60 10.10 2.26
C LEU A 36 12.35 8.77 2.11
N ALA A 37 12.19 8.08 0.97
CA ALA A 37 12.80 6.81 0.65
C ALA A 37 13.14 6.78 -0.85
N PRO A 38 14.23 7.46 -1.26
CA PRO A 38 14.66 7.52 -2.66
C PRO A 38 15.21 6.18 -3.17
N ASN A 39 15.50 5.25 -2.24
CA ASN A 39 16.03 3.92 -2.51
C ASN A 39 14.94 2.94 -2.98
N LEU A 40 13.65 3.32 -2.92
CA LEU A 40 12.54 2.44 -3.32
C LEU A 40 12.09 2.73 -4.75
N HIS A 41 11.52 1.71 -5.40
CA HIS A 41 11.00 1.75 -6.76
C HIS A 41 9.74 2.62 -6.80
N PRO A 42 9.50 3.38 -7.88
CA PRO A 42 8.34 4.24 -7.99
C PRO A 42 7.01 3.50 -8.05
N GLU A 43 6.95 2.25 -8.50
CA GLU A 43 5.74 1.45 -8.60
C GLU A 43 5.43 0.74 -7.30
N GLN A 44 6.45 0.17 -6.64
CA GLN A 44 6.27 -0.56 -5.38
C GLN A 44 5.60 0.34 -4.34
N ILE A 45 5.92 1.65 -4.34
CA ILE A 45 5.37 2.61 -3.40
C ILE A 45 3.86 2.56 -3.42
N ARG A 46 3.22 2.78 -4.58
CA ARG A 46 1.77 2.75 -4.66
C ARG A 46 1.20 1.48 -4.02
N TYR A 47 1.78 0.31 -4.31
CA TYR A 47 1.28 -0.94 -3.75
C TYR A 47 1.40 -0.96 -2.23
N SER A 48 2.55 -0.52 -1.73
CA SER A 48 2.77 -0.50 -0.30
C SER A 48 1.75 0.40 0.37
N LEU A 49 1.48 1.58 -0.18
CA LEU A 49 0.51 2.53 0.35
C LEU A 49 -0.87 1.89 0.37
N GLU A 50 -1.22 1.08 -0.63
CA GLU A 50 -2.52 0.42 -0.65
C GLU A 50 -2.62 -0.61 0.47
N ASN A 51 -1.50 -1.26 0.79
CA ASN A 51 -1.42 -2.28 1.83
C ASN A 51 -1.35 -1.70 3.27
N THR A 52 -0.58 -0.64 3.49
CA THR A 52 -0.40 0.02 4.78
C THR A 52 -1.51 1.03 5.08
N GLY A 53 -2.02 1.69 4.05
CA GLY A 53 -3.07 2.70 4.10
C GLY A 53 -2.50 4.10 4.40
N SER A 54 -1.22 4.22 4.80
CA SER A 54 -0.60 5.48 5.10
C SER A 54 0.87 5.53 4.69
N VAL A 55 1.33 6.73 4.37
CA VAL A 55 2.69 7.06 3.97
C VAL A 55 3.61 6.73 5.15
N GLU A 56 3.24 7.22 6.34
CA GLU A 56 3.93 7.08 7.61
C GLU A 56 4.39 5.65 7.85
N GLU A 57 3.45 4.71 7.74
CA GLU A 57 3.70 3.30 7.97
C GLU A 57 4.65 2.77 6.90
N THR A 58 4.44 3.19 5.65
CA THR A 58 5.25 2.79 4.51
C THR A 58 6.71 3.22 4.73
N VAL A 59 6.92 4.39 5.29
CA VAL A 59 8.24 4.93 5.56
C VAL A 59 8.86 4.21 6.77
N GLU A 60 8.07 3.87 7.80
CA GLU A 60 8.54 3.20 9.01
C GLU A 60 8.98 1.77 8.70
N ARG A 61 8.22 1.07 7.86
CA ARG A 61 8.57 -0.30 7.50
C ARG A 61 9.74 -0.26 6.53
N TYR A 62 9.79 0.75 5.67
CA TYR A 62 10.87 0.93 4.71
C TYR A 62 12.19 1.03 5.46
N LEU A 63 12.32 2.00 6.38
CA LEU A 63 13.53 2.18 7.16
C LEU A 63 13.85 0.94 7.99
N ARG A 64 12.87 0.11 8.33
CA ARG A 64 13.12 -1.12 9.09
C ARG A 64 13.70 -2.19 8.16
N GLY A 65 13.61 -2.03 6.84
CA GLY A 65 14.13 -2.99 5.89
C GLY A 65 13.11 -4.10 5.65
N ASP A 66 11.81 -3.81 5.78
CA ASP A 66 10.77 -4.82 5.55
C ASP A 66 10.73 -5.17 4.04
N GLU A 67 9.93 -6.15 3.64
CA GLU A 67 9.76 -6.55 2.25
C GLU A 67 8.69 -5.68 1.62
N PHE A 68 8.88 -5.44 0.32
CA PHE A 68 8.01 -4.62 -0.49
C PHE A 68 7.81 -5.27 -1.86
N SER A 69 6.62 -5.78 -2.10
CA SER A 69 6.22 -6.39 -3.37
C SER A 69 5.82 -5.26 -4.35
N PHE A 70 5.62 -5.62 -5.62
CA PHE A 70 5.22 -4.74 -6.72
C PHE A 70 3.69 -4.74 -6.89
N PRO A 71 3.12 -3.74 -7.58
CA PRO A 71 1.69 -3.66 -7.82
C PRO A 71 1.21 -4.77 -8.78
N PRO A 72 -0.10 -5.10 -8.75
CA PRO A 72 -0.67 -6.13 -9.59
C PRO A 72 -0.56 -5.75 -11.07
N GLY A 73 -0.02 -6.65 -11.89
CA GLY A 73 0.15 -6.43 -13.32
C GLY A 73 1.55 -5.92 -13.68
N PHE A 74 2.43 -5.67 -12.70
CA PHE A 74 3.80 -5.23 -13.01
C PHE A 74 4.52 -6.43 -13.67
N GLU A 75 4.13 -7.64 -13.26
CA GLU A 75 4.61 -8.93 -13.71
C GLU A 75 3.64 -9.42 -14.77
N GLY A 1 -4.96 -18.46 2.76
CA GLY A 1 -6.29 -19.01 3.00
C GLY A 1 -7.25 -17.93 3.45
N ALA A 2 -7.01 -17.33 4.62
CA ALA A 2 -7.80 -16.26 5.24
C ALA A 2 -7.69 -14.91 4.50
N MET A 3 -7.92 -14.88 3.18
CA MET A 3 -7.85 -13.68 2.35
C MET A 3 -8.83 -12.59 2.79
N GLY A 4 -9.86 -12.93 3.57
CA GLY A 4 -10.88 -12.03 4.07
C GLY A 4 -12.20 -12.39 3.42
N PRO A 5 -12.85 -13.50 3.83
CA PRO A 5 -14.11 -13.97 3.26
C PRO A 5 -15.31 -13.24 3.87
N GLN A 6 -15.08 -12.17 4.64
CA GLN A 6 -16.07 -11.32 5.31
C GLN A 6 -15.55 -9.88 5.30
N GLY A 7 -14.93 -9.51 4.18
CA GLY A 7 -14.34 -8.21 3.96
C GLY A 7 -15.37 -7.16 3.59
N SER A 8 -14.83 -6.02 3.18
CA SER A 8 -15.52 -4.83 2.75
C SER A 8 -14.97 -4.45 1.38
N THR A 9 -15.66 -3.53 0.69
CA THR A 9 -15.25 -3.09 -0.65
C THR A 9 -15.82 -1.70 -0.97
N GLN A 10 -17.00 -1.36 -0.42
CA GLN A 10 -17.65 -0.07 -0.64
C GLN A 10 -16.72 1.06 -0.19
N ASN A 11 -16.56 2.10 -1.01
CA ASN A 11 -15.71 3.26 -0.69
C ASN A 11 -16.45 4.34 0.09
N ALA A 12 -17.75 4.17 0.31
CA ALA A 12 -18.60 5.08 1.05
C ALA A 12 -19.64 4.21 1.75
N LEU A 13 -19.51 4.00 3.06
CA LEU A 13 -20.45 3.18 3.82
C LEU A 13 -20.50 3.61 5.28
N ARG A 14 -21.33 2.94 6.07
CA ARG A 14 -21.49 3.18 7.49
C ARG A 14 -20.12 3.02 8.15
N ARG A 15 -19.61 4.09 8.76
CA ARG A 15 -18.32 4.06 9.43
C ARG A 15 -18.33 3.06 10.58
N THR A 16 -17.80 1.86 10.39
CA THR A 16 -17.72 0.83 11.41
C THR A 16 -16.78 -0.25 10.88
N GLY A 17 -16.37 -1.21 11.72
CA GLY A 17 -15.46 -2.28 11.33
C GLY A 17 -14.01 -1.77 11.22
N ARG A 18 -13.09 -2.69 10.96
CA ARG A 18 -11.66 -2.43 10.78
C ARG A 18 -11.20 -3.31 9.63
N VAL A 19 -10.20 -2.85 8.89
CA VAL A 19 -9.65 -3.58 7.76
C VAL A 19 -8.25 -3.07 7.46
N ASN A 20 -7.46 -3.85 6.73
CA ASN A 20 -6.10 -3.56 6.29
C ASN A 20 -5.95 -4.18 4.91
N GLY A 21 -4.92 -3.81 4.14
CA GLY A 21 -4.71 -4.41 2.82
C GLY A 21 -5.61 -3.90 1.70
N GLY A 22 -6.28 -2.74 1.83
CA GLY A 22 -7.15 -2.26 0.77
C GLY A 22 -7.60 -0.84 1.04
N HIS A 23 -6.75 0.12 0.73
CA HIS A 23 -7.00 1.54 0.93
C HIS A 23 -6.73 2.32 -0.36
N PRO A 24 -7.52 3.36 -0.68
CA PRO A 24 -7.33 4.18 -1.86
C PRO A 24 -6.16 5.14 -1.59
N VAL A 25 -5.30 5.39 -2.56
CA VAL A 25 -4.13 6.27 -2.41
C VAL A 25 -3.99 7.23 -3.59
N THR A 26 -3.43 8.41 -3.35
CA THR A 26 -3.23 9.48 -4.32
C THR A 26 -1.76 9.63 -4.72
N THR A 27 -1.48 10.44 -5.75
CA THR A 27 -0.12 10.68 -6.23
C THR A 27 0.72 11.26 -5.09
N GLN A 28 0.17 12.16 -4.27
CA GLN A 28 0.93 12.77 -3.18
C GLN A 28 1.48 11.72 -2.21
N MET A 29 0.76 10.62 -1.97
CA MET A 29 1.24 9.62 -1.06
C MET A 29 2.50 8.95 -1.65
N VAL A 30 2.45 8.66 -2.95
CA VAL A 30 3.54 8.03 -3.70
C VAL A 30 4.79 8.90 -3.60
N GLU A 31 4.69 10.18 -3.97
CA GLU A 31 5.84 11.05 -3.91
C GLU A 31 6.33 11.25 -2.48
N THR A 32 5.45 11.30 -1.47
CA THR A 32 5.90 11.49 -0.09
C THR A 32 6.86 10.35 0.28
N VAL A 33 6.41 9.09 0.20
CA VAL A 33 7.30 7.98 0.53
C VAL A 33 8.55 8.06 -0.33
N GLN A 34 8.46 8.30 -1.65
CA GLN A 34 9.60 8.39 -2.55
C GLN A 34 10.63 9.41 -2.10
N ASN A 35 10.20 10.61 -1.67
CA ASN A 35 11.12 11.63 -1.20
C ASN A 35 11.87 11.09 0.00
N LEU A 36 11.15 10.45 0.93
CA LEU A 36 11.77 9.93 2.14
C LEU A 36 12.57 8.64 1.91
N ALA A 37 12.18 7.83 0.93
CA ALA A 37 12.75 6.55 0.56
C ALA A 37 13.11 6.54 -0.93
N PRO A 38 14.23 7.16 -1.32
CA PRO A 38 14.71 7.24 -2.70
C PRO A 38 15.33 5.93 -3.21
N ASN A 39 15.40 4.88 -2.38
CA ASN A 39 15.96 3.56 -2.71
C ASN A 39 14.86 2.57 -3.15
N LEU A 40 13.61 3.01 -3.22
CA LEU A 40 12.46 2.20 -3.62
C LEU A 40 11.99 2.62 -5.00
N HIS A 41 11.32 1.72 -5.72
CA HIS A 41 10.78 1.97 -7.05
C HIS A 41 9.48 2.77 -6.88
N PRO A 42 9.13 3.66 -7.81
CA PRO A 42 7.91 4.46 -7.71
C PRO A 42 6.62 3.63 -7.78
N GLU A 43 6.67 2.43 -8.36
CA GLU A 43 5.50 1.57 -8.46
C GLU A 43 5.30 0.80 -7.14
N GLN A 44 6.39 0.38 -6.48
CA GLN A 44 6.30 -0.36 -5.22
C GLN A 44 5.54 0.45 -4.19
N ILE A 45 5.75 1.76 -4.19
CA ILE A 45 5.13 2.68 -3.27
C ILE A 45 3.61 2.56 -3.38
N ARG A 46 3.01 2.84 -4.54
CA ARG A 46 1.56 2.72 -4.74
C ARG A 46 1.01 1.45 -4.08
N TYR A 47 1.62 0.29 -4.33
CA TYR A 47 1.16 -0.97 -3.75
C TYR A 47 1.28 -0.98 -2.23
N SER A 48 2.44 -0.55 -1.72
CA SER A 48 2.71 -0.51 -0.30
C SER A 48 1.66 0.35 0.40
N LEU A 49 1.43 1.56 -0.11
CA LEU A 49 0.46 2.51 0.42
C LEU A 49 -0.93 1.91 0.43
N GLU A 50 -1.29 1.15 -0.60
CA GLU A 50 -2.60 0.52 -0.70
C GLU A 50 -2.76 -0.54 0.38
N ASN A 51 -1.65 -1.18 0.76
CA ASN A 51 -1.63 -2.21 1.78
C ASN A 51 -1.63 -1.59 3.18
N THR A 52 -0.72 -0.66 3.47
CA THR A 52 -0.57 0.00 4.78
C THR A 52 -1.71 0.98 5.10
N GLY A 53 -2.13 1.74 4.10
CA GLY A 53 -3.19 2.74 4.16
C GLY A 53 -2.66 4.15 4.41
N SER A 54 -1.42 4.31 4.91
CA SER A 54 -0.81 5.60 5.18
C SER A 54 0.67 5.53 4.84
N VAL A 55 1.19 6.67 4.39
CA VAL A 55 2.58 6.93 4.01
C VAL A 55 3.49 6.66 5.19
N GLU A 56 3.10 7.18 6.35
CA GLU A 56 3.82 7.06 7.60
C GLU A 56 4.26 5.61 7.84
N GLU A 57 3.33 4.66 7.69
CA GLU A 57 3.62 3.26 7.92
C GLU A 57 4.59 2.75 6.85
N THR A 58 4.37 3.13 5.59
CA THR A 58 5.24 2.73 4.48
C THR A 58 6.69 3.19 4.73
N VAL A 59 6.87 4.35 5.33
CA VAL A 59 8.16 4.91 5.66
C VAL A 59 8.75 4.20 6.89
N GLU A 60 7.92 3.85 7.88
CA GLU A 60 8.34 3.18 9.12
C GLU A 60 8.83 1.77 8.82
N ARG A 61 8.18 1.08 7.89
CA ARG A 61 8.58 -0.27 7.50
C ARG A 61 9.80 -0.16 6.59
N TYR A 62 9.84 0.84 5.72
CA TYR A 62 10.97 1.07 4.82
C TYR A 62 12.26 1.20 5.63
N LEU A 63 12.29 2.10 6.62
CA LEU A 63 13.46 2.30 7.46
C LEU A 63 13.82 1.03 8.25
N ARG A 64 12.88 0.11 8.47
CA ARG A 64 13.14 -1.15 9.17
C ARG A 64 13.73 -2.17 8.20
N GLY A 65 13.73 -1.88 6.89
CA GLY A 65 14.24 -2.75 5.87
C GLY A 65 13.27 -3.90 5.62
N ASP A 66 11.96 -3.63 5.69
CA ASP A 66 10.93 -4.64 5.47
C ASP A 66 10.90 -5.07 3.98
N GLU A 67 9.91 -5.87 3.57
CA GLU A 67 9.75 -6.34 2.20
C GLU A 67 8.91 -5.37 1.39
N PHE A 68 9.28 -5.12 0.15
CA PHE A 68 8.56 -4.23 -0.72
C PHE A 68 8.31 -4.98 -2.02
N SER A 69 7.05 -5.33 -2.22
CA SER A 69 6.54 -6.03 -3.38
C SER A 69 6.12 -5.03 -4.45
N PHE A 70 5.78 -5.56 -5.63
CA PHE A 70 5.33 -4.82 -6.80
C PHE A 70 3.82 -5.06 -6.98
N PRO A 71 3.07 -4.13 -7.59
CA PRO A 71 1.63 -4.25 -7.80
C PRO A 71 1.27 -5.28 -8.87
N PRO A 72 -0.03 -5.63 -9.00
CA PRO A 72 -0.45 -6.58 -10.03
C PRO A 72 -0.17 -5.92 -11.38
N GLY A 73 0.06 -6.73 -12.40
CA GLY A 73 0.35 -6.28 -13.74
C GLY A 73 1.83 -5.91 -13.93
N PHE A 74 2.58 -5.66 -12.86
CA PHE A 74 4.00 -5.34 -12.99
C PHE A 74 4.73 -6.62 -13.38
N GLU A 75 4.54 -7.68 -12.57
CA GLU A 75 5.12 -9.00 -12.77
C GLU A 75 4.20 -9.73 -13.73
N GLY A 1 -22.41 -2.16 31.08
CA GLY A 1 -22.82 -2.81 29.83
C GLY A 1 -22.38 -4.25 29.84
N ALA A 2 -21.99 -4.77 28.67
CA ALA A 2 -21.52 -6.14 28.49
C ALA A 2 -20.35 -6.07 27.50
N MET A 3 -19.48 -7.07 27.54
CA MET A 3 -18.30 -7.18 26.68
C MET A 3 -18.29 -8.58 26.07
N GLY A 4 -17.53 -8.72 24.99
CA GLY A 4 -17.34 -9.94 24.23
C GLY A 4 -15.93 -9.87 23.68
N PRO A 5 -14.90 -10.22 24.48
CA PRO A 5 -13.52 -10.18 24.03
C PRO A 5 -13.22 -11.33 23.06
N GLN A 6 -12.13 -11.18 22.31
CA GLN A 6 -11.67 -12.18 21.36
C GLN A 6 -10.78 -13.20 22.09
N GLY A 7 -10.55 -14.35 21.45
CA GLY A 7 -9.72 -15.41 21.99
C GLY A 7 -8.28 -14.95 21.80
N SER A 8 -7.70 -15.26 20.64
CA SER A 8 -6.34 -14.90 20.25
C SER A 8 -6.33 -14.70 18.73
N THR A 9 -5.20 -14.30 18.14
CA THR A 9 -5.09 -14.06 16.71
C THR A 9 -5.45 -15.35 15.96
N GLN A 10 -6.30 -15.23 14.94
CA GLN A 10 -6.76 -16.32 14.11
C GLN A 10 -6.57 -15.90 12.66
N ASN A 11 -6.27 -16.86 11.79
CA ASN A 11 -6.09 -16.63 10.36
C ASN A 11 -7.47 -16.75 9.71
N ALA A 12 -8.41 -15.89 10.12
CA ALA A 12 -9.77 -15.89 9.59
C ALA A 12 -9.78 -15.56 8.09
N LEU A 13 -10.94 -15.68 7.45
CA LEU A 13 -11.11 -15.42 6.03
C LEU A 13 -12.51 -14.89 5.74
N ARG A 14 -13.01 -14.06 6.65
CA ARG A 14 -14.35 -13.48 6.56
C ARG A 14 -14.37 -11.97 6.78
N ARG A 15 -13.29 -11.24 6.47
CA ARG A 15 -13.19 -9.78 6.66
C ARG A 15 -13.35 -9.48 8.17
N THR A 16 -12.75 -10.33 8.99
CA THR A 16 -12.78 -10.28 10.45
C THR A 16 -11.37 -10.36 11.06
N GLY A 17 -10.31 -10.13 10.27
CA GLY A 17 -8.92 -10.15 10.71
C GLY A 17 -8.17 -8.95 10.16
N ARG A 18 -6.96 -8.73 10.66
CA ARG A 18 -6.07 -7.62 10.28
C ARG A 18 -5.53 -7.65 8.87
N VAL A 19 -5.88 -8.66 8.10
CA VAL A 19 -5.44 -8.83 6.73
C VAL A 19 -6.18 -7.87 5.80
N ASN A 20 -5.80 -6.60 5.88
CA ASN A 20 -6.33 -5.52 5.07
C ASN A 20 -5.28 -5.31 4.00
N GLY A 21 -5.65 -5.31 2.71
CA GLY A 21 -4.70 -5.13 1.63
C GLY A 21 -5.30 -4.37 0.45
N GLY A 22 -5.74 -3.14 0.67
CA GLY A 22 -6.34 -2.29 -0.35
C GLY A 22 -7.03 -1.07 0.25
N HIS A 23 -6.43 0.10 0.08
CA HIS A 23 -6.91 1.41 0.54
C HIS A 23 -6.85 2.38 -0.63
N PRO A 24 -7.64 3.47 -0.64
CA PRO A 24 -7.60 4.44 -1.73
C PRO A 24 -6.34 5.31 -1.57
N VAL A 25 -5.52 5.41 -2.61
CA VAL A 25 -4.28 6.21 -2.58
C VAL A 25 -4.27 7.18 -3.76
N THR A 26 -3.45 8.21 -3.65
CA THR A 26 -3.25 9.28 -4.61
C THR A 26 -1.77 9.39 -4.97
N THR A 27 -1.43 10.08 -6.07
CA THR A 27 -0.04 10.24 -6.50
C THR A 27 0.79 10.94 -5.41
N GLN A 28 0.21 11.94 -4.71
CA GLN A 28 0.90 12.68 -3.66
C GLN A 28 1.41 11.76 -2.53
N MET A 29 0.69 10.68 -2.24
CA MET A 29 1.17 9.78 -1.20
C MET A 29 2.47 9.14 -1.69
N VAL A 30 2.49 8.66 -2.95
CA VAL A 30 3.62 7.98 -3.61
C VAL A 30 4.86 8.82 -3.48
N GLU A 31 4.80 10.06 -3.98
CA GLU A 31 5.94 10.97 -3.92
C GLU A 31 6.37 11.21 -2.48
N THR A 32 5.44 11.31 -1.52
CA THR A 32 5.82 11.52 -0.11
C THR A 32 6.79 10.41 0.32
N VAL A 33 6.37 9.14 0.26
CA VAL A 33 7.25 8.02 0.62
C VAL A 33 8.51 8.11 -0.21
N GLN A 34 8.41 8.22 -1.54
CA GLN A 34 9.58 8.29 -2.41
C GLN A 34 10.61 9.34 -1.96
N ASN A 35 10.18 10.54 -1.56
CA ASN A 35 11.09 11.59 -1.09
C ASN A 35 11.78 11.12 0.19
N LEU A 36 11.04 10.46 1.09
CA LEU A 36 11.60 9.99 2.36
C LEU A 36 12.34 8.65 2.23
N ALA A 37 12.12 7.92 1.14
CA ALA A 37 12.65 6.62 0.78
C ALA A 37 13.09 6.63 -0.70
N PRO A 38 14.18 7.33 -1.05
CA PRO A 38 14.65 7.39 -2.43
C PRO A 38 15.22 6.06 -2.93
N ASN A 39 15.47 5.10 -2.03
CA ASN A 39 16.03 3.79 -2.33
C ASN A 39 14.95 2.77 -2.76
N LEU A 40 13.73 3.23 -3.08
CA LEU A 40 12.62 2.39 -3.52
C LEU A 40 12.13 2.80 -4.90
N HIS A 41 11.44 1.88 -5.59
CA HIS A 41 10.90 2.14 -6.92
C HIS A 41 9.57 2.88 -6.74
N PRO A 42 9.22 3.86 -7.59
CA PRO A 42 7.98 4.60 -7.48
C PRO A 42 6.74 3.73 -7.65
N GLU A 43 6.87 2.62 -8.38
CA GLU A 43 5.75 1.71 -8.64
C GLU A 43 5.44 0.85 -7.42
N GLN A 44 6.47 0.37 -6.72
CA GLN A 44 6.28 -0.47 -5.53
C GLN A 44 5.50 0.29 -4.48
N ILE A 45 5.90 1.56 -4.27
CA ILE A 45 5.34 2.48 -3.32
C ILE A 45 3.82 2.50 -3.39
N ARG A 46 3.25 2.76 -4.56
CA ARG A 46 1.79 2.77 -4.70
C ARG A 46 1.16 1.49 -4.10
N TYR A 47 1.70 0.30 -4.36
CA TYR A 47 1.17 -0.95 -3.83
C TYR A 47 1.29 -1.00 -2.31
N SER A 48 2.43 -0.50 -1.83
CA SER A 48 2.78 -0.42 -0.42
C SER A 48 1.70 0.38 0.30
N LEU A 49 1.46 1.60 -0.15
CA LEU A 49 0.46 2.51 0.41
C LEU A 49 -0.92 1.88 0.40
N GLU A 50 -1.27 1.17 -0.67
CA GLU A 50 -2.58 0.54 -0.71
C GLU A 50 -2.71 -0.52 0.38
N ASN A 51 -1.61 -1.21 0.68
CA ASN A 51 -1.59 -2.25 1.70
C ASN A 51 -1.54 -1.66 3.11
N THR A 52 -0.66 -0.70 3.38
CA THR A 52 -0.50 -0.04 4.68
C THR A 52 -1.65 0.92 4.98
N GLY A 53 -2.08 1.67 3.96
CA GLY A 53 -3.14 2.68 4.01
C GLY A 53 -2.61 4.03 4.48
N SER A 54 -1.34 4.11 4.87
CA SER A 54 -0.69 5.32 5.37
C SER A 54 0.77 5.39 4.93
N VAL A 55 1.21 6.59 4.57
CA VAL A 55 2.58 6.88 4.14
C VAL A 55 3.51 6.61 5.31
N GLU A 56 3.15 7.09 6.50
CA GLU A 56 3.89 6.95 7.75
C GLU A 56 4.34 5.51 7.97
N GLU A 57 3.42 4.55 7.81
CA GLU A 57 3.72 3.13 8.01
C GLU A 57 4.73 2.69 6.96
N THR A 58 4.47 3.05 5.71
CA THR A 58 5.29 2.74 4.55
C THR A 58 6.75 3.21 4.74
N VAL A 59 6.94 4.39 5.29
CA VAL A 59 8.27 4.96 5.54
C VAL A 59 8.92 4.31 6.77
N GLU A 60 8.12 3.95 7.78
CA GLU A 60 8.60 3.35 9.02
C GLU A 60 9.03 1.91 8.80
N ARG A 61 8.38 1.21 7.88
CA ARG A 61 8.74 -0.15 7.56
C ARG A 61 9.91 -0.13 6.59
N TYR A 62 9.94 0.86 5.69
CA TYR A 62 11.03 1.05 4.74
C TYR A 62 12.33 1.15 5.51
N LEU A 63 12.41 2.08 6.48
CA LEU A 63 13.62 2.22 7.28
C LEU A 63 13.92 0.94 8.08
N ARG A 64 12.92 0.11 8.38
CA ARG A 64 13.13 -1.15 9.09
C ARG A 64 13.77 -2.17 8.13
N GLY A 65 13.72 -1.94 6.81
CA GLY A 65 14.26 -2.82 5.81
C GLY A 65 13.29 -3.98 5.57
N ASP A 66 11.97 -3.73 5.65
CA ASP A 66 10.94 -4.74 5.45
C ASP A 66 10.88 -5.16 3.96
N GLU A 67 9.90 -5.97 3.54
CA GLU A 67 9.70 -6.41 2.17
C GLU A 67 8.79 -5.42 1.47
N PHE A 68 9.09 -5.22 0.18
CA PHE A 68 8.36 -4.31 -0.66
C PHE A 68 8.13 -4.97 -2.01
N SER A 69 6.88 -5.31 -2.26
CA SER A 69 6.41 -5.94 -3.48
C SER A 69 5.97 -4.89 -4.51
N PHE A 70 5.65 -5.34 -5.72
CA PHE A 70 5.19 -4.52 -6.84
C PHE A 70 3.67 -4.69 -7.00
N PRO A 71 2.96 -3.75 -7.66
CA PRO A 71 1.52 -3.83 -7.84
C PRO A 71 1.09 -4.99 -8.76
N PRO A 72 -0.18 -5.40 -8.72
CA PRO A 72 -0.67 -6.49 -9.56
C PRO A 72 -0.66 -6.05 -11.02
N GLY A 73 -0.19 -6.93 -11.90
CA GLY A 73 -0.09 -6.69 -13.33
C GLY A 73 1.31 -6.16 -13.71
N PHE A 74 2.18 -5.94 -12.73
CA PHE A 74 3.54 -5.47 -12.96
C PHE A 74 4.41 -6.61 -13.49
N GLU A 75 4.16 -7.84 -13.01
CA GLU A 75 4.88 -9.06 -13.38
C GLU A 75 4.77 -9.32 -14.87
N GLY A 1 -52.28 4.93 40.16
CA GLY A 1 -50.81 5.08 40.11
C GLY A 1 -50.41 5.70 38.79
N ALA A 2 -49.11 5.89 38.55
CA ALA A 2 -48.54 6.47 37.34
C ALA A 2 -47.15 5.84 37.14
N MET A 3 -46.49 6.19 36.04
CA MET A 3 -45.17 5.74 35.63
C MET A 3 -44.59 6.79 34.67
N GLY A 4 -43.37 6.59 34.17
CA GLY A 4 -42.72 7.50 33.25
C GLY A 4 -41.77 6.74 32.32
N PRO A 5 -41.18 7.41 31.31
CA PRO A 5 -40.28 6.78 30.37
C PRO A 5 -38.94 6.45 31.05
N GLN A 6 -38.38 5.28 30.76
CA GLN A 6 -37.11 4.82 31.33
C GLN A 6 -35.88 5.29 30.54
N GLY A 7 -36.07 5.91 29.36
CA GLY A 7 -34.96 6.37 28.54
C GLY A 7 -34.27 5.19 27.84
N SER A 8 -33.09 5.43 27.27
CA SER A 8 -32.27 4.44 26.58
C SER A 8 -30.83 4.95 26.50
N THR A 9 -29.90 4.12 26.04
CA THR A 9 -28.48 4.44 25.89
C THR A 9 -27.88 3.40 24.91
N GLN A 10 -26.59 3.53 24.58
CA GLN A 10 -25.85 2.67 23.68
C GLN A 10 -24.39 2.56 24.18
N ASN A 11 -23.59 1.72 23.49
CA ASN A 11 -22.18 1.46 23.77
C ASN A 11 -21.34 1.62 22.49
N ALA A 12 -20.02 1.51 22.66
CA ALA A 12 -18.98 1.62 21.65
C ALA A 12 -18.99 0.45 20.67
N LEU A 13 -19.98 0.39 19.80
CA LEU A 13 -20.11 -0.66 18.80
C LEU A 13 -20.64 -0.07 17.51
N ARG A 14 -20.02 -0.36 16.37
CA ARG A 14 -20.47 0.15 15.08
C ARG A 14 -19.96 -0.80 14.01
N ARG A 15 -20.73 -0.96 12.93
CA ARG A 15 -20.41 -1.83 11.81
C ARG A 15 -19.15 -1.41 11.07
N THR A 16 -18.67 -0.18 11.24
CA THR A 16 -17.46 0.25 10.56
C THR A 16 -16.25 -0.54 11.10
N GLY A 17 -15.10 -0.36 10.46
CA GLY A 17 -13.85 -1.00 10.82
C GLY A 17 -12.73 -0.51 9.94
N ARG A 18 -12.95 -0.42 8.62
CA ARG A 18 -11.97 0.05 7.62
C ARG A 18 -10.60 -0.59 7.88
N VAL A 19 -10.60 -1.91 7.97
CA VAL A 19 -9.40 -2.69 8.20
C VAL A 19 -8.55 -2.80 6.93
N ASN A 20 -7.33 -3.28 7.10
CA ASN A 20 -6.37 -3.44 6.02
C ASN A 20 -6.89 -4.45 5.01
N GLY A 21 -6.55 -4.22 3.74
CA GLY A 21 -6.97 -5.08 2.64
C GLY A 21 -7.10 -4.35 1.30
N GLY A 22 -6.80 -3.06 1.22
CA GLY A 22 -6.89 -2.29 -0.01
C GLY A 22 -7.43 -0.91 0.30
N HIS A 23 -6.55 -0.01 0.69
CA HIS A 23 -6.87 1.37 1.00
C HIS A 23 -6.61 2.20 -0.25
N PRO A 24 -7.41 3.24 -0.52
CA PRO A 24 -7.22 4.09 -1.69
C PRO A 24 -6.02 5.02 -1.44
N VAL A 25 -5.32 5.37 -2.52
CA VAL A 25 -4.17 6.26 -2.45
C VAL A 25 -4.24 7.32 -3.55
N THR A 26 -3.42 8.36 -3.41
CA THR A 26 -3.30 9.46 -4.35
C THR A 26 -1.82 9.57 -4.73
N THR A 27 -1.51 10.18 -5.88
CA THR A 27 -0.14 10.34 -6.37
C THR A 27 0.74 11.02 -5.32
N GLN A 28 0.19 11.99 -4.57
CA GLN A 28 0.90 12.71 -3.52
C GLN A 28 1.45 11.77 -2.44
N MET A 29 0.77 10.65 -2.14
CA MET A 29 1.25 9.72 -1.15
C MET A 29 2.50 9.02 -1.71
N VAL A 30 2.47 8.67 -3.00
CA VAL A 30 3.55 8.01 -3.71
C VAL A 30 4.80 8.88 -3.67
N GLU A 31 4.70 10.11 -4.17
CA GLU A 31 5.84 11.02 -4.16
C GLU A 31 6.33 11.29 -2.74
N THR A 32 5.44 11.37 -1.75
CA THR A 32 5.86 11.59 -0.37
C THR A 32 6.81 10.48 0.05
N VAL A 33 6.37 9.20 0.07
CA VAL A 33 7.26 8.10 0.43
C VAL A 33 8.51 8.14 -0.45
N GLN A 34 8.38 8.35 -1.76
CA GLN A 34 9.52 8.39 -2.68
C GLN A 34 10.56 9.42 -2.23
N ASN A 35 10.11 10.63 -1.91
CA ASN A 35 10.95 11.72 -1.47
C ASN A 35 11.71 11.34 -0.21
N LEU A 36 11.05 10.62 0.71
CA LEU A 36 11.67 10.21 1.97
C LEU A 36 12.43 8.88 1.85
N ALA A 37 12.15 8.06 0.83
CA ALA A 37 12.76 6.75 0.58
C ALA A 37 13.30 6.72 -0.86
N PRO A 38 14.46 7.34 -1.12
CA PRO A 38 15.09 7.40 -2.43
C PRO A 38 15.63 6.05 -2.92
N ASN A 39 15.50 4.97 -2.13
CA ASN A 39 15.96 3.64 -2.48
C ASN A 39 14.79 2.68 -2.77
N LEU A 40 13.62 3.21 -3.08
CA LEU A 40 12.41 2.45 -3.40
C LEU A 40 11.89 2.84 -4.78
N HIS A 41 11.16 1.95 -5.44
CA HIS A 41 10.58 2.19 -6.76
C HIS A 41 9.22 2.87 -6.59
N PRO A 42 8.79 3.75 -7.51
CA PRO A 42 7.51 4.44 -7.42
C PRO A 42 6.31 3.51 -7.47
N GLU A 43 6.45 2.39 -8.20
CA GLU A 43 5.35 1.45 -8.33
C GLU A 43 5.19 0.65 -7.05
N GLN A 44 6.32 0.18 -6.48
CA GLN A 44 6.28 -0.59 -5.24
C GLN A 44 5.65 0.27 -4.15
N ILE A 45 5.99 1.57 -4.12
CA ILE A 45 5.46 2.51 -3.15
C ILE A 45 3.95 2.49 -3.25
N ARG A 46 3.36 2.81 -4.41
CA ARG A 46 1.91 2.81 -4.58
C ARG A 46 1.28 1.52 -4.04
N TYR A 47 1.82 0.35 -4.37
CA TYR A 47 1.26 -0.90 -3.87
C TYR A 47 1.32 -0.98 -2.35
N SER A 48 2.46 -0.59 -1.80
CA SER A 48 2.68 -0.62 -0.35
C SER A 48 1.72 0.35 0.33
N LEU A 49 1.50 1.54 -0.24
CA LEU A 49 0.60 2.54 0.29
C LEU A 49 -0.83 1.99 0.35
N GLU A 50 -1.23 1.21 -0.66
CA GLU A 50 -2.57 0.63 -0.67
C GLU A 50 -2.73 -0.43 0.40
N ASN A 51 -1.68 -1.22 0.63
CA ASN A 51 -1.72 -2.29 1.63
C ASN A 51 -1.64 -1.73 3.04
N THR A 52 -0.64 -0.90 3.33
CA THR A 52 -0.42 -0.28 4.63
C THR A 52 -1.51 0.72 4.98
N GLY A 53 -1.92 1.51 3.98
CA GLY A 53 -2.93 2.55 4.02
C GLY A 53 -2.37 3.94 4.29
N SER A 54 -1.12 4.08 4.77
CA SER A 54 -0.53 5.35 5.10
C SER A 54 0.94 5.42 4.67
N VAL A 55 1.35 6.63 4.32
CA VAL A 55 2.70 7.00 3.89
C VAL A 55 3.61 6.68 5.06
N GLU A 56 3.26 7.17 6.25
CA GLU A 56 3.98 6.99 7.50
C GLU A 56 4.29 5.53 7.75
N GLU A 57 3.30 4.65 7.61
CA GLU A 57 3.42 3.22 7.83
C GLU A 57 4.40 2.64 6.82
N THR A 58 4.33 3.07 5.56
CA THR A 58 5.20 2.65 4.47
C THR A 58 6.65 3.09 4.73
N VAL A 59 6.85 4.29 5.28
CA VAL A 59 8.16 4.82 5.58
C VAL A 59 8.76 4.10 6.80
N GLU A 60 7.93 3.82 7.80
CA GLU A 60 8.31 3.16 9.05
C GLU A 60 8.78 1.73 8.80
N ARG A 61 8.12 1.01 7.89
CA ARG A 61 8.52 -0.36 7.55
C ARG A 61 9.74 -0.30 6.63
N TYR A 62 9.82 0.71 5.75
CA TYR A 62 10.94 0.89 4.84
C TYR A 62 12.24 1.01 5.62
N LEU A 63 12.34 1.99 6.53
CA LEU A 63 13.52 2.21 7.37
C LEU A 63 13.85 0.97 8.20
N ARG A 64 12.86 0.09 8.46
CA ARG A 64 13.06 -1.13 9.22
C ARG A 64 13.63 -2.25 8.35
N GLY A 65 13.64 -2.07 7.02
CA GLY A 65 14.17 -3.07 6.09
C GLY A 65 13.14 -4.13 5.73
N ASP A 66 11.84 -3.84 5.87
CA ASP A 66 10.76 -4.80 5.56
C ASP A 66 10.70 -5.10 4.04
N GLU A 67 9.88 -6.06 3.63
CA GLU A 67 9.69 -6.47 2.24
C GLU A 67 8.80 -5.45 1.52
N PHE A 68 9.10 -5.24 0.24
CA PHE A 68 8.38 -4.33 -0.63
C PHE A 68 8.20 -5.02 -1.97
N SER A 69 6.96 -5.37 -2.24
CA SER A 69 6.55 -6.01 -3.46
C SER A 69 6.10 -4.96 -4.49
N PHE A 70 5.93 -5.38 -5.74
CA PHE A 70 5.49 -4.53 -6.85
C PHE A 70 3.96 -4.65 -6.99
N PRO A 71 3.28 -3.68 -7.63
CA PRO A 71 1.82 -3.69 -7.81
C PRO A 71 1.31 -4.79 -8.75
N PRO A 72 -0.01 -5.03 -8.75
CA PRO A 72 -0.62 -6.02 -9.62
C PRO A 72 -0.40 -5.57 -11.07
N GLY A 73 -0.18 -6.52 -11.97
CA GLY A 73 0.05 -6.23 -13.38
C GLY A 73 1.48 -5.75 -13.66
N PHE A 74 2.37 -5.72 -12.66
CA PHE A 74 3.74 -5.30 -12.89
C PHE A 74 4.60 -6.45 -13.40
N GLU A 75 4.43 -7.66 -12.84
CA GLU A 75 5.21 -8.82 -13.25
C GLU A 75 4.63 -9.45 -14.50
N GLY A 1 -47.37 23.74 5.97
CA GLY A 1 -47.39 22.41 5.35
C GLY A 1 -48.08 21.44 6.30
N ALA A 2 -47.96 20.13 6.07
CA ALA A 2 -48.57 19.14 6.95
C ALA A 2 -47.80 19.11 8.28
N MET A 3 -48.37 18.44 9.28
CA MET A 3 -47.83 18.24 10.62
C MET A 3 -48.31 16.87 11.08
N GLY A 4 -47.78 16.37 12.20
CA GLY A 4 -48.13 15.06 12.76
C GLY A 4 -46.87 14.26 12.99
N PRO A 5 -46.31 13.60 11.95
CA PRO A 5 -45.10 12.80 12.09
C PRO A 5 -43.94 13.70 12.51
N GLN A 6 -43.25 13.29 13.58
CA GLN A 6 -42.11 13.97 14.19
C GLN A 6 -41.36 12.92 15.02
N GLY A 7 -40.16 13.24 15.51
CA GLY A 7 -39.36 12.33 16.32
C GLY A 7 -37.88 12.58 16.09
N SER A 8 -37.03 11.72 16.62
CA SER A 8 -35.57 11.74 16.51
C SER A 8 -35.08 10.32 16.80
N THR A 9 -33.83 10.03 16.48
CA THR A 9 -33.20 8.73 16.69
C THR A 9 -31.68 8.93 16.64
N GLN A 10 -30.91 7.85 16.63
CA GLN A 10 -29.46 7.80 16.56
C GLN A 10 -29.08 6.82 15.44
N ASN A 11 -27.79 6.63 15.18
CA ASN A 11 -27.30 5.72 14.15
C ASN A 11 -26.14 4.90 14.71
N ALA A 12 -25.88 3.73 14.13
CA ALA A 12 -24.79 2.84 14.51
C ALA A 12 -24.14 2.40 13.21
N LEU A 13 -23.11 3.14 12.81
CA LEU A 13 -22.32 2.92 11.61
C LEU A 13 -20.85 3.06 11.99
N ARG A 14 -19.95 2.49 11.17
CA ARG A 14 -18.50 2.52 11.37
C ARG A 14 -18.07 2.04 12.78
N ARG A 15 -18.90 1.32 13.53
CA ARG A 15 -18.55 0.86 14.88
C ARG A 15 -17.31 -0.03 14.84
N THR A 16 -17.43 -1.21 14.24
CA THR A 16 -16.33 -2.16 14.14
C THR A 16 -15.18 -1.52 13.34
N GLY A 17 -13.94 -1.86 13.66
CA GLY A 17 -12.76 -1.35 12.98
C GLY A 17 -12.78 -1.67 11.48
N ARG A 18 -12.04 -0.87 10.70
CA ARG A 18 -11.97 -1.07 9.25
C ARG A 18 -10.89 -2.10 8.96
N VAL A 19 -11.18 -3.04 8.07
CA VAL A 19 -10.21 -4.06 7.68
C VAL A 19 -9.07 -3.35 6.93
N ASN A 20 -7.85 -3.91 6.91
CA ASN A 20 -6.71 -3.31 6.23
C ASN A 20 -6.62 -3.80 4.79
N GLY A 21 -5.79 -3.14 4.00
CA GLY A 21 -5.52 -3.42 2.60
C GLY A 21 -6.59 -2.80 1.69
N GLY A 22 -6.27 -2.71 0.41
CA GLY A 22 -7.16 -2.14 -0.59
C GLY A 22 -7.53 -0.70 -0.26
N HIS A 23 -6.59 0.07 0.30
CA HIS A 23 -6.83 1.46 0.66
C HIS A 23 -6.63 2.35 -0.58
N PRO A 24 -7.34 3.47 -0.71
CA PRO A 24 -7.24 4.37 -1.85
C PRO A 24 -5.98 5.24 -1.73
N VAL A 25 -5.12 5.25 -2.74
CA VAL A 25 -3.89 6.03 -2.71
C VAL A 25 -3.85 7.06 -3.82
N THR A 26 -3.28 8.22 -3.48
CA THR A 26 -3.13 9.40 -4.32
C THR A 26 -1.65 9.60 -4.63
N THR A 27 -1.34 10.37 -5.68
CA THR A 27 0.03 10.66 -6.12
C THR A 27 0.90 11.20 -4.99
N GLN A 28 0.30 12.03 -4.12
CA GLN A 28 0.97 12.65 -2.99
C GLN A 28 1.51 11.61 -2.01
N MET A 29 0.85 10.47 -1.88
CA MET A 29 1.32 9.43 -0.97
C MET A 29 2.58 8.80 -1.56
N VAL A 30 2.54 8.48 -2.86
CA VAL A 30 3.65 7.87 -3.58
C VAL A 30 4.87 8.79 -3.52
N GLU A 31 4.72 10.07 -3.89
CA GLU A 31 5.84 11.01 -3.87
C GLU A 31 6.34 11.20 -2.45
N THR A 32 5.48 11.31 -1.44
CA THR A 32 5.93 11.49 -0.05
C THR A 32 6.94 10.37 0.28
N VAL A 33 6.51 9.11 0.20
CA VAL A 33 7.43 8.00 0.48
C VAL A 33 8.65 8.13 -0.42
N GLN A 34 8.49 8.30 -1.74
CA GLN A 34 9.62 8.39 -2.66
C GLN A 34 10.64 9.46 -2.29
N ASN A 35 10.18 10.66 -1.92
CA ASN A 35 11.00 11.79 -1.53
C ASN A 35 11.85 11.39 -0.32
N LEU A 36 11.24 10.71 0.65
CA LEU A 36 11.92 10.28 1.87
C LEU A 36 12.73 8.99 1.69
N ALA A 37 12.32 8.14 0.75
CA ALA A 37 12.89 6.86 0.40
C ALA A 37 13.32 6.81 -1.07
N PRO A 38 14.42 7.48 -1.44
CA PRO A 38 14.92 7.46 -2.82
C PRO A 38 15.53 6.09 -3.18
N ASN A 39 15.60 5.18 -2.21
CA ASN A 39 16.12 3.82 -2.27
C ASN A 39 15.01 2.80 -2.57
N LEU A 40 13.86 3.24 -3.10
CA LEU A 40 12.71 2.40 -3.42
C LEU A 40 12.16 2.74 -4.82
N HIS A 41 11.49 1.78 -5.46
CA HIS A 41 10.89 1.97 -6.78
C HIS A 41 9.56 2.69 -6.58
N PRO A 42 9.18 3.62 -7.47
CA PRO A 42 7.94 4.36 -7.34
C PRO A 42 6.69 3.49 -7.49
N GLU A 43 6.78 2.40 -8.26
CA GLU A 43 5.64 1.52 -8.46
C GLU A 43 5.37 0.67 -7.23
N GLN A 44 6.44 0.15 -6.60
CA GLN A 44 6.30 -0.67 -5.39
C GLN A 44 5.61 0.15 -4.29
N ILE A 45 5.99 1.44 -4.15
CA ILE A 45 5.45 2.34 -3.14
C ILE A 45 3.94 2.31 -3.21
N ARG A 46 3.35 2.64 -4.36
CA ARG A 46 1.91 2.65 -4.56
C ARG A 46 1.25 1.37 -3.99
N TYR A 47 1.80 0.19 -4.27
CA TYR A 47 1.26 -1.06 -3.76
C TYR A 47 1.34 -1.14 -2.24
N SER A 48 2.51 -0.82 -1.71
CA SER A 48 2.74 -0.86 -0.27
C SER A 48 1.72 0.06 0.39
N LEU A 49 1.56 1.28 -0.10
CA LEU A 49 0.61 2.27 0.41
C LEU A 49 -0.82 1.72 0.39
N GLU A 50 -1.20 0.98 -0.66
CA GLU A 50 -2.54 0.40 -0.75
C GLU A 50 -2.75 -0.67 0.32
N ASN A 51 -1.68 -1.37 0.69
CA ASN A 51 -1.73 -2.43 1.69
C ASN A 51 -1.79 -1.88 3.12
N THR A 52 -0.88 -0.97 3.45
CA THR A 52 -0.74 -0.35 4.76
C THR A 52 -1.83 0.70 5.03
N GLY A 53 -2.17 1.54 4.04
CA GLY A 53 -3.18 2.59 4.09
C GLY A 53 -2.70 3.97 4.53
N SER A 54 -1.49 4.15 5.07
CA SER A 54 -1.04 5.48 5.50
C SER A 54 0.44 5.66 5.28
N VAL A 55 0.90 6.67 4.54
CA VAL A 55 2.31 6.91 4.22
C VAL A 55 3.23 6.70 5.41
N GLU A 56 2.80 7.18 6.57
CA GLU A 56 3.55 7.07 7.81
C GLU A 56 4.05 5.63 8.05
N GLU A 57 3.18 4.63 7.83
CA GLU A 57 3.54 3.23 8.02
C GLU A 57 4.57 2.82 6.97
N THR A 58 4.41 3.24 5.71
CA THR A 58 5.33 2.90 4.62
C THR A 58 6.74 3.43 4.91
N VAL A 59 6.84 4.62 5.48
CA VAL A 59 8.12 5.19 5.79
C VAL A 59 8.76 4.42 6.95
N GLU A 60 7.98 4.00 7.96
CA GLU A 60 8.46 3.25 9.12
C GLU A 60 8.96 1.86 8.72
N ARG A 61 8.24 1.18 7.83
CA ARG A 61 8.63 -0.15 7.39
C ARG A 61 9.81 -0.04 6.43
N TYR A 62 9.85 1.00 5.59
CA TYR A 62 10.95 1.22 4.65
C TYR A 62 12.27 1.30 5.41
N LEU A 63 12.38 2.23 6.37
CA LEU A 63 13.60 2.40 7.15
C LEU A 63 14.00 1.13 7.90
N ARG A 64 13.07 0.21 8.16
CA ARG A 64 13.35 -1.04 8.86
C ARG A 64 13.73 -2.15 7.87
N GLY A 65 13.65 -1.89 6.56
CA GLY A 65 14.00 -2.86 5.54
C GLY A 65 12.94 -3.95 5.39
N ASP A 66 11.66 -3.60 5.52
CA ASP A 66 10.55 -4.55 5.40
C ASP A 66 10.38 -5.01 3.93
N GLU A 67 9.37 -5.86 3.66
CA GLU A 67 9.08 -6.37 2.32
C GLU A 67 8.24 -5.36 1.55
N PHE A 68 8.67 -5.08 0.32
CA PHE A 68 8.02 -4.17 -0.60
C PHE A 68 7.88 -4.91 -1.92
N SER A 69 6.67 -5.26 -2.29
CA SER A 69 6.36 -5.96 -3.54
C SER A 69 5.92 -4.96 -4.60
N PHE A 70 5.84 -5.42 -5.84
CA PHE A 70 5.41 -4.62 -6.98
C PHE A 70 3.88 -4.82 -7.11
N PRO A 71 3.15 -3.87 -7.71
CA PRO A 71 1.70 -3.97 -7.86
C PRO A 71 1.26 -5.06 -8.85
N PRO A 72 -0.05 -5.38 -8.88
CA PRO A 72 -0.59 -6.38 -9.80
C PRO A 72 -0.38 -5.89 -11.23
N GLY A 73 -0.20 -6.82 -12.16
CA GLY A 73 0.00 -6.49 -13.57
C GLY A 73 1.41 -6.02 -13.88
N PHE A 74 2.24 -5.70 -12.87
CA PHE A 74 3.62 -5.26 -13.10
C PHE A 74 4.45 -6.45 -13.63
N GLU A 75 3.99 -7.66 -13.31
CA GLU A 75 4.47 -8.97 -13.65
C GLU A 75 3.33 -9.63 -14.42
N GLY A 1 -38.06 -10.58 28.63
CA GLY A 1 -37.77 -9.16 28.85
C GLY A 1 -36.40 -8.82 28.28
N ALA A 2 -36.02 -7.55 28.27
CA ALA A 2 -34.71 -7.13 27.76
C ALA A 2 -33.62 -7.70 28.67
N MET A 3 -32.73 -8.51 28.12
CA MET A 3 -31.61 -9.15 28.79
C MET A 3 -30.68 -9.64 27.69
N GLY A 4 -29.38 -9.77 27.96
CA GLY A 4 -28.40 -10.24 26.99
C GLY A 4 -26.98 -9.89 27.44
N PRO A 5 -25.95 -10.34 26.70
CA PRO A 5 -24.56 -10.06 27.03
C PRO A 5 -24.20 -8.60 26.70
N GLN A 6 -23.05 -8.18 27.21
CA GLN A 6 -22.49 -6.84 27.06
C GLN A 6 -21.07 -6.94 26.48
N GLY A 7 -20.34 -5.82 26.42
CA GLY A 7 -18.98 -5.78 25.90
C GLY A 7 -18.49 -4.34 25.76
N SER A 8 -17.27 -4.19 25.25
CA SER A 8 -16.53 -2.94 25.00
C SER A 8 -17.14 -2.08 23.87
N THR A 9 -18.42 -2.28 23.56
CA THR A 9 -19.30 -1.69 22.56
C THR A 9 -20.41 -2.71 22.34
N GLN A 10 -21.46 -2.34 21.61
CA GLN A 10 -22.59 -3.18 21.27
C GLN A 10 -22.49 -3.42 19.76
N ASN A 11 -23.08 -4.51 19.25
CA ASN A 11 -23.03 -4.78 17.82
C ASN A 11 -23.68 -3.62 17.05
N ALA A 12 -23.36 -3.48 15.77
CA ALA A 12 -23.85 -2.43 14.90
C ALA A 12 -24.41 -3.01 13.61
N LEU A 13 -25.00 -2.12 12.82
CA LEU A 13 -25.57 -2.46 11.53
C LEU A 13 -24.43 -2.94 10.62
N ARG A 14 -24.72 -3.93 9.77
CA ARG A 14 -23.79 -4.53 8.82
C ARG A 14 -22.95 -3.47 8.10
N ARG A 15 -21.74 -3.84 7.69
CA ARG A 15 -20.77 -2.95 7.02
C ARG A 15 -20.52 -1.73 7.92
N THR A 16 -20.30 -1.99 9.22
CA THR A 16 -20.05 -0.98 10.24
C THR A 16 -18.85 -0.09 9.87
N GLY A 17 -17.84 -0.60 9.15
CA GLY A 17 -16.67 0.18 8.77
C GLY A 17 -15.75 -0.60 7.84
N ARG A 18 -14.58 -0.02 7.54
CA ARG A 18 -13.57 -0.63 6.67
C ARG A 18 -12.80 -1.72 7.41
N VAL A 19 -11.90 -2.37 6.70
CA VAL A 19 -11.02 -3.43 7.17
C VAL A 19 -9.70 -3.23 6.41
N ASN A 20 -8.59 -3.72 6.97
CA ASN A 20 -7.28 -3.59 6.34
C ASN A 20 -7.23 -4.40 5.05
N GLY A 21 -6.38 -3.97 4.10
CA GLY A 21 -6.19 -4.65 2.83
C GLY A 21 -6.87 -3.99 1.63
N GLY A 22 -6.10 -3.22 0.85
CA GLY A 22 -6.55 -2.54 -0.36
C GLY A 22 -7.31 -1.27 -0.03
N HIS A 23 -6.59 -0.18 0.23
CA HIS A 23 -7.12 1.13 0.56
C HIS A 23 -6.87 2.13 -0.59
N PRO A 24 -7.60 3.25 -0.65
CA PRO A 24 -7.46 4.26 -1.68
C PRO A 24 -6.24 5.15 -1.42
N VAL A 25 -5.54 5.56 -2.46
CA VAL A 25 -4.37 6.43 -2.36
C VAL A 25 -4.46 7.54 -3.40
N THR A 26 -3.60 8.54 -3.23
CA THR A 26 -3.47 9.70 -4.07
C THR A 26 -2.00 9.80 -4.51
N THR A 27 -1.73 10.54 -5.58
CA THR A 27 -0.37 10.71 -6.10
C THR A 27 0.55 11.30 -5.02
N GLN A 28 0.04 12.22 -4.19
CA GLN A 28 0.83 12.83 -3.13
C GLN A 28 1.39 11.78 -2.18
N MET A 29 0.66 10.70 -1.89
CA MET A 29 1.17 9.68 -0.99
C MET A 29 2.42 9.02 -1.60
N VAL A 30 2.41 8.80 -2.92
CA VAL A 30 3.50 8.18 -3.67
C VAL A 30 4.76 9.04 -3.61
N GLU A 31 4.67 10.29 -4.05
CA GLU A 31 5.81 11.20 -4.05
C GLU A 31 6.34 11.40 -2.64
N THR A 32 5.50 11.53 -1.62
CA THR A 32 5.95 11.71 -0.23
C THR A 32 6.83 10.51 0.14
N VAL A 33 6.32 9.27 0.07
CA VAL A 33 7.14 8.11 0.39
C VAL A 33 8.43 8.16 -0.44
N GLN A 34 8.34 8.36 -1.76
CA GLN A 34 9.52 8.39 -2.63
C GLN A 34 10.56 9.40 -2.13
N ASN A 35 10.11 10.61 -1.77
CA ASN A 35 10.98 11.66 -1.26
C ASN A 35 11.71 11.21 -0.01
N LEU A 36 11.04 10.43 0.85
CA LEU A 36 11.63 9.93 2.09
C LEU A 36 12.35 8.59 1.92
N ALA A 37 12.11 7.89 0.81
CA ALA A 37 12.65 6.60 0.46
C ALA A 37 13.10 6.56 -1.00
N PRO A 38 14.19 7.24 -1.38
CA PRO A 38 14.67 7.25 -2.76
C PRO A 38 15.16 5.87 -3.22
N ASN A 39 15.40 4.95 -2.28
CA ASN A 39 15.85 3.58 -2.54
C ASN A 39 14.71 2.68 -3.04
N LEU A 40 13.44 3.11 -2.92
CA LEU A 40 12.31 2.30 -3.37
C LEU A 40 11.92 2.63 -4.80
N HIS A 41 11.26 1.68 -5.48
CA HIS A 41 10.80 1.85 -6.84
C HIS A 41 9.50 2.64 -6.75
N PRO A 42 9.18 3.51 -7.72
CA PRO A 42 7.98 4.31 -7.68
C PRO A 42 6.70 3.48 -7.77
N GLU A 43 6.75 2.34 -8.46
CA GLU A 43 5.57 1.51 -8.60
C GLU A 43 5.31 0.69 -7.34
N GLN A 44 6.38 0.26 -6.65
CA GLN A 44 6.22 -0.50 -5.41
C GLN A 44 5.56 0.40 -4.37
N ILE A 45 5.88 1.70 -4.37
CA ILE A 45 5.37 2.68 -3.43
C ILE A 45 3.85 2.68 -3.47
N ARG A 46 3.24 2.96 -4.62
CA ARG A 46 1.79 2.95 -4.72
C ARG A 46 1.20 1.70 -4.09
N TYR A 47 1.75 0.54 -4.43
CA TYR A 47 1.25 -0.72 -3.89
C TYR A 47 1.32 -0.77 -2.37
N SER A 48 2.44 -0.35 -1.82
CA SER A 48 2.65 -0.35 -0.39
C SER A 48 1.65 0.58 0.28
N LEU A 49 1.43 1.76 -0.28
CA LEU A 49 0.48 2.73 0.27
C LEU A 49 -0.93 2.17 0.32
N GLU A 50 -1.30 1.41 -0.71
CA GLU A 50 -2.61 0.79 -0.81
C GLU A 50 -2.74 -0.33 0.22
N ASN A 51 -1.62 -0.95 0.57
CA ASN A 51 -1.57 -2.04 1.55
C ASN A 51 -1.48 -1.59 3.00
N THR A 52 -0.65 -0.59 3.33
CA THR A 52 -0.46 -0.09 4.68
C THR A 52 -1.60 0.86 5.07
N GLY A 53 -2.00 1.73 4.13
CA GLY A 53 -3.03 2.72 4.38
C GLY A 53 -2.45 4.01 5.00
N SER A 54 -1.13 4.09 5.22
CA SER A 54 -0.44 5.25 5.77
C SER A 54 0.94 5.42 5.13
N VAL A 55 1.25 6.63 4.66
CA VAL A 55 2.54 6.97 4.07
C VAL A 55 3.56 6.76 5.19
N GLU A 56 3.27 7.27 6.39
CA GLU A 56 4.13 7.13 7.55
C GLU A 56 4.41 5.65 7.82
N GLU A 57 3.40 4.78 7.78
CA GLU A 57 3.56 3.34 8.02
C GLU A 57 4.54 2.77 6.99
N THR A 58 4.38 3.16 5.73
CA THR A 58 5.18 2.74 4.59
C THR A 58 6.65 3.14 4.78
N VAL A 59 6.90 4.34 5.27
CA VAL A 59 8.25 4.85 5.49
C VAL A 59 8.86 4.18 6.73
N GLU A 60 8.07 3.95 7.78
CA GLU A 60 8.50 3.35 9.04
C GLU A 60 8.91 1.90 8.84
N ARG A 61 8.20 1.17 7.98
CA ARG A 61 8.55 -0.23 7.71
C ARG A 61 9.75 -0.23 6.76
N TYR A 62 9.78 0.67 5.78
CA TYR A 62 10.88 0.77 4.84
C TYR A 62 12.22 0.94 5.53
N LEU A 63 12.33 1.91 6.44
CA LEU A 63 13.56 2.19 7.16
C LEU A 63 14.05 1.02 8.01
N ARG A 64 13.19 0.03 8.28
CA ARG A 64 13.53 -1.17 9.03
C ARG A 64 14.05 -2.26 8.09
N GLY A 65 13.90 -2.08 6.77
CA GLY A 65 14.33 -3.03 5.77
C GLY A 65 13.28 -4.12 5.53
N ASP A 66 11.98 -3.80 5.74
CA ASP A 66 10.85 -4.74 5.58
C ASP A 66 10.67 -5.21 4.12
N GLU A 67 9.65 -6.02 3.85
CA GLU A 67 9.31 -6.58 2.55
C GLU A 67 8.39 -5.64 1.78
N PHE A 68 8.67 -5.50 0.48
CA PHE A 68 7.96 -4.65 -0.45
C PHE A 68 7.80 -5.29 -1.82
N SER A 69 6.58 -5.68 -2.14
CA SER A 69 6.22 -6.26 -3.43
C SER A 69 5.99 -5.16 -4.47
N PHE A 70 5.72 -5.58 -5.71
CA PHE A 70 5.42 -4.76 -6.87
C PHE A 70 3.91 -4.87 -7.14
N PRO A 71 3.30 -3.89 -7.82
CA PRO A 71 1.88 -3.92 -8.10
C PRO A 71 1.49 -5.05 -9.07
N PRO A 72 0.25 -5.53 -9.03
CA PRO A 72 -0.25 -6.59 -9.87
C PRO A 72 -0.17 -6.20 -11.34
N GLY A 73 0.52 -7.03 -12.10
CA GLY A 73 0.74 -6.85 -13.53
C GLY A 73 2.13 -6.30 -13.83
N PHE A 74 2.94 -5.97 -12.82
CA PHE A 74 4.30 -5.47 -13.04
C PHE A 74 5.23 -6.64 -13.37
N GLU A 75 4.98 -7.80 -12.78
CA GLU A 75 5.77 -9.01 -12.94
C GLU A 75 5.42 -9.75 -14.23
N GLY A 1 26.05 -13.45 -8.58
CA GLY A 1 24.72 -14.07 -8.47
C GLY A 1 24.04 -14.08 -9.82
N ALA A 2 22.82 -13.55 -9.86
CA ALA A 2 21.95 -13.41 -11.01
C ALA A 2 21.01 -12.24 -10.68
N MET A 3 20.07 -11.90 -11.56
CA MET A 3 19.15 -10.79 -11.32
C MET A 3 17.83 -11.01 -12.06
N GLY A 4 17.89 -11.35 -13.35
CA GLY A 4 16.72 -11.57 -14.19
C GLY A 4 15.92 -10.28 -14.34
N PRO A 5 16.49 -9.21 -14.94
CA PRO A 5 15.81 -7.93 -15.12
C PRO A 5 14.63 -8.05 -16.09
N GLN A 6 13.48 -7.49 -15.70
CA GLN A 6 12.28 -7.48 -16.51
C GLN A 6 12.45 -6.40 -17.59
N GLY A 7 11.62 -6.48 -18.63
CA GLY A 7 11.65 -5.54 -19.74
C GLY A 7 10.79 -6.08 -20.87
N SER A 8 9.48 -6.13 -20.64
CA SER A 8 8.47 -6.61 -21.56
C SER A 8 7.17 -5.86 -21.22
N THR A 9 6.04 -6.24 -21.82
CA THR A 9 4.78 -5.60 -21.51
C THR A 9 4.26 -6.19 -20.20
N GLN A 10 4.20 -5.38 -19.16
CA GLN A 10 3.73 -5.79 -17.84
C GLN A 10 2.25 -6.15 -17.95
N ASN A 11 1.87 -7.39 -17.62
CA ASN A 11 0.48 -7.82 -17.76
C ASN A 11 -0.02 -8.93 -16.83
N ALA A 12 -0.69 -8.58 -15.73
CA ALA A 12 -1.23 -9.61 -14.83
C ALA A 12 -2.35 -10.34 -15.59
N LEU A 13 -2.36 -11.66 -15.56
CA LEU A 13 -3.34 -12.51 -16.23
C LEU A 13 -3.85 -13.66 -15.36
N ARG A 14 -3.37 -13.77 -14.11
CA ARG A 14 -3.73 -14.82 -13.15
C ARG A 14 -4.40 -14.20 -11.93
N ARG A 15 -5.71 -14.35 -11.82
CA ARG A 15 -6.55 -13.85 -10.73
C ARG A 15 -6.22 -14.60 -9.44
N THR A 16 -6.50 -14.02 -8.27
CA THR A 16 -6.24 -14.65 -6.99
C THR A 16 -7.57 -14.77 -6.25
N GLY A 17 -7.93 -13.78 -5.43
CA GLY A 17 -9.19 -13.81 -4.70
C GLY A 17 -9.21 -12.90 -3.48
N ARG A 18 -8.24 -13.06 -2.57
CA ARG A 18 -8.17 -12.22 -1.38
C ARG A 18 -7.73 -10.81 -1.78
N VAL A 19 -7.62 -9.92 -0.80
CA VAL A 19 -7.25 -8.53 -1.00
C VAL A 19 -5.99 -8.12 -0.23
N ASN A 20 -5.71 -8.79 0.90
CA ASN A 20 -4.61 -8.64 1.86
C ASN A 20 -4.36 -7.25 2.45
N GLY A 21 -4.96 -6.19 1.91
CA GLY A 21 -4.82 -4.82 2.35
C GLY A 21 -5.02 -4.00 1.10
N GLY A 22 -6.09 -3.22 1.04
CA GLY A 22 -6.39 -2.40 -0.12
C GLY A 22 -7.18 -1.18 0.31
N HIS A 23 -6.49 -0.07 0.46
CA HIS A 23 -7.02 1.22 0.85
C HIS A 23 -6.82 2.17 -0.33
N PRO A 24 -7.60 3.25 -0.45
CA PRO A 24 -7.43 4.20 -1.54
C PRO A 24 -6.20 5.06 -1.27
N VAL A 25 -5.47 5.37 -2.33
CA VAL A 25 -4.27 6.20 -2.28
C VAL A 25 -4.33 7.20 -3.42
N THR A 26 -3.56 8.26 -3.31
CA THR A 26 -3.44 9.33 -4.27
C THR A 26 -1.95 9.43 -4.61
N THR A 27 -1.59 10.01 -5.76
CA THR A 27 -0.20 10.12 -6.14
C THR A 27 0.64 10.90 -5.11
N GLN A 28 0.05 11.87 -4.38
CA GLN A 28 0.79 12.63 -3.38
C GLN A 28 1.39 11.71 -2.31
N MET A 29 0.72 10.61 -1.98
CA MET A 29 1.23 9.67 -1.01
C MET A 29 2.48 9.00 -1.58
N VAL A 30 2.41 8.62 -2.86
CA VAL A 30 3.49 7.96 -3.60
C VAL A 30 4.76 8.80 -3.58
N GLU A 31 4.68 10.06 -4.04
CA GLU A 31 5.84 10.94 -4.06
C GLU A 31 6.36 11.12 -2.63
N THR A 32 5.51 11.21 -1.60
CA THR A 32 6.01 11.38 -0.23
C THR A 32 6.95 10.22 0.12
N VAL A 33 6.50 8.95 0.07
CA VAL A 33 7.39 7.83 0.40
C VAL A 33 8.65 7.94 -0.47
N GLN A 34 8.53 8.20 -1.77
CA GLN A 34 9.68 8.31 -2.66
C GLN A 34 10.71 9.33 -2.16
N ASN A 35 10.27 10.55 -1.83
CA ASN A 35 11.15 11.61 -1.34
C ASN A 35 11.88 11.18 -0.08
N LEU A 36 11.19 10.48 0.83
CA LEU A 36 11.78 10.05 2.09
C LEU A 36 12.55 8.74 1.95
N ALA A 37 12.26 7.91 0.94
CA ALA A 37 12.87 6.62 0.65
C ALA A 37 13.27 6.55 -0.82
N PRO A 38 14.34 7.27 -1.22
CA PRO A 38 14.84 7.31 -2.60
C PRO A 38 15.48 6.00 -3.07
N ASN A 39 15.66 5.00 -2.18
CA ASN A 39 16.25 3.70 -2.53
C ASN A 39 15.17 2.70 -2.97
N LEU A 40 13.91 3.12 -3.08
CA LEU A 40 12.78 2.28 -3.48
C LEU A 40 12.29 2.67 -4.87
N HIS A 41 11.55 1.78 -5.53
CA HIS A 41 11.00 1.96 -6.86
C HIS A 41 9.71 2.79 -6.74
N PRO A 42 9.40 3.67 -7.70
CA PRO A 42 8.22 4.49 -7.66
C PRO A 42 6.91 3.72 -7.88
N GLU A 43 6.97 2.57 -8.56
CA GLU A 43 5.79 1.75 -8.85
C GLU A 43 5.42 0.91 -7.61
N GLN A 44 6.42 0.37 -6.89
CA GLN A 44 6.20 -0.43 -5.69
C GLN A 44 5.40 0.35 -4.65
N ILE A 45 5.76 1.62 -4.45
CA ILE A 45 5.16 2.51 -3.48
C ILE A 45 3.65 2.49 -3.53
N ARG A 46 3.06 2.74 -4.69
CA ARG A 46 1.60 2.73 -4.81
C ARG A 46 1.00 1.47 -4.15
N TYR A 47 1.56 0.30 -4.44
CA TYR A 47 1.06 -0.94 -3.87
C TYR A 47 1.24 -0.98 -2.36
N SER A 48 2.40 -0.53 -1.88
CA SER A 48 2.71 -0.51 -0.46
C SER A 48 1.71 0.35 0.27
N LEU A 49 1.44 1.55 -0.25
CA LEU A 49 0.50 2.49 0.32
C LEU A 49 -0.91 1.90 0.34
N GLU A 50 -1.29 1.15 -0.68
CA GLU A 50 -2.63 0.57 -0.71
C GLU A 50 -2.75 -0.54 0.35
N ASN A 51 -1.68 -1.28 0.60
CA ASN A 51 -1.66 -2.37 1.58
C ASN A 51 -1.63 -1.87 3.01
N THR A 52 -0.75 -0.90 3.31
CA THR A 52 -0.58 -0.33 4.63
C THR A 52 -1.69 0.68 4.96
N GLY A 53 -2.07 1.49 3.97
CA GLY A 53 -3.07 2.53 4.02
C GLY A 53 -2.47 3.92 4.26
N SER A 54 -1.20 4.04 4.70
CA SER A 54 -0.57 5.31 4.99
C SER A 54 0.91 5.34 4.60
N VAL A 55 1.35 6.54 4.25
CA VAL A 55 2.71 6.88 3.87
C VAL A 55 3.59 6.64 5.08
N GLU A 56 3.19 7.21 6.22
CA GLU A 56 3.91 7.13 7.48
C GLU A 56 4.25 5.66 7.80
N GLU A 57 3.28 4.75 7.64
CA GLU A 57 3.47 3.34 7.89
C GLU A 57 4.47 2.76 6.89
N THR A 58 4.31 3.08 5.60
CA THR A 58 5.17 2.64 4.51
C THR A 58 6.64 3.07 4.73
N VAL A 59 6.85 4.26 5.27
CA VAL A 59 8.16 4.81 5.53
C VAL A 59 8.75 4.16 6.79
N GLU A 60 7.92 3.89 7.80
CA GLU A 60 8.32 3.28 9.08
C GLU A 60 8.79 1.85 8.87
N ARG A 61 8.19 1.14 7.94
CA ARG A 61 8.59 -0.22 7.62
C ARG A 61 9.80 -0.16 6.69
N TYR A 62 9.84 0.81 5.79
CA TYR A 62 10.97 0.96 4.88
C TYR A 62 12.27 1.12 5.67
N LEU A 63 12.34 2.08 6.58
CA LEU A 63 13.52 2.34 7.41
C LEU A 63 13.92 1.14 8.28
N ARG A 64 12.99 0.21 8.52
CA ARG A 64 13.24 -0.98 9.32
C ARG A 64 13.78 -2.12 8.42
N GLY A 65 13.67 -1.98 7.10
CA GLY A 65 14.17 -2.97 6.15
C GLY A 65 13.14 -4.02 5.79
N ASP A 66 11.85 -3.71 5.97
CA ASP A 66 10.73 -4.61 5.67
C ASP A 66 10.66 -4.91 4.17
N GLU A 67 9.77 -5.81 3.73
CA GLU A 67 9.58 -6.18 2.34
C GLU A 67 8.67 -5.20 1.60
N PHE A 68 9.05 -4.95 0.36
CA PHE A 68 8.40 -4.05 -0.57
C PHE A 68 8.15 -4.80 -1.87
N SER A 69 6.88 -5.07 -2.12
CA SER A 69 6.42 -5.76 -3.32
C SER A 69 6.02 -4.77 -4.43
N PHE A 70 5.70 -5.27 -5.62
CA PHE A 70 5.28 -4.49 -6.77
C PHE A 70 3.76 -4.66 -6.96
N PRO A 71 3.07 -3.71 -7.63
CA PRO A 71 1.62 -3.77 -7.82
C PRO A 71 1.15 -4.90 -8.75
N PRO A 72 -0.13 -5.31 -8.64
CA PRO A 72 -0.69 -6.36 -9.48
C PRO A 72 -0.78 -5.75 -10.88
N GLY A 73 -0.04 -6.34 -11.81
CA GLY A 73 0.03 -5.91 -13.20
C GLY A 73 1.47 -5.63 -13.62
N PHE A 74 2.41 -5.45 -12.68
CA PHE A 74 3.82 -5.16 -12.94
C PHE A 74 4.51 -6.35 -13.62
N GLU A 75 4.02 -7.56 -13.36
CA GLU A 75 4.54 -8.79 -13.95
C GLU A 75 3.62 -9.10 -15.12
N GLY A 1 -17.92 -10.20 -25.95
CA GLY A 1 -18.95 -10.93 -25.22
C GLY A 1 -20.29 -10.25 -25.35
N ALA A 2 -21.12 -10.34 -24.31
CA ALA A 2 -22.44 -9.72 -24.29
C ALA A 2 -22.27 -8.20 -24.10
N MET A 3 -23.36 -7.45 -24.25
CA MET A 3 -23.39 -5.99 -24.08
C MET A 3 -24.53 -5.55 -23.15
N GLY A 4 -25.37 -6.49 -22.72
CA GLY A 4 -26.50 -6.23 -21.83
C GLY A 4 -26.04 -6.12 -20.37
N PRO A 5 -26.99 -5.98 -19.43
CA PRO A 5 -26.69 -5.85 -18.01
C PRO A 5 -26.03 -7.13 -17.46
N GLN A 6 -25.46 -6.99 -16.26
CA GLN A 6 -24.76 -8.04 -15.53
C GLN A 6 -25.35 -8.16 -14.11
N GLY A 7 -24.97 -9.20 -13.38
CA GLY A 7 -25.41 -9.49 -12.03
C GLY A 7 -24.19 -9.91 -11.20
N SER A 8 -24.30 -11.06 -10.52
CA SER A 8 -23.23 -11.61 -9.70
C SER A 8 -22.18 -12.23 -10.65
N THR A 9 -21.23 -11.43 -11.10
CA THR A 9 -20.16 -11.86 -11.99
C THR A 9 -19.21 -12.75 -11.18
N GLN A 10 -19.15 -14.04 -11.48
CA GLN A 10 -18.29 -15.00 -10.79
C GLN A 10 -17.50 -15.79 -11.83
N ASN A 11 -16.36 -16.36 -11.43
CA ASN A 11 -15.49 -17.15 -12.29
C ASN A 11 -14.60 -18.07 -11.45
N ALA A 12 -14.03 -19.09 -12.09
CA ALA A 12 -13.17 -20.08 -11.47
C ALA A 12 -11.89 -19.42 -10.95
N LEU A 13 -11.80 -19.15 -9.65
CA LEU A 13 -10.64 -18.54 -9.02
C LEU A 13 -10.52 -19.03 -7.57
N ARG A 14 -9.42 -18.66 -6.91
CA ARG A 14 -9.19 -19.06 -5.52
C ARG A 14 -9.90 -18.16 -4.52
N ARG A 15 -10.05 -16.86 -4.79
CA ARG A 15 -10.74 -15.95 -3.87
C ARG A 15 -12.23 -16.28 -3.94
N THR A 16 -12.96 -15.98 -2.87
CA THR A 16 -14.40 -16.26 -2.78
C THR A 16 -15.16 -15.13 -2.05
N GLY A 17 -14.57 -13.95 -1.93
CA GLY A 17 -15.14 -12.77 -1.29
C GLY A 17 -15.12 -11.65 -2.31
N ARG A 18 -13.94 -11.07 -2.52
CA ARG A 18 -13.72 -10.01 -3.48
C ARG A 18 -12.27 -10.09 -3.97
N VAL A 19 -11.99 -9.38 -5.05
CA VAL A 19 -10.68 -9.29 -5.68
C VAL A 19 -10.47 -7.79 -5.89
N ASN A 20 -9.75 -7.18 -4.96
CA ASN A 20 -9.39 -5.76 -4.90
C ASN A 20 -7.93 -5.68 -4.41
N GLY A 21 -7.41 -4.48 -4.11
CA GLY A 21 -6.05 -4.25 -3.63
C GLY A 21 -6.02 -4.14 -2.11
N GLY A 22 -6.23 -2.93 -1.58
CA GLY A 22 -6.23 -2.69 -0.16
C GLY A 22 -7.00 -1.41 0.18
N HIS A 23 -6.27 -0.33 0.42
CA HIS A 23 -6.77 1.00 0.76
C HIS A 23 -6.63 1.95 -0.44
N PRO A 24 -7.38 3.06 -0.48
CA PRO A 24 -7.32 4.05 -1.55
C PRO A 24 -6.05 4.88 -1.38
N VAL A 25 -5.28 5.11 -2.45
CA VAL A 25 -4.06 5.92 -2.42
C VAL A 25 -4.04 6.87 -3.60
N THR A 26 -3.36 8.00 -3.46
CA THR A 26 -3.23 9.02 -4.47
C THR A 26 -1.76 9.33 -4.73
N THR A 27 -1.49 9.99 -5.85
CA THR A 27 -0.18 10.42 -6.33
C THR A 27 0.66 11.06 -5.21
N GLN A 28 0.08 11.99 -4.46
CA GLN A 28 0.77 12.71 -3.38
C GLN A 28 1.34 11.77 -2.33
N MET A 29 0.68 10.66 -2.04
CA MET A 29 1.20 9.72 -1.05
C MET A 29 2.48 9.07 -1.60
N VAL A 30 2.49 8.75 -2.89
CA VAL A 30 3.60 8.14 -3.59
C VAL A 30 4.84 9.02 -3.51
N GLU A 31 4.74 10.27 -3.96
CA GLU A 31 5.86 11.20 -3.95
C GLU A 31 6.36 11.39 -2.53
N THR A 32 5.49 11.52 -1.52
CA THR A 32 5.96 11.69 -0.15
C THR A 32 6.89 10.53 0.23
N VAL A 33 6.40 9.29 0.20
CA VAL A 33 7.24 8.14 0.51
C VAL A 33 8.52 8.19 -0.31
N GLN A 34 8.42 8.39 -1.63
CA GLN A 34 9.56 8.43 -2.53
C GLN A 34 10.63 9.41 -2.05
N ASN A 35 10.26 10.63 -1.67
CA ASN A 35 11.20 11.63 -1.19
C ASN A 35 11.92 11.10 0.05
N LEU A 36 11.18 10.47 0.96
CA LEU A 36 11.73 9.93 2.21
C LEU A 36 12.41 8.56 2.02
N ALA A 37 12.21 7.90 0.88
CA ALA A 37 12.76 6.60 0.52
C ALA A 37 13.19 6.56 -0.95
N PRO A 38 14.27 7.28 -1.34
CA PRO A 38 14.75 7.32 -2.71
C PRO A 38 15.35 5.97 -3.18
N ASN A 39 15.42 4.96 -2.31
CA ASN A 39 15.92 3.62 -2.59
C ASN A 39 14.79 2.73 -3.15
N LEU A 40 13.54 3.19 -3.09
CA LEU A 40 12.40 2.43 -3.56
C LEU A 40 11.98 2.84 -4.96
N HIS A 41 11.26 1.93 -5.62
CA HIS A 41 10.74 2.13 -6.97
C HIS A 41 9.45 2.95 -6.87
N PRO A 42 9.11 3.80 -7.84
CA PRO A 42 7.91 4.62 -7.79
C PRO A 42 6.63 3.78 -7.82
N GLU A 43 6.68 2.61 -8.47
CA GLU A 43 5.52 1.74 -8.58
C GLU A 43 5.28 0.92 -7.31
N GLN A 44 6.36 0.41 -6.69
CA GLN A 44 6.25 -0.38 -5.47
C GLN A 44 5.59 0.45 -4.37
N ILE A 45 5.97 1.73 -4.26
CA ILE A 45 5.46 2.65 -3.26
C ILE A 45 3.95 2.61 -3.30
N ARG A 46 3.33 2.96 -4.44
CA ARG A 46 1.89 2.95 -4.61
C ARG A 46 1.26 1.66 -4.07
N TYR A 47 1.84 0.49 -4.39
CA TYR A 47 1.29 -0.78 -3.92
C TYR A 47 1.37 -0.93 -2.39
N SER A 48 2.52 -0.56 -1.83
CA SER A 48 2.73 -0.67 -0.39
C SER A 48 1.80 0.31 0.31
N LEU A 49 1.58 1.49 -0.26
CA LEU A 49 0.67 2.49 0.28
C LEU A 49 -0.72 1.88 0.30
N GLU A 50 -1.10 1.09 -0.72
CA GLU A 50 -2.43 0.47 -0.74
C GLU A 50 -2.52 -0.57 0.37
N ASN A 51 -1.42 -1.25 0.66
CA ASN A 51 -1.38 -2.28 1.68
C ASN A 51 -1.47 -1.70 3.10
N THR A 52 -0.61 -0.73 3.42
CA THR A 52 -0.53 -0.08 4.71
C THR A 52 -1.68 0.91 4.95
N GLY A 53 -2.05 1.68 3.92
CA GLY A 53 -3.09 2.69 3.97
C GLY A 53 -2.54 4.03 4.47
N SER A 54 -1.25 4.12 4.87
CA SER A 54 -0.65 5.36 5.35
C SER A 54 0.83 5.48 4.93
N VAL A 55 1.21 6.66 4.45
CA VAL A 55 2.57 7.01 4.01
C VAL A 55 3.54 6.73 5.16
N GLU A 56 3.24 7.27 6.33
CA GLU A 56 4.00 7.15 7.57
C GLU A 56 4.38 5.70 7.85
N GLU A 57 3.43 4.76 7.73
CA GLU A 57 3.71 3.36 8.00
C GLU A 57 4.68 2.84 6.95
N THR A 58 4.45 3.19 5.70
CA THR A 58 5.24 2.80 4.55
C THR A 58 6.71 3.24 4.73
N VAL A 59 6.95 4.45 5.22
CA VAL A 59 8.31 4.94 5.42
C VAL A 59 8.90 4.25 6.65
N GLU A 60 8.12 3.98 7.70
CA GLU A 60 8.58 3.33 8.93
C GLU A 60 9.01 1.90 8.65
N ARG A 61 8.22 1.15 7.88
CA ARG A 61 8.56 -0.23 7.55
C ARG A 61 9.77 -0.22 6.63
N TYR A 62 9.86 0.76 5.73
CA TYR A 62 11.01 0.88 4.84
C TYR A 62 12.29 1.00 5.66
N LEU A 63 12.38 2.01 6.54
CA LEU A 63 13.55 2.20 7.40
C LEU A 63 13.80 0.98 8.30
N ARG A 64 12.78 0.16 8.60
CA ARG A 64 12.96 -1.04 9.44
C ARG A 64 13.47 -2.20 8.59
N GLY A 65 13.46 -2.10 7.26
CA GLY A 65 13.93 -3.11 6.32
C GLY A 65 12.87 -4.12 5.93
N ASP A 66 11.57 -3.78 6.05
CA ASP A 66 10.52 -4.74 5.70
C ASP A 66 10.47 -4.94 4.19
N GLU A 67 9.71 -5.94 3.72
CA GLU A 67 9.60 -6.24 2.29
C GLU A 67 8.63 -5.34 1.55
N PHE A 68 8.97 -5.08 0.29
CA PHE A 68 8.20 -4.26 -0.61
C PHE A 68 8.03 -5.03 -1.91
N SER A 69 6.80 -5.44 -2.13
CA SER A 69 6.36 -6.18 -3.31
C SER A 69 5.97 -5.15 -4.41
N PHE A 70 5.61 -5.63 -5.60
CA PHE A 70 5.19 -4.78 -6.73
C PHE A 70 3.69 -4.93 -6.95
N PRO A 71 3.03 -3.95 -7.56
CA PRO A 71 1.60 -3.98 -7.81
C PRO A 71 1.21 -5.01 -8.88
N PRO A 72 -0.06 -5.47 -8.87
CA PRO A 72 -0.53 -6.42 -9.86
C PRO A 72 -0.44 -5.76 -11.24
N GLY A 73 -0.23 -6.57 -12.28
CA GLY A 73 -0.09 -6.10 -13.64
C GLY A 73 1.37 -5.82 -14.02
N PHE A 74 2.27 -5.71 -13.03
CA PHE A 74 3.69 -5.49 -13.31
C PHE A 74 4.31 -6.83 -13.74
N GLU A 75 3.96 -7.89 -13.01
CA GLU A 75 4.42 -9.24 -13.27
C GLU A 75 3.60 -9.84 -14.41
N GLY A 1 4.71 -25.09 -13.88
CA GLY A 1 4.58 -23.66 -13.63
C GLY A 1 3.31 -23.14 -14.29
N ALA A 2 2.17 -23.27 -13.61
CA ALA A 2 0.89 -22.80 -14.13
C ALA A 2 0.80 -21.29 -13.84
N MET A 3 1.54 -20.50 -14.61
CA MET A 3 1.62 -19.05 -14.51
C MET A 3 0.23 -18.42 -14.69
N GLY A 4 -0.54 -18.93 -15.64
CA GLY A 4 -1.88 -18.44 -15.95
C GLY A 4 -1.84 -17.02 -16.52
N PRO A 5 -1.37 -16.83 -17.76
CA PRO A 5 -1.30 -15.51 -18.40
C PRO A 5 -2.71 -14.99 -18.76
N GLN A 6 -2.79 -13.83 -19.39
CA GLN A 6 -4.04 -13.20 -19.83
C GLN A 6 -4.38 -13.73 -21.24
N GLY A 7 -5.38 -13.12 -21.89
CA GLY A 7 -5.86 -13.43 -23.23
C GLY A 7 -6.36 -12.12 -23.82
N SER A 8 -7.43 -11.59 -23.26
CA SER A 8 -8.10 -10.35 -23.63
C SER A 8 -8.48 -9.63 -22.33
N THR A 9 -9.26 -8.57 -22.44
CA THR A 9 -9.77 -7.77 -21.35
C THR A 9 -11.22 -8.23 -21.15
N GLN A 10 -11.81 -7.96 -19.98
CA GLN A 10 -13.17 -8.37 -19.66
C GLN A 10 -13.83 -7.22 -18.93
N ASN A 11 -14.18 -6.17 -19.67
CA ASN A 11 -14.82 -4.97 -19.13
C ASN A 11 -16.32 -5.14 -19.27
N ALA A 12 -17.07 -4.59 -18.32
CA ALA A 12 -18.52 -4.63 -18.26
C ALA A 12 -19.03 -3.34 -17.63
N LEU A 13 -20.30 -2.98 -17.83
CA LEU A 13 -20.89 -1.77 -17.25
C LEU A 13 -21.79 -2.03 -16.05
N ARG A 14 -22.04 -3.30 -15.71
CA ARG A 14 -22.89 -3.65 -14.58
C ARG A 14 -22.27 -4.77 -13.77
N ARG A 15 -22.28 -4.62 -12.44
CA ARG A 15 -21.74 -5.56 -11.44
C ARG A 15 -22.75 -5.76 -10.32
N THR A 16 -22.42 -6.60 -9.34
CA THR A 16 -23.25 -6.92 -8.18
C THR A 16 -22.40 -6.73 -6.91
N GLY A 17 -22.56 -5.60 -6.23
CA GLY A 17 -21.87 -5.21 -5.00
C GLY A 17 -20.36 -5.38 -5.13
N ARG A 18 -19.71 -4.45 -5.83
CA ARG A 18 -18.25 -4.50 -6.06
C ARG A 18 -17.40 -4.80 -4.83
N VAL A 19 -16.46 -5.73 -5.01
CA VAL A 19 -15.50 -6.20 -4.03
C VAL A 19 -14.46 -5.10 -3.72
N ASN A 20 -13.54 -5.34 -2.79
CA ASN A 20 -12.49 -4.43 -2.38
C ASN A 20 -11.18 -5.19 -2.16
N GLY A 21 -10.12 -4.49 -1.76
CA GLY A 21 -8.83 -5.06 -1.51
C GLY A 21 -8.05 -4.20 -0.52
N GLY A 22 -7.33 -3.21 -1.03
CA GLY A 22 -6.54 -2.31 -0.23
C GLY A 22 -7.31 -1.05 0.12
N HIS A 23 -6.55 0.02 0.23
CA HIS A 23 -6.99 1.37 0.57
C HIS A 23 -6.78 2.31 -0.62
N PRO A 24 -7.57 3.38 -0.74
CA PRO A 24 -7.46 4.35 -1.82
C PRO A 24 -6.26 5.26 -1.54
N VAL A 25 -5.37 5.38 -2.52
CA VAL A 25 -4.18 6.21 -2.40
C VAL A 25 -4.14 7.23 -3.52
N THR A 26 -3.34 8.27 -3.34
CA THR A 26 -3.19 9.36 -4.29
C THR A 26 -1.73 9.52 -4.69
N THR A 27 -1.48 10.29 -5.72
CA THR A 27 -0.15 10.56 -6.25
C THR A 27 0.80 11.09 -5.16
N GLN A 28 0.28 12.00 -4.34
CA GLN A 28 0.99 12.66 -3.24
C GLN A 28 1.52 11.63 -2.23
N MET A 29 0.82 10.51 -2.03
CA MET A 29 1.29 9.51 -1.10
C MET A 29 2.57 8.90 -1.66
N VAL A 30 2.59 8.56 -2.96
CA VAL A 30 3.76 7.97 -3.61
C VAL A 30 4.96 8.89 -3.48
N GLU A 31 4.84 10.14 -3.94
CA GLU A 31 5.95 11.09 -3.86
C GLU A 31 6.41 11.28 -2.43
N THR A 32 5.52 11.35 -1.45
CA THR A 32 5.95 11.52 -0.06
C THR A 32 6.91 10.38 0.29
N VAL A 33 6.46 9.11 0.24
CA VAL A 33 7.38 8.01 0.57
C VAL A 33 8.61 8.06 -0.36
N GLN A 34 8.45 8.26 -1.67
CA GLN A 34 9.56 8.31 -2.63
C GLN A 34 10.64 9.33 -2.27
N ASN A 35 10.27 10.50 -1.76
CA ASN A 35 11.24 11.53 -1.37
C ASN A 35 11.98 11.03 -0.14
N LEU A 36 11.22 10.47 0.82
CA LEU A 36 11.77 9.98 2.06
C LEU A 36 12.59 8.68 1.84
N ALA A 37 12.25 7.89 0.82
CA ALA A 37 12.84 6.63 0.41
C ALA A 37 13.27 6.68 -1.07
N PRO A 38 14.38 7.36 -1.38
CA PRO A 38 14.89 7.44 -2.75
C PRO A 38 15.49 6.10 -3.20
N ASN A 39 15.58 5.11 -2.30
CA ASN A 39 16.12 3.77 -2.55
C ASN A 39 15.04 2.77 -3.00
N LEU A 40 13.80 3.24 -3.22
CA LEU A 40 12.66 2.43 -3.63
C LEU A 40 12.14 2.89 -4.99
N HIS A 41 11.36 2.02 -5.64
CA HIS A 41 10.74 2.30 -6.92
C HIS A 41 9.40 2.99 -6.65
N PRO A 42 8.94 3.91 -7.50
CA PRO A 42 7.67 4.60 -7.31
C PRO A 42 6.47 3.65 -7.37
N GLU A 43 6.62 2.52 -8.03
CA GLU A 43 5.55 1.56 -8.19
C GLU A 43 5.36 0.71 -6.94
N GLN A 44 6.46 0.24 -6.33
CA GLN A 44 6.37 -0.56 -5.12
C GLN A 44 5.64 0.26 -4.04
N ILE A 45 6.03 1.52 -3.91
CA ILE A 45 5.47 2.46 -2.96
C ILE A 45 3.96 2.46 -3.12
N ARG A 46 3.42 2.77 -4.30
CA ARG A 46 1.97 2.78 -4.53
C ARG A 46 1.29 1.51 -4.00
N TYR A 47 1.82 0.32 -4.28
CA TYR A 47 1.21 -0.93 -3.82
C TYR A 47 1.28 -1.04 -2.29
N SER A 48 2.40 -0.59 -1.76
CA SER A 48 2.66 -0.62 -0.32
C SER A 48 1.60 0.25 0.35
N LEU A 49 1.43 1.48 -0.14
CA LEU A 49 0.47 2.47 0.33
C LEU A 49 -0.93 1.88 0.25
N GLU A 50 -1.25 1.06 -0.77
CA GLU A 50 -2.59 0.47 -0.88
C GLU A 50 -2.78 -0.54 0.25
N ASN A 51 -1.74 -1.28 0.62
CA ASN A 51 -1.84 -2.26 1.69
C ASN A 51 -1.83 -1.61 3.07
N THR A 52 -0.83 -0.77 3.37
CA THR A 52 -0.67 -0.08 4.65
C THR A 52 -1.80 0.94 4.87
N GLY A 53 -2.16 1.67 3.81
CA GLY A 53 -3.20 2.69 3.78
C GLY A 53 -2.68 4.07 4.20
N SER A 54 -1.43 4.19 4.66
CA SER A 54 -0.82 5.44 5.08
C SER A 54 0.67 5.47 4.71
N VAL A 55 1.13 6.66 4.33
CA VAL A 55 2.50 6.98 3.96
C VAL A 55 3.39 6.71 5.16
N GLU A 56 2.99 7.21 6.32
CA GLU A 56 3.73 7.08 7.56
C GLU A 56 4.12 5.62 7.83
N GLU A 57 3.16 4.69 7.70
CA GLU A 57 3.40 3.28 7.95
C GLU A 57 4.41 2.75 6.94
N THR A 58 4.29 3.20 5.70
CA THR A 58 5.15 2.84 4.58
C THR A 58 6.59 3.30 4.84
N VAL A 59 6.75 4.46 5.45
CA VAL A 59 8.06 5.02 5.79
C VAL A 59 8.62 4.21 6.97
N GLU A 60 7.79 3.87 7.97
CA GLU A 60 8.17 3.12 9.16
C GLU A 60 8.67 1.71 8.83
N ARG A 61 8.09 1.08 7.81
CA ARG A 61 8.50 -0.26 7.39
C ARG A 61 9.74 -0.15 6.50
N TYR A 62 9.81 0.86 5.63
CA TYR A 62 10.96 1.07 4.75
C TYR A 62 12.26 1.20 5.53
N LEU A 63 12.29 2.08 6.52
CA LEU A 63 13.46 2.31 7.36
C LEU A 63 13.90 1.06 8.13
N ARG A 64 13.00 0.08 8.31
CA ARG A 64 13.33 -1.16 9.01
C ARG A 64 13.93 -2.18 8.03
N GLY A 65 13.84 -1.95 6.71
CA GLY A 65 14.36 -2.89 5.74
C GLY A 65 13.29 -3.98 5.51
N ASP A 66 12.01 -3.61 5.51
CA ASP A 66 10.92 -4.55 5.30
C ASP A 66 10.82 -4.96 3.83
N GLU A 67 9.97 -5.94 3.53
CA GLU A 67 9.74 -6.44 2.19
C GLU A 67 8.82 -5.50 1.42
N PHE A 68 9.21 -5.15 0.20
CA PHE A 68 8.43 -4.28 -0.68
C PHE A 68 8.31 -4.98 -2.02
N SER A 69 7.10 -5.41 -2.32
CA SER A 69 6.73 -6.09 -3.56
C SER A 69 6.12 -5.06 -4.52
N PHE A 70 5.78 -5.49 -5.73
CA PHE A 70 5.21 -4.65 -6.77
C PHE A 70 3.70 -4.92 -6.90
N PRO A 71 2.91 -3.98 -7.47
CA PRO A 71 1.46 -4.16 -7.63
C PRO A 71 1.10 -5.20 -8.70
N PRO A 72 -0.15 -5.69 -8.66
CA PRO A 72 -0.63 -6.65 -9.61
C PRO A 72 -0.60 -6.03 -11.02
N GLY A 73 -0.08 -6.79 -11.98
CA GLY A 73 0.05 -6.38 -13.37
C GLY A 73 1.45 -5.86 -13.70
N PHE A 74 2.32 -5.62 -12.72
CA PHE A 74 3.68 -5.15 -12.97
C PHE A 74 4.59 -6.27 -13.46
N GLU A 75 4.31 -7.52 -13.06
CA GLU A 75 5.10 -8.68 -13.42
C GLU A 75 4.48 -9.38 -14.60
N GLY A 1 -2.96 32.92 21.80
CA GLY A 1 -3.43 34.22 21.31
C GLY A 1 -4.59 34.00 20.37
N ALA A 2 -4.82 34.90 19.41
CA ALA A 2 -5.92 34.75 18.45
C ALA A 2 -5.72 33.51 17.56
N MET A 3 -4.47 33.16 17.30
CA MET A 3 -4.09 31.99 16.52
C MET A 3 -3.89 30.88 17.55
N GLY A 4 -4.99 30.24 17.96
CA GLY A 4 -4.97 29.16 18.93
C GLY A 4 -6.36 28.67 19.31
N PRO A 5 -7.16 28.13 18.37
CA PRO A 5 -8.49 27.63 18.68
C PRO A 5 -8.38 26.31 19.48
N GLN A 6 -9.46 25.92 20.16
CA GLN A 6 -9.51 24.70 20.97
C GLN A 6 -9.26 23.45 20.11
N GLY A 7 -8.79 22.38 20.75
CA GLY A 7 -8.51 21.10 20.10
C GLY A 7 -9.53 20.05 20.49
N SER A 8 -9.24 18.80 20.13
CA SER A 8 -10.07 17.63 20.40
C SER A 8 -9.18 16.40 20.57
N THR A 9 -9.81 15.25 20.84
CA THR A 9 -9.19 13.95 21.06
C THR A 9 -9.78 12.87 20.13
N GLN A 10 -10.67 13.28 19.21
CA GLN A 10 -11.38 12.47 18.23
C GLN A 10 -10.44 11.72 17.28
N ASN A 11 -9.86 10.63 17.76
CA ASN A 11 -8.94 9.77 17.02
C ASN A 11 -9.73 8.86 16.07
N ALA A 12 -11.02 8.65 16.33
CA ALA A 12 -11.88 7.83 15.50
C ALA A 12 -12.61 8.78 14.55
N LEU A 13 -12.55 8.52 13.25
CA LEU A 13 -13.19 9.34 12.22
C LEU A 13 -13.89 8.45 11.21
N ARG A 14 -14.75 9.07 10.40
CA ARG A 14 -15.57 8.45 9.36
C ARG A 14 -14.77 7.43 8.56
N ARG A 15 -15.20 6.17 8.60
CA ARG A 15 -14.56 5.09 7.88
C ARG A 15 -15.24 5.07 6.53
N THR A 16 -14.56 5.56 5.50
CA THR A 16 -15.07 5.64 4.14
C THR A 16 -14.02 4.98 3.25
N GLY A 17 -14.45 4.20 2.26
CA GLY A 17 -13.55 3.53 1.33
C GLY A 17 -14.07 2.13 0.98
N ARG A 18 -13.39 1.47 0.04
CA ARG A 18 -13.72 0.14 -0.44
C ARG A 18 -12.54 -0.80 -0.19
N VAL A 19 -12.71 -2.07 -0.55
CA VAL A 19 -11.73 -3.14 -0.40
C VAL A 19 -11.33 -3.62 -1.80
N ASN A 20 -11.04 -2.67 -2.69
CA ASN A 20 -10.65 -2.96 -4.07
C ASN A 20 -9.16 -3.32 -4.09
N GLY A 21 -8.81 -4.50 -3.58
CA GLY A 21 -7.45 -5.01 -3.51
C GLY A 21 -6.54 -4.30 -2.48
N GLY A 22 -6.92 -3.14 -1.96
CA GLY A 22 -6.19 -2.35 -0.99
C GLY A 22 -7.09 -1.19 -0.57
N HIS A 23 -6.45 -0.14 -0.10
CA HIS A 23 -7.00 1.13 0.38
C HIS A 23 -6.75 2.19 -0.69
N PRO A 24 -7.57 3.26 -0.78
CA PRO A 24 -7.39 4.30 -1.77
C PRO A 24 -6.18 5.16 -1.39
N VAL A 25 -5.41 5.56 -2.41
CA VAL A 25 -4.24 6.41 -2.27
C VAL A 25 -4.27 7.47 -3.36
N THR A 26 -3.44 8.50 -3.21
CA THR A 26 -3.32 9.62 -4.13
C THR A 26 -1.85 9.72 -4.56
N THR A 27 -1.56 10.46 -5.64
CA THR A 27 -0.23 10.65 -6.19
C THR A 27 0.72 11.22 -5.12
N GLN A 28 0.20 12.17 -4.33
CA GLN A 28 0.91 12.84 -3.24
C GLN A 28 1.45 11.86 -2.21
N MET A 29 0.78 10.73 -1.95
CA MET A 29 1.29 9.76 -0.98
C MET A 29 2.56 9.10 -1.54
N VAL A 30 2.54 8.77 -2.84
CA VAL A 30 3.66 8.12 -3.53
C VAL A 30 4.88 9.03 -3.43
N GLU A 31 4.77 10.28 -3.85
CA GLU A 31 5.90 11.20 -3.79
C GLU A 31 6.37 11.37 -2.35
N THR A 32 5.48 11.41 -1.34
CA THR A 32 5.91 11.53 0.07
C THR A 32 6.91 10.40 0.38
N VAL A 33 6.45 9.13 0.33
CA VAL A 33 7.35 8.00 0.59
C VAL A 33 8.59 8.10 -0.30
N GLN A 34 8.44 8.36 -1.60
CA GLN A 34 9.56 8.43 -2.53
C GLN A 34 10.62 9.44 -2.09
N ASN A 35 10.21 10.66 -1.72
CA ASN A 35 11.11 11.70 -1.29
C ASN A 35 11.90 11.22 -0.08
N LEU A 36 11.23 10.55 0.87
CA LEU A 36 11.86 10.05 2.08
C LEU A 36 12.61 8.72 1.86
N ALA A 37 12.30 7.98 0.79
CA ALA A 37 12.90 6.71 0.38
C ALA A 37 13.31 6.77 -1.09
N PRO A 38 14.43 7.44 -1.42
CA PRO A 38 14.90 7.51 -2.80
C PRO A 38 15.37 6.15 -3.33
N ASN A 39 15.58 5.20 -2.41
CA ASN A 39 16.03 3.83 -2.64
C ASN A 39 14.92 2.92 -3.17
N LEU A 40 13.65 3.26 -2.94
CA LEU A 40 12.52 2.43 -3.37
C LEU A 40 12.08 2.69 -4.80
N HIS A 41 11.43 1.67 -5.38
CA HIS A 41 10.89 1.72 -6.73
C HIS A 41 9.64 2.59 -6.69
N PRO A 42 9.33 3.35 -7.74
CA PRO A 42 8.17 4.23 -7.77
C PRO A 42 6.84 3.48 -7.76
N GLU A 43 6.79 2.24 -8.26
CA GLU A 43 5.57 1.46 -8.30
C GLU A 43 5.37 0.72 -6.98
N GLN A 44 6.46 0.21 -6.37
CA GLN A 44 6.41 -0.51 -5.10
C GLN A 44 5.80 0.39 -4.03
N ILE A 45 6.13 1.68 -4.08
CA ILE A 45 5.60 2.65 -3.14
C ILE A 45 4.07 2.62 -3.22
N ARG A 46 3.48 2.93 -4.38
CA ARG A 46 2.03 2.91 -4.53
C ARG A 46 1.45 1.63 -3.98
N TYR A 47 1.98 0.48 -4.38
CA TYR A 47 1.43 -0.77 -3.89
C TYR A 47 1.50 -0.89 -2.38
N SER A 48 2.62 -0.48 -1.79
CA SER A 48 2.78 -0.55 -0.36
C SER A 48 1.73 0.36 0.27
N LEU A 49 1.58 1.61 -0.20
CA LEU A 49 0.62 2.57 0.29
C LEU A 49 -0.79 2.01 0.25
N GLU A 50 -1.14 1.32 -0.84
CA GLU A 50 -2.48 0.74 -1.00
C GLU A 50 -2.69 -0.37 0.02
N ASN A 51 -1.64 -1.11 0.36
CA ASN A 51 -1.74 -2.20 1.32
C ASN A 51 -1.70 -1.73 2.77
N THR A 52 -0.78 -0.84 3.16
CA THR A 52 -0.61 -0.33 4.51
C THR A 52 -1.74 0.67 4.84
N GLY A 53 -2.08 1.51 3.88
CA GLY A 53 -3.10 2.55 3.95
C GLY A 53 -2.61 3.81 4.66
N SER A 54 -1.31 3.88 4.99
CA SER A 54 -0.69 5.03 5.66
C SER A 54 0.73 5.26 5.11
N VAL A 55 1.04 6.48 4.66
CA VAL A 55 2.37 6.84 4.15
C VAL A 55 3.34 6.57 5.30
N GLU A 56 3.03 7.07 6.49
CA GLU A 56 3.86 6.90 7.67
C GLU A 56 4.18 5.43 7.93
N GLU A 57 3.21 4.53 7.78
CA GLU A 57 3.46 3.10 7.98
C GLU A 57 4.50 2.65 6.96
N THR A 58 4.35 3.09 5.71
CA THR A 58 5.21 2.80 4.58
C THR A 58 6.64 3.32 4.81
N VAL A 59 6.80 4.50 5.40
CA VAL A 59 8.11 5.07 5.68
C VAL A 59 8.72 4.33 6.88
N GLU A 60 7.92 3.95 7.87
CA GLU A 60 8.34 3.25 9.09
C GLU A 60 8.79 1.83 8.82
N ARG A 61 8.21 1.17 7.81
CA ARG A 61 8.59 -0.19 7.41
C ARG A 61 9.81 -0.09 6.50
N TYR A 62 9.87 0.94 5.65
CA TYR A 62 10.98 1.17 4.73
C TYR A 62 12.28 1.30 5.52
N LEU A 63 12.34 2.23 6.47
CA LEU A 63 13.53 2.43 7.30
C LEU A 63 13.93 1.15 8.03
N ARG A 64 12.97 0.24 8.29
CA ARG A 64 13.25 -1.02 8.98
C ARG A 64 13.77 -2.09 8.01
N GLY A 65 13.74 -1.83 6.70
CA GLY A 65 14.20 -2.75 5.68
C GLY A 65 13.19 -3.83 5.39
N ASP A 66 11.90 -3.54 5.58
CA ASP A 66 10.83 -4.50 5.36
C ASP A 66 10.68 -4.86 3.88
N GLU A 67 9.82 -5.83 3.58
CA GLU A 67 9.53 -6.31 2.24
C GLU A 67 8.55 -5.37 1.57
N PHE A 68 8.78 -5.13 0.29
CA PHE A 68 7.97 -4.27 -0.54
C PHE A 68 7.70 -5.04 -1.83
N SER A 69 6.46 -5.48 -2.03
CA SER A 69 6.05 -6.20 -3.23
C SER A 69 5.71 -5.22 -4.36
N PHE A 70 5.52 -5.77 -5.56
CA PHE A 70 5.18 -5.01 -6.78
C PHE A 70 3.67 -5.16 -7.02
N PRO A 71 3.00 -4.17 -7.64
CA PRO A 71 1.57 -4.18 -7.89
C PRO A 71 1.12 -5.25 -8.89
N PRO A 72 -0.19 -5.51 -8.98
CA PRO A 72 -0.75 -6.50 -9.89
C PRO A 72 -0.49 -6.14 -11.35
N GLY A 73 -0.17 -7.15 -12.16
CA GLY A 73 0.10 -7.00 -13.58
C GLY A 73 1.48 -6.42 -13.89
N PHE A 74 2.30 -6.10 -12.88
CA PHE A 74 3.64 -5.60 -13.11
C PHE A 74 4.52 -6.72 -13.67
N GLU A 75 4.27 -7.94 -13.22
CA GLU A 75 4.96 -9.18 -13.59
C GLU A 75 4.60 -9.62 -15.02
N GLY A 1 12.51 1.41 33.64
CA GLY A 1 11.61 0.47 32.95
C GLY A 1 11.86 -0.96 33.41
N ALA A 2 12.43 -1.78 32.53
CA ALA A 2 12.76 -3.20 32.73
C ALA A 2 11.61 -3.97 33.41
N MET A 3 10.49 -4.14 32.69
CA MET A 3 9.31 -4.84 33.18
C MET A 3 9.01 -6.14 32.41
N GLY A 4 9.84 -6.47 31.42
CA GLY A 4 9.74 -7.67 30.58
C GLY A 4 8.32 -8.01 30.10
N PRO A 5 7.65 -7.16 29.31
CA PRO A 5 6.29 -7.41 28.81
C PRO A 5 6.17 -8.67 27.95
N GLN A 6 7.25 -9.08 27.28
CA GLN A 6 7.24 -10.29 26.46
C GLN A 6 7.45 -11.53 27.33
N GLY A 7 7.91 -11.38 28.58
CA GLY A 7 8.18 -12.49 29.48
C GLY A 7 9.44 -13.16 28.96
N SER A 8 9.33 -14.30 28.27
CA SER A 8 10.45 -15.04 27.71
C SER A 8 10.33 -15.08 26.19
N THR A 9 11.44 -15.37 25.51
CA THR A 9 11.58 -15.49 24.06
C THR A 9 11.02 -16.84 23.59
N GLN A 10 9.79 -17.14 24.00
CA GLN A 10 9.04 -18.34 23.69
C GLN A 10 8.55 -18.30 22.25
N ASN A 11 8.23 -19.48 21.70
CA ASN A 11 7.73 -19.61 20.34
C ASN A 11 6.39 -18.90 20.24
N ALA A 12 6.28 -17.96 19.32
CA ALA A 12 5.08 -17.18 19.05
C ALA A 12 5.09 -16.85 17.57
N LEU A 13 3.95 -16.46 17.01
CA LEU A 13 3.84 -16.09 15.59
C LEU A 13 2.85 -14.93 15.47
N ARG A 14 2.87 -14.24 14.35
CA ARG A 14 2.00 -13.10 14.10
C ARG A 14 0.57 -13.61 13.88
N ARG A 15 -0.34 -13.12 14.72
CA ARG A 15 -1.76 -13.48 14.63
C ARG A 15 -2.27 -12.92 13.30
N THR A 16 -3.28 -13.52 12.68
CA THR A 16 -3.83 -13.06 11.42
C THR A 16 -5.34 -12.95 11.60
N GLY A 17 -5.86 -11.73 11.63
CA GLY A 17 -7.28 -11.47 11.82
C GLY A 17 -7.57 -9.98 11.81
N ARG A 18 -6.91 -9.25 10.92
CA ARG A 18 -7.04 -7.81 10.75
C ARG A 18 -7.40 -7.51 9.29
N VAL A 19 -7.67 -6.23 9.04
CA VAL A 19 -8.05 -5.61 7.77
C VAL A 19 -7.17 -6.08 6.60
N ASN A 20 -7.70 -6.00 5.39
CA ASN A 20 -7.00 -6.37 4.15
C ASN A 20 -5.96 -5.29 3.83
N GLY A 21 -5.34 -5.39 2.64
CA GLY A 21 -4.34 -4.46 2.14
C GLY A 21 -4.88 -3.83 0.86
N GLY A 22 -6.03 -3.14 0.94
CA GLY A 22 -6.66 -2.49 -0.20
C GLY A 22 -7.31 -1.19 0.25
N HIS A 23 -6.53 -0.10 0.22
CA HIS A 23 -6.97 1.24 0.58
C HIS A 23 -6.74 2.18 -0.62
N PRO A 24 -7.47 3.30 -0.71
CA PRO A 24 -7.33 4.25 -1.81
C PRO A 24 -6.10 5.13 -1.58
N VAL A 25 -5.32 5.37 -2.63
CA VAL A 25 -4.11 6.19 -2.54
C VAL A 25 -4.13 7.28 -3.61
N THR A 26 -3.36 8.33 -3.37
CA THR A 26 -3.23 9.49 -4.24
C THR A 26 -1.76 9.73 -4.58
N THR A 27 -1.50 10.52 -5.62
CA THR A 27 -0.18 10.87 -6.13
C THR A 27 0.71 11.35 -4.98
N GLN A 28 0.17 12.23 -4.13
CA GLN A 28 0.82 12.84 -2.98
C GLN A 28 1.38 11.80 -2.01
N MET A 29 0.71 10.67 -1.82
CA MET A 29 1.20 9.65 -0.90
C MET A 29 2.48 9.02 -1.48
N VAL A 30 2.46 8.72 -2.78
CA VAL A 30 3.58 8.11 -3.48
C VAL A 30 4.81 9.01 -3.44
N GLU A 31 4.66 10.28 -3.82
CA GLU A 31 5.79 11.20 -3.81
C GLU A 31 6.34 11.37 -2.40
N THR A 32 5.52 11.50 -1.34
CA THR A 32 6.07 11.64 0.01
C THR A 32 6.94 10.43 0.34
N VAL A 33 6.43 9.19 0.25
CA VAL A 33 7.30 8.04 0.54
C VAL A 33 8.54 8.12 -0.35
N GLN A 34 8.40 8.37 -1.65
CA GLN A 34 9.56 8.43 -2.55
C GLN A 34 10.60 9.45 -2.08
N ASN A 35 10.16 10.64 -1.67
CA ASN A 35 11.02 11.72 -1.19
C ASN A 35 11.82 11.32 0.04
N LEU A 36 11.19 10.51 0.92
CA LEU A 36 11.78 10.03 2.17
C LEU A 36 12.45 8.66 2.01
N ALA A 37 12.20 7.97 0.89
CA ALA A 37 12.71 6.67 0.52
C ALA A 37 13.13 6.72 -0.96
N PRO A 38 14.18 7.48 -1.32
CA PRO A 38 14.63 7.58 -2.71
C PRO A 38 15.17 6.26 -3.27
N ASN A 39 15.37 5.25 -2.41
CA ASN A 39 15.88 3.94 -2.79
C ASN A 39 14.74 3.00 -3.23
N LEU A 40 13.47 3.36 -2.99
CA LEU A 40 12.35 2.51 -3.38
C LEU A 40 11.89 2.79 -4.80
N HIS A 41 11.31 1.76 -5.42
CA HIS A 41 10.77 1.84 -6.76
C HIS A 41 9.49 2.67 -6.68
N PRO A 42 9.22 3.55 -7.64
CA PRO A 42 8.05 4.41 -7.63
C PRO A 42 6.74 3.65 -7.80
N GLU A 43 6.75 2.45 -8.39
CA GLU A 43 5.57 1.65 -8.60
C GLU A 43 5.28 0.83 -7.34
N GLN A 44 6.33 0.29 -6.70
CA GLN A 44 6.15 -0.49 -5.49
C GLN A 44 5.52 0.37 -4.40
N ILE A 45 5.93 1.64 -4.28
CA ILE A 45 5.41 2.58 -3.28
C ILE A 45 3.90 2.61 -3.35
N ARG A 46 3.33 2.92 -4.53
CA ARG A 46 1.89 2.97 -4.71
C ARG A 46 1.22 1.74 -4.08
N TYR A 47 1.67 0.54 -4.47
CA TYR A 47 1.11 -0.69 -3.93
C TYR A 47 1.30 -0.79 -2.41
N SER A 48 2.44 -0.31 -1.92
CA SER A 48 2.73 -0.35 -0.48
C SER A 48 1.67 0.47 0.24
N LEU A 49 1.43 1.68 -0.23
CA LEU A 49 0.46 2.60 0.34
C LEU A 49 -0.94 1.98 0.30
N GLU A 50 -1.26 1.21 -0.75
CA GLU A 50 -2.56 0.57 -0.86
C GLU A 50 -2.70 -0.50 0.23
N ASN A 51 -1.59 -1.16 0.56
CA ASN A 51 -1.51 -2.22 1.55
C ASN A 51 -1.47 -1.72 2.99
N THR A 52 -0.59 -0.77 3.32
CA THR A 52 -0.40 -0.21 4.65
C THR A 52 -1.55 0.74 5.01
N GLY A 53 -1.94 1.55 4.02
CA GLY A 53 -2.98 2.55 4.06
C GLY A 53 -2.43 3.96 4.31
N SER A 54 -1.21 4.10 4.84
CA SER A 54 -0.59 5.38 5.12
C SER A 54 0.88 5.41 4.75
N VAL A 55 1.32 6.62 4.43
CA VAL A 55 2.67 6.98 4.04
C VAL A 55 3.58 6.71 5.22
N GLU A 56 3.17 7.18 6.41
CA GLU A 56 3.90 7.05 7.66
C GLU A 56 4.30 5.59 7.89
N GLU A 57 3.34 4.66 7.79
CA GLU A 57 3.61 3.24 7.99
C GLU A 57 4.61 2.75 6.94
N THR A 58 4.42 3.17 5.69
CA THR A 58 5.27 2.80 4.57
C THR A 58 6.73 3.23 4.78
N VAL A 59 6.94 4.42 5.33
CA VAL A 59 8.28 4.94 5.59
C VAL A 59 8.88 4.22 6.79
N GLU A 60 8.09 3.90 7.82
CA GLU A 60 8.53 3.23 9.04
C GLU A 60 8.98 1.80 8.74
N ARG A 61 8.28 1.11 7.85
CA ARG A 61 8.64 -0.26 7.48
C ARG A 61 9.81 -0.23 6.50
N TYR A 62 9.89 0.79 5.65
CA TYR A 62 10.97 0.94 4.70
C TYR A 62 12.32 1.04 5.41
N LEU A 63 12.48 2.06 6.27
CA LEU A 63 13.70 2.28 7.03
C LEU A 63 14.08 1.06 7.87
N ARG A 64 13.09 0.27 8.29
CA ARG A 64 13.38 -0.91 9.11
C ARG A 64 13.91 -2.05 8.25
N GLY A 65 13.69 -2.01 6.93
CA GLY A 65 14.15 -3.04 6.01
C GLY A 65 13.10 -4.12 5.79
N ASP A 66 11.80 -3.78 5.92
CA ASP A 66 10.67 -4.70 5.75
C ASP A 66 10.51 -5.16 4.28
N GLU A 67 9.52 -5.99 3.94
CA GLU A 67 9.26 -6.49 2.58
C GLU A 67 8.47 -5.48 1.76
N PHE A 68 8.77 -5.40 0.46
CA PHE A 68 8.10 -4.50 -0.46
C PHE A 68 7.85 -5.24 -1.77
N SER A 69 6.59 -5.54 -2.02
CA SER A 69 6.13 -6.22 -3.23
C SER A 69 5.89 -5.22 -4.36
N PHE A 70 5.51 -5.72 -5.54
CA PHE A 70 5.18 -4.93 -6.73
C PHE A 70 3.68 -5.12 -6.95
N PRO A 71 2.99 -4.15 -7.58
CA PRO A 71 1.56 -4.24 -7.84
C PRO A 71 1.25 -5.30 -8.91
N PRO A 72 -0.02 -5.69 -9.05
CA PRO A 72 -0.44 -6.67 -10.04
C PRO A 72 -0.17 -6.13 -11.44
N GLY A 73 -0.02 -7.03 -12.40
CA GLY A 73 0.25 -6.71 -13.79
C GLY A 73 1.73 -6.46 -14.02
N PHE A 74 2.49 -5.98 -13.02
CA PHE A 74 3.91 -5.71 -13.19
C PHE A 74 4.68 -7.01 -13.42
N GLU A 75 4.51 -7.98 -12.52
CA GLU A 75 5.16 -9.27 -12.55
C GLU A 75 4.53 -10.07 -13.68
N GLY A 1 -39.78 -12.20 -13.37
CA GLY A 1 -38.49 -11.97 -12.68
C GLY A 1 -37.97 -10.58 -13.04
N ALA A 2 -36.78 -10.22 -12.57
CA ALA A 2 -36.14 -8.93 -12.83
C ALA A 2 -34.63 -9.20 -12.90
N MET A 3 -33.89 -8.34 -13.59
CA MET A 3 -32.45 -8.46 -13.75
C MET A 3 -31.73 -7.94 -12.50
N GLY A 4 -31.80 -8.72 -11.42
CA GLY A 4 -31.19 -8.41 -10.13
C GLY A 4 -30.57 -9.68 -9.56
N PRO A 5 -31.21 -10.37 -8.61
CA PRO A 5 -30.69 -11.58 -8.00
C PRO A 5 -30.53 -12.69 -9.04
N GLN A 6 -29.28 -12.99 -9.38
CA GLN A 6 -28.81 -13.99 -10.32
C GLN A 6 -27.51 -14.47 -9.69
N GLY A 7 -27.32 -15.77 -9.42
CA GLY A 7 -26.10 -16.27 -8.79
C GLY A 7 -25.86 -17.73 -9.16
N SER A 8 -25.07 -17.97 -10.20
CA SER A 8 -24.72 -19.30 -10.70
C SER A 8 -23.32 -19.27 -11.32
N THR A 9 -22.91 -20.37 -11.96
CA THR A 9 -21.61 -20.49 -12.62
C THR A 9 -21.50 -19.41 -13.69
N GLN A 10 -20.44 -18.60 -13.68
CA GLN A 10 -20.17 -17.52 -14.63
C GLN A 10 -21.39 -16.64 -14.91
N ASN A 11 -22.16 -16.36 -13.86
CA ASN A 11 -23.37 -15.53 -13.90
C ASN A 11 -22.97 -14.13 -14.35
N ALA A 12 -23.59 -13.66 -15.43
CA ALA A 12 -23.37 -12.35 -16.02
C ALA A 12 -24.00 -11.25 -15.17
N LEU A 13 -23.18 -10.43 -14.51
CA LEU A 13 -23.63 -9.30 -13.68
C LEU A 13 -22.56 -8.21 -13.82
N ARG A 14 -22.70 -7.13 -13.06
CA ARG A 14 -21.81 -5.98 -12.99
C ARG A 14 -21.02 -6.10 -11.69
N ARG A 15 -20.05 -5.20 -11.46
CA ARG A 15 -19.26 -5.21 -10.25
C ARG A 15 -19.18 -3.80 -9.69
N THR A 16 -20.19 -3.42 -8.90
CA THR A 16 -20.17 -2.11 -8.26
C THR A 16 -19.06 -2.19 -7.21
N GLY A 17 -18.49 -1.04 -6.82
CA GLY A 17 -17.42 -0.98 -5.84
C GLY A 17 -16.20 -0.25 -6.41
N ARG A 18 -15.06 -0.39 -5.74
CA ARG A 18 -13.79 0.23 -6.13
C ARG A 18 -12.79 -0.92 -6.23
N VAL A 19 -12.27 -1.18 -7.42
CA VAL A 19 -11.32 -2.25 -7.71
C VAL A 19 -9.87 -1.91 -7.34
N ASN A 20 -9.63 -0.95 -6.43
CA ASN A 20 -8.28 -0.55 -6.04
C ASN A 20 -7.37 -1.71 -5.61
N GLY A 21 -7.90 -2.69 -4.89
CA GLY A 21 -7.14 -3.83 -4.40
C GLY A 21 -7.08 -3.68 -2.90
N GLY A 22 -6.38 -2.65 -2.43
CA GLY A 22 -6.21 -2.29 -1.03
C GLY A 22 -6.93 -0.97 -0.79
N HIS A 23 -6.42 -0.18 0.14
CA HIS A 23 -6.94 1.14 0.50
C HIS A 23 -6.63 2.10 -0.66
N PRO A 24 -7.42 3.15 -0.92
CA PRO A 24 -7.14 4.07 -2.00
C PRO A 24 -5.98 4.99 -1.65
N VAL A 25 -5.15 5.31 -2.63
CA VAL A 25 -3.99 6.19 -2.50
C VAL A 25 -4.03 7.27 -3.58
N THR A 26 -3.23 8.31 -3.40
CA THR A 26 -3.12 9.45 -4.29
C THR A 26 -1.66 9.62 -4.70
N THR A 27 -1.43 10.38 -5.77
CA THR A 27 -0.10 10.66 -6.31
C THR A 27 0.82 11.21 -5.21
N GLN A 28 0.29 12.08 -4.32
CA GLN A 28 1.08 12.68 -3.24
C GLN A 28 1.67 11.63 -2.32
N MET A 29 0.90 10.62 -1.92
CA MET A 29 1.44 9.63 -1.00
C MET A 29 2.65 8.94 -1.63
N VAL A 30 2.63 8.73 -2.95
CA VAL A 30 3.73 8.07 -3.66
C VAL A 30 4.96 8.97 -3.58
N GLU A 31 4.85 10.26 -3.96
CA GLU A 31 5.99 11.16 -3.90
C GLU A 31 6.44 11.36 -2.45
N THR A 32 5.56 11.39 -1.45
CA THR A 32 5.97 11.56 -0.06
C THR A 32 6.95 10.43 0.29
N VAL A 33 6.52 9.16 0.19
CA VAL A 33 7.41 8.04 0.48
C VAL A 33 8.65 8.18 -0.37
N GLN A 34 8.55 8.43 -1.68
CA GLN A 34 9.72 8.56 -2.55
C GLN A 34 10.73 9.58 -2.00
N ASN A 35 10.27 10.75 -1.56
CA ASN A 35 11.15 11.79 -1.01
C ASN A 35 11.84 11.30 0.24
N LEU A 36 11.16 10.49 1.06
CA LEU A 36 11.72 9.97 2.30
C LEU A 36 12.45 8.62 2.09
N ALA A 37 12.25 7.94 0.95
CA ALA A 37 12.79 6.66 0.53
C ALA A 37 13.21 6.68 -0.95
N PRO A 38 14.32 7.34 -1.31
CA PRO A 38 14.83 7.42 -2.69
C PRO A 38 15.37 6.09 -3.23
N ASN A 39 15.45 5.06 -2.38
CA ASN A 39 15.95 3.73 -2.73
C ASN A 39 14.84 2.83 -3.28
N LEU A 40 13.57 3.20 -3.10
CA LEU A 40 12.44 2.41 -3.57
C LEU A 40 12.00 2.83 -4.98
N HIS A 41 11.28 1.96 -5.66
CA HIS A 41 10.75 2.17 -6.99
C HIS A 41 9.41 2.90 -6.79
N PRO A 42 8.97 3.76 -7.73
CA PRO A 42 7.71 4.49 -7.59
C PRO A 42 6.50 3.56 -7.57
N GLU A 43 6.58 2.41 -8.25
CA GLU A 43 5.47 1.48 -8.31
C GLU A 43 5.33 0.66 -7.02
N GLN A 44 6.45 0.32 -6.38
CA GLN A 44 6.40 -0.44 -5.13
C GLN A 44 5.64 0.38 -4.09
N ILE A 45 5.98 1.66 -4.01
CA ILE A 45 5.41 2.62 -3.10
C ILE A 45 3.89 2.57 -3.27
N ARG A 46 3.34 2.84 -4.45
CA ARG A 46 1.90 2.79 -4.67
C ARG A 46 1.26 1.53 -4.05
N TYR A 47 1.80 0.34 -4.30
CA TYR A 47 1.26 -0.90 -3.76
C TYR A 47 1.33 -0.97 -2.24
N SER A 48 2.48 -0.62 -1.67
CA SER A 48 2.65 -0.68 -0.22
C SER A 48 1.73 0.34 0.44
N LEU A 49 1.55 1.50 -0.16
CA LEU A 49 0.67 2.54 0.34
C LEU A 49 -0.77 2.01 0.34
N GLU A 50 -1.16 1.24 -0.66
CA GLU A 50 -2.51 0.68 -0.72
C GLU A 50 -2.70 -0.34 0.39
N ASN A 51 -1.66 -1.10 0.72
CA ASN A 51 -1.72 -2.12 1.75
C ASN A 51 -1.78 -1.49 3.13
N THR A 52 -0.81 -0.64 3.44
CA THR A 52 -0.67 0.04 4.71
C THR A 52 -1.80 1.05 4.95
N GLY A 53 -2.19 1.80 3.92
CA GLY A 53 -3.24 2.82 3.97
C GLY A 53 -2.72 4.20 4.36
N SER A 54 -1.49 4.32 4.86
CA SER A 54 -0.88 5.60 5.21
C SER A 54 0.62 5.55 4.89
N VAL A 55 1.15 6.69 4.45
CA VAL A 55 2.55 6.89 4.10
C VAL A 55 3.41 6.61 5.32
N GLU A 56 2.99 7.09 6.48
CA GLU A 56 3.68 6.93 7.75
C GLU A 56 4.11 5.48 7.95
N GLU A 57 3.20 4.53 7.73
CA GLU A 57 3.53 3.13 7.92
C GLU A 57 4.50 2.66 6.86
N THR A 58 4.30 3.10 5.61
CA THR A 58 5.17 2.75 4.49
C THR A 58 6.62 3.20 4.78
N VAL A 59 6.77 4.35 5.41
CA VAL A 59 8.07 4.91 5.77
C VAL A 59 8.64 4.12 6.96
N GLU A 60 7.82 3.70 7.92
CA GLU A 60 8.25 2.96 9.11
C GLU A 60 8.73 1.55 8.74
N ARG A 61 8.06 0.89 7.81
CA ARG A 61 8.48 -0.45 7.37
C ARG A 61 9.72 -0.29 6.49
N TYR A 62 9.78 0.77 5.68
CA TYR A 62 10.91 1.06 4.81
C TYR A 62 12.19 1.21 5.65
N LEU A 63 12.19 2.11 6.63
CA LEU A 63 13.34 2.31 7.51
C LEU A 63 13.70 1.04 8.29
N ARG A 64 12.75 0.11 8.47
CA ARG A 64 13.00 -1.14 9.18
C ARG A 64 13.64 -2.16 8.24
N GLY A 65 13.57 -1.94 6.92
CA GLY A 65 14.16 -2.84 5.94
C GLY A 65 13.21 -3.97 5.56
N ASP A 66 11.91 -3.69 5.48
CA ASP A 66 10.92 -4.70 5.09
C ASP A 66 10.96 -4.93 3.57
N GLU A 67 10.21 -5.91 3.09
CA GLU A 67 10.10 -6.25 1.70
C GLU A 67 9.11 -5.30 1.06
N PHE A 68 9.48 -4.80 -0.10
CA PHE A 68 8.68 -3.90 -0.91
C PHE A 68 8.44 -4.66 -2.20
N SER A 69 7.20 -5.05 -2.39
CA SER A 69 6.73 -5.78 -3.54
C SER A 69 6.11 -4.83 -4.56
N PHE A 70 5.66 -5.36 -5.70
CA PHE A 70 5.05 -4.61 -6.80
C PHE A 70 3.56 -4.92 -6.92
N PRO A 71 2.79 -4.03 -7.56
CA PRO A 71 1.34 -4.19 -7.74
C PRO A 71 0.96 -5.28 -8.76
N PRO A 72 -0.31 -5.72 -8.75
CA PRO A 72 -0.81 -6.74 -9.66
C PRO A 72 -0.67 -6.26 -11.10
N GLY A 73 -0.26 -7.15 -11.99
CA GLY A 73 -0.06 -6.87 -13.40
C GLY A 73 1.40 -6.51 -13.68
N PHE A 74 2.20 -6.13 -12.67
CA PHE A 74 3.59 -5.81 -12.91
C PHE A 74 4.37 -7.09 -13.21
N GLU A 75 4.14 -8.16 -12.43
CA GLU A 75 4.83 -9.43 -12.59
C GLU A 75 4.21 -10.26 -13.70
N GLY A 1 -45.72 -12.57 -6.89
CA GLY A 1 -46.79 -12.54 -5.87
C GLY A 1 -46.63 -11.30 -5.01
N ALA A 2 -47.56 -11.09 -4.07
CA ALA A 2 -47.49 -9.94 -3.17
C ALA A 2 -46.40 -10.18 -2.12
N MET A 3 -46.15 -9.18 -1.27
CA MET A 3 -45.18 -9.16 -0.19
C MET A 3 -45.80 -8.32 0.95
N GLY A 4 -45.13 -8.26 2.09
CA GLY A 4 -45.60 -7.50 3.26
C GLY A 4 -44.42 -7.24 4.20
N PRO A 5 -44.63 -6.45 5.27
CA PRO A 5 -43.59 -6.13 6.23
C PRO A 5 -43.21 -7.37 7.05
N GLN A 6 -42.08 -8.01 6.72
CA GLN A 6 -41.58 -9.19 7.39
C GLN A 6 -40.10 -8.98 7.68
N GLY A 7 -39.73 -8.73 8.94
CA GLY A 7 -38.35 -8.54 9.35
C GLY A 7 -37.77 -9.92 9.60
N SER A 8 -37.44 -10.65 8.53
CA SER A 8 -36.87 -11.98 8.61
C SER A 8 -35.44 -11.99 9.18
N THR A 9 -34.67 -10.93 8.94
CA THR A 9 -33.30 -10.75 9.41
C THR A 9 -32.90 -9.32 9.09
N GLN A 10 -31.86 -8.82 9.76
CA GLN A 10 -31.33 -7.48 9.60
C GLN A 10 -29.82 -7.46 9.84
N ASN A 11 -29.15 -6.43 9.37
CA ASN A 11 -27.72 -6.22 9.54
C ASN A 11 -27.48 -4.70 9.55
N ALA A 12 -26.34 -4.28 10.08
CA ALA A 12 -25.92 -2.89 10.18
C ALA A 12 -24.60 -2.76 9.42
N LEU A 13 -23.82 -1.71 9.71
CA LEU A 13 -22.54 -1.46 9.06
C LEU A 13 -21.59 -2.64 9.28
N ARG A 14 -20.60 -2.76 8.41
CA ARG A 14 -19.57 -3.78 8.47
C ARG A 14 -18.72 -3.57 9.73
N ARG A 15 -17.79 -4.49 9.98
CA ARG A 15 -16.90 -4.50 11.11
C ARG A 15 -15.47 -4.49 10.59
N THR A 16 -14.53 -4.06 11.42
CA THR A 16 -13.13 -3.96 11.06
C THR A 16 -12.31 -5.10 11.66
N GLY A 17 -12.38 -5.33 12.98
CA GLY A 17 -11.61 -6.40 13.61
C GLY A 17 -10.10 -6.20 13.41
N ARG A 18 -9.64 -4.95 13.36
CA ARG A 18 -8.23 -4.57 13.17
C ARG A 18 -7.69 -4.95 11.80
N VAL A 19 -8.57 -5.30 10.86
CA VAL A 19 -8.17 -5.70 9.52
C VAL A 19 -8.14 -4.51 8.57
N ASN A 20 -7.11 -4.49 7.72
CA ASN A 20 -6.83 -3.50 6.70
C ASN A 20 -6.23 -4.21 5.49
N GLY A 21 -6.06 -3.46 4.39
CA GLY A 21 -5.51 -3.96 3.15
C GLY A 21 -6.42 -3.54 2.01
N GLY A 22 -5.94 -2.68 1.12
CA GLY A 22 -6.69 -2.17 0.00
C GLY A 22 -7.38 -0.91 0.47
N HIS A 23 -6.64 0.20 0.52
CA HIS A 23 -7.10 1.52 0.95
C HIS A 23 -6.81 2.53 -0.16
N PRO A 24 -7.63 3.60 -0.29
CA PRO A 24 -7.44 4.58 -1.33
C PRO A 24 -6.18 5.39 -1.06
N VAL A 25 -5.41 5.63 -2.12
CA VAL A 25 -4.19 6.41 -2.06
C VAL A 25 -4.19 7.39 -3.21
N THR A 26 -3.38 8.43 -3.08
CA THR A 26 -3.24 9.47 -4.08
C THR A 26 -1.77 9.58 -4.47
N THR A 27 -1.51 10.21 -5.61
CA THR A 27 -0.20 10.43 -6.19
C THR A 27 0.76 11.07 -5.17
N GLN A 28 0.25 11.99 -4.36
CA GLN A 28 0.99 12.68 -3.32
C GLN A 28 1.56 11.68 -2.32
N MET A 29 0.85 10.62 -1.97
CA MET A 29 1.35 9.63 -1.02
C MET A 29 2.59 8.95 -1.61
N VAL A 30 2.57 8.70 -2.92
CA VAL A 30 3.67 8.07 -3.63
C VAL A 30 4.91 8.96 -3.51
N GLU A 31 4.80 10.23 -3.90
CA GLU A 31 5.94 11.14 -3.81
C GLU A 31 6.39 11.31 -2.35
N THR A 32 5.49 11.39 -1.36
CA THR A 32 5.89 11.52 0.04
C THR A 32 6.87 10.38 0.38
N VAL A 33 6.45 9.11 0.26
CA VAL A 33 7.32 7.96 0.54
C VAL A 33 8.58 8.03 -0.31
N GLN A 34 8.47 8.28 -1.62
CA GLN A 34 9.63 8.35 -2.54
C GLN A 34 10.65 9.40 -2.08
N ASN A 35 10.19 10.57 -1.64
CA ASN A 35 11.06 11.64 -1.17
C ASN A 35 11.83 11.15 0.05
N LEU A 36 11.15 10.46 0.97
CA LEU A 36 11.79 9.96 2.17
C LEU A 36 12.65 8.71 1.87
N ALA A 37 12.31 7.94 0.83
CA ALA A 37 12.96 6.71 0.37
C ALA A 37 13.35 6.78 -1.10
N PRO A 38 14.51 7.38 -1.44
CA PRO A 38 14.93 7.48 -2.83
C PRO A 38 15.31 6.12 -3.43
N ASN A 39 15.63 5.13 -2.59
CA ASN A 39 16.03 3.79 -3.01
C ASN A 39 14.86 2.89 -3.40
N LEU A 40 13.63 3.23 -2.99
CA LEU A 40 12.48 2.41 -3.33
C LEU A 40 12.02 2.73 -4.76
N HIS A 41 11.37 1.76 -5.38
CA HIS A 41 10.85 1.89 -6.73
C HIS A 41 9.55 2.68 -6.66
N PRO A 42 9.23 3.54 -7.63
CA PRO A 42 8.00 4.33 -7.59
C PRO A 42 6.75 3.46 -7.69
N GLU A 43 6.85 2.31 -8.36
CA GLU A 43 5.71 1.43 -8.52
C GLU A 43 5.37 0.65 -7.26
N GLN A 44 6.41 0.16 -6.56
CA GLN A 44 6.23 -0.59 -5.31
C GLN A 44 5.58 0.30 -4.23
N ILE A 45 5.93 1.60 -4.23
CA ILE A 45 5.40 2.55 -3.27
C ILE A 45 3.88 2.56 -3.35
N ARG A 46 3.28 2.88 -4.50
CA ARG A 46 1.81 2.89 -4.59
C ARG A 46 1.19 1.58 -4.11
N TYR A 47 1.79 0.42 -4.44
CA TYR A 47 1.24 -0.85 -4.00
C TYR A 47 1.22 -0.97 -2.48
N SER A 48 2.35 -0.60 -1.88
CA SER A 48 2.54 -0.66 -0.45
C SER A 48 1.56 0.30 0.20
N LEU A 49 1.41 1.52 -0.30
CA LEU A 49 0.47 2.52 0.23
C LEU A 49 -0.95 1.94 0.22
N GLU A 50 -1.35 1.18 -0.80
CA GLU A 50 -2.70 0.59 -0.81
C GLU A 50 -2.81 -0.51 0.25
N ASN A 51 -1.72 -1.24 0.49
CA ASN A 51 -1.68 -2.31 1.49
C ASN A 51 -1.68 -1.75 2.92
N THR A 52 -0.82 -0.76 3.20
CA THR A 52 -0.62 -0.11 4.49
C THR A 52 -1.69 0.93 4.83
N GLY A 53 -2.19 1.65 3.83
CA GLY A 53 -3.21 2.67 3.93
C GLY A 53 -2.66 4.04 4.31
N SER A 54 -1.40 4.12 4.74
CA SER A 54 -0.76 5.35 5.14
C SER A 54 0.71 5.40 4.75
N VAL A 55 1.17 6.60 4.42
CA VAL A 55 2.56 6.89 4.07
C VAL A 55 3.39 6.61 5.30
N GLU A 56 2.99 7.12 6.47
CA GLU A 56 3.69 6.96 7.75
C GLU A 56 4.13 5.51 7.97
N GLU A 57 3.23 4.56 7.70
CA GLU A 57 3.42 3.13 7.85
C GLU A 57 4.47 2.69 6.84
N THR A 58 4.28 3.01 5.56
CA THR A 58 5.18 2.67 4.47
C THR A 58 6.60 3.18 4.74
N VAL A 59 6.73 4.35 5.36
CA VAL A 59 8.01 4.96 5.69
C VAL A 59 8.62 4.21 6.87
N GLU A 60 7.82 3.82 7.87
CA GLU A 60 8.25 3.11 9.07
C GLU A 60 8.81 1.75 8.70
N ARG A 61 8.15 1.02 7.81
CA ARG A 61 8.61 -0.28 7.36
C ARG A 61 9.79 -0.14 6.41
N TYR A 62 9.85 0.93 5.62
CA TYR A 62 10.95 1.18 4.70
C TYR A 62 12.25 1.36 5.47
N LEU A 63 12.27 2.29 6.43
CA LEU A 63 13.47 2.56 7.20
C LEU A 63 13.91 1.35 8.00
N ARG A 64 12.99 0.44 8.33
CA ARG A 64 13.34 -0.77 9.08
C ARG A 64 13.91 -1.83 8.15
N GLY A 65 13.79 -1.65 6.82
CA GLY A 65 14.28 -2.59 5.83
C GLY A 65 13.33 -3.77 5.67
N ASP A 66 12.02 -3.53 5.73
CA ASP A 66 11.01 -4.59 5.58
C ASP A 66 10.88 -5.03 4.13
N GLU A 67 9.93 -5.93 3.85
CA GLU A 67 9.65 -6.45 2.53
C GLU A 67 8.67 -5.56 1.79
N PHE A 68 8.95 -5.38 0.50
CA PHE A 68 8.18 -4.57 -0.41
C PHE A 68 8.06 -5.27 -1.75
N SER A 69 6.85 -5.72 -2.05
CA SER A 69 6.48 -6.38 -3.30
C SER A 69 6.03 -5.33 -4.33
N PHE A 70 5.65 -5.79 -5.53
CA PHE A 70 5.20 -4.98 -6.66
C PHE A 70 3.69 -5.19 -6.89
N PRO A 71 3.01 -4.26 -7.58
CA PRO A 71 1.57 -4.34 -7.86
C PRO A 71 1.19 -5.34 -8.96
N PRO A 72 -0.11 -5.68 -9.08
CA PRO A 72 -0.60 -6.56 -10.13
C PRO A 72 -0.43 -5.83 -11.46
N GLY A 73 0.04 -6.54 -12.49
CA GLY A 73 0.29 -6.02 -13.82
C GLY A 73 1.77 -5.73 -14.02
N PHE A 74 2.61 -5.75 -12.96
CA PHE A 74 4.05 -5.50 -13.12
C PHE A 74 4.73 -6.75 -13.69
N GLU A 75 4.18 -7.94 -13.42
CA GLU A 75 4.67 -9.23 -13.87
C GLU A 75 3.88 -9.64 -15.12
N GLY A 1 10.97 -4.60 40.25
CA GLY A 1 11.72 -5.61 39.48
C GLY A 1 11.36 -5.41 38.03
N ALA A 2 11.06 -6.49 37.30
CA ALA A 2 10.65 -6.35 35.90
C ALA A 2 9.28 -5.64 35.90
N MET A 3 8.89 -5.11 34.74
CA MET A 3 7.61 -4.42 34.56
C MET A 3 6.81 -5.30 33.58
N GLY A 4 6.95 -5.07 32.29
CA GLY A 4 6.26 -5.81 31.24
C GLY A 4 6.51 -5.06 29.94
N PRO A 5 7.72 -5.15 29.36
CA PRO A 5 8.05 -4.45 28.12
C PRO A 5 7.31 -5.00 26.89
N GLN A 6 6.80 -6.23 26.94
CA GLN A 6 6.10 -6.88 25.84
C GLN A 6 5.28 -8.07 26.37
N GLY A 7 4.53 -8.70 25.48
CA GLY A 7 3.70 -9.85 25.77
C GLY A 7 2.49 -9.82 24.85
N SER A 8 2.64 -10.30 23.63
CA SER A 8 1.58 -10.36 22.63
C SER A 8 1.87 -11.59 21.78
N THR A 9 0.87 -12.47 21.64
CA THR A 9 0.97 -13.69 20.85
C THR A 9 0.71 -13.37 19.38
N GLN A 10 1.05 -14.26 18.45
CA GLN A 10 0.86 -14.06 17.01
C GLN A 10 -0.05 -15.12 16.43
N ASN A 11 -1.26 -14.73 16.05
CA ASN A 11 -2.26 -15.58 15.44
C ASN A 11 -3.01 -14.78 14.37
N ALA A 12 -3.82 -15.45 13.55
CA ALA A 12 -4.59 -14.79 12.49
C ALA A 12 -5.60 -13.84 13.11
N LEU A 13 -6.10 -12.93 12.27
CA LEU A 13 -7.08 -11.91 12.60
C LEU A 13 -8.26 -12.04 11.66
N ARG A 14 -9.44 -11.70 12.17
CA ARG A 14 -10.68 -11.75 11.42
C ARG A 14 -10.60 -10.81 10.23
N ARG A 15 -11.40 -11.07 9.18
CA ARG A 15 -11.41 -10.17 8.03
C ARG A 15 -12.18 -8.93 8.46
N THR A 16 -11.73 -7.76 8.03
CA THR A 16 -12.41 -6.52 8.34
C THR A 16 -12.38 -5.55 7.16
N GLY A 17 -11.44 -5.72 6.22
CA GLY A 17 -11.35 -4.88 5.06
C GLY A 17 -12.52 -5.15 4.12
N ARG A 18 -12.77 -4.18 3.26
CA ARG A 18 -13.83 -4.16 2.27
C ARG A 18 -13.49 -5.09 1.12
N VAL A 19 -14.41 -5.21 0.16
CA VAL A 19 -14.23 -6.06 -1.02
C VAL A 19 -13.00 -5.63 -1.84
N ASN A 20 -12.55 -4.38 -1.71
CA ASN A 20 -11.41 -3.84 -2.42
C ASN A 20 -10.12 -4.46 -1.87
N GLY A 21 -9.11 -4.62 -2.73
CA GLY A 21 -7.82 -5.20 -2.39
C GLY A 21 -7.14 -4.46 -1.25
N GLY A 22 -6.84 -3.18 -1.43
CA GLY A 22 -6.20 -2.32 -0.47
C GLY A 22 -7.06 -1.07 -0.33
N HIS A 23 -6.45 -0.11 0.34
CA HIS A 23 -6.99 1.21 0.65
C HIS A 23 -6.59 2.16 -0.49
N PRO A 24 -7.47 3.07 -0.97
CA PRO A 24 -7.17 3.97 -2.08
C PRO A 24 -6.13 5.03 -1.76
N VAL A 25 -5.11 5.11 -2.61
CA VAL A 25 -4.01 6.07 -2.49
C VAL A 25 -4.14 7.13 -3.58
N THR A 26 -3.37 8.20 -3.41
CA THR A 26 -3.28 9.34 -4.31
C THR A 26 -1.81 9.46 -4.68
N THR A 27 -1.51 10.11 -5.80
CA THR A 27 -0.15 10.29 -6.28
C THR A 27 0.70 10.99 -5.21
N GLN A 28 0.13 11.93 -4.44
CA GLN A 28 0.86 12.66 -3.40
C GLN A 28 1.45 11.70 -2.36
N MET A 29 0.76 10.61 -2.00
CA MET A 29 1.29 9.67 -1.02
C MET A 29 2.54 8.99 -1.61
N VAL A 30 2.55 8.76 -2.93
CA VAL A 30 3.66 8.12 -3.63
C VAL A 30 4.88 9.02 -3.57
N GLU A 31 4.76 10.28 -3.98
CA GLU A 31 5.88 11.22 -3.95
C GLU A 31 6.36 11.38 -2.51
N THR A 32 5.49 11.47 -1.50
CA THR A 32 5.95 11.61 -0.12
C THR A 32 6.87 10.44 0.22
N VAL A 33 6.40 9.19 0.07
CA VAL A 33 7.25 8.05 0.35
C VAL A 33 8.53 8.14 -0.49
N GLN A 34 8.42 8.35 -1.79
CA GLN A 34 9.57 8.43 -2.69
C GLN A 34 10.64 9.42 -2.20
N ASN A 35 10.22 10.61 -1.76
CA ASN A 35 11.10 11.65 -1.26
C ASN A 35 11.84 11.17 -0.01
N LEU A 36 11.12 10.49 0.88
CA LEU A 36 11.69 9.99 2.14
C LEU A 36 12.34 8.61 1.99
N ALA A 37 12.14 7.94 0.86
CA ALA A 37 12.65 6.63 0.51
C ALA A 37 13.16 6.67 -0.94
N PRO A 38 14.27 7.37 -1.20
CA PRO A 38 14.88 7.48 -2.52
C PRO A 38 15.47 6.16 -3.03
N ASN A 39 15.38 5.08 -2.24
CA ASN A 39 15.88 3.76 -2.56
C ASN A 39 14.75 2.78 -2.92
N LEU A 40 13.53 3.28 -3.15
CA LEU A 40 12.36 2.48 -3.52
C LEU A 40 11.92 2.85 -4.93
N HIS A 41 11.19 1.96 -5.61
CA HIS A 41 10.68 2.16 -6.95
C HIS A 41 9.35 2.91 -6.85
N PRO A 42 9.00 3.80 -7.79
CA PRO A 42 7.75 4.55 -7.74
C PRO A 42 6.50 3.66 -7.82
N GLU A 43 6.60 2.52 -8.49
CA GLU A 43 5.49 1.60 -8.64
C GLU A 43 5.27 0.79 -7.37
N GLN A 44 6.34 0.31 -6.74
CA GLN A 44 6.22 -0.47 -5.50
C GLN A 44 5.52 0.36 -4.43
N ILE A 45 5.89 1.64 -4.33
CA ILE A 45 5.35 2.58 -3.37
C ILE A 45 3.83 2.54 -3.40
N ARG A 46 3.21 2.82 -4.56
CA ARG A 46 1.76 2.81 -4.71
C ARG A 46 1.15 1.55 -4.07
N TYR A 47 1.69 0.37 -4.38
CA TYR A 47 1.18 -0.88 -3.82
C TYR A 47 1.30 -0.93 -2.31
N SER A 48 2.45 -0.53 -1.77
CA SER A 48 2.63 -0.55 -0.33
C SER A 48 1.65 0.40 0.34
N LEU A 49 1.46 1.60 -0.20
CA LEU A 49 0.52 2.58 0.33
C LEU A 49 -0.89 2.02 0.35
N GLU A 50 -1.23 1.21 -0.64
CA GLU A 50 -2.56 0.58 -0.70
C GLU A 50 -2.68 -0.44 0.43
N ASN A 51 -1.60 -1.15 0.75
CA ASN A 51 -1.59 -2.16 1.80
C ASN A 51 -1.50 -1.57 3.21
N THR A 52 -0.64 -0.58 3.44
CA THR A 52 -0.40 0.08 4.73
C THR A 52 -1.53 1.06 5.05
N GLY A 53 -2.06 1.74 4.03
CA GLY A 53 -3.13 2.72 4.16
C GLY A 53 -2.62 4.13 4.42
N SER A 54 -1.38 4.29 4.88
CA SER A 54 -0.77 5.57 5.18
C SER A 54 0.72 5.51 4.83
N VAL A 55 1.26 6.67 4.45
CA VAL A 55 2.66 6.88 4.09
C VAL A 55 3.54 6.64 5.31
N GLU A 56 3.11 7.13 6.47
CA GLU A 56 3.80 7.01 7.74
C GLU A 56 4.30 5.58 7.98
N GLU A 57 3.43 4.60 7.77
CA GLU A 57 3.70 3.19 7.96
C GLU A 57 4.69 2.73 6.90
N THR A 58 4.50 3.13 5.64
CA THR A 58 5.39 2.78 4.54
C THR A 58 6.83 3.22 4.83
N VAL A 59 7.01 4.39 5.44
CA VAL A 59 8.32 4.92 5.79
C VAL A 59 8.89 4.17 7.00
N GLU A 60 8.06 3.80 7.99
CA GLU A 60 8.48 3.10 9.20
C GLU A 60 8.96 1.69 8.85
N ARG A 61 8.23 0.99 7.98
CA ARG A 61 8.60 -0.36 7.57
C ARG A 61 9.81 -0.31 6.65
N TYR A 62 9.91 0.72 5.80
CA TYR A 62 11.03 0.91 4.88
C TYR A 62 12.33 0.98 5.65
N LEU A 63 12.47 1.93 6.60
CA LEU A 63 13.67 2.06 7.42
C LEU A 63 13.98 0.77 8.18
N ARG A 64 12.96 -0.06 8.47
CA ARG A 64 13.14 -1.33 9.17
C ARG A 64 13.68 -2.40 8.23
N GLY A 65 13.66 -2.12 6.92
CA GLY A 65 14.13 -3.01 5.87
C GLY A 65 13.12 -4.13 5.63
N ASP A 66 11.82 -3.83 5.69
CA ASP A 66 10.76 -4.82 5.49
C ASP A 66 10.62 -5.22 4.00
N GLU A 67 9.58 -5.97 3.65
CA GLU A 67 9.33 -6.40 2.27
C GLU A 67 8.62 -5.28 1.53
N PHE A 68 9.00 -5.05 0.26
CA PHE A 68 8.40 -4.05 -0.59
C PHE A 68 8.07 -4.77 -1.88
N SER A 69 6.79 -4.99 -2.11
CA SER A 69 6.28 -5.69 -3.29
C SER A 69 5.84 -4.71 -4.38
N PHE A 70 5.67 -5.23 -5.59
CA PHE A 70 5.24 -4.49 -6.77
C PHE A 70 3.72 -4.69 -6.94
N PRO A 71 3.03 -3.76 -7.63
CA PRO A 71 1.60 -3.85 -7.86
C PRO A 71 1.23 -5.00 -8.80
N PRO A 72 -0.05 -5.39 -8.85
CA PRO A 72 -0.49 -6.47 -9.72
C PRO A 72 -0.34 -6.08 -11.18
N GLY A 73 0.05 -7.02 -12.03
CA GLY A 73 0.25 -6.81 -13.46
C GLY A 73 1.66 -6.32 -13.81
N PHE A 74 2.48 -5.95 -12.81
CA PHE A 74 3.85 -5.49 -13.03
C PHE A 74 4.78 -6.69 -13.32
N GLU A 75 4.36 -7.88 -12.89
CA GLU A 75 5.05 -9.15 -13.06
C GLU A 75 5.36 -9.47 -14.52
N GLY A 1 7.13 12.73 -22.95
CA GLY A 1 6.47 11.45 -22.63
C GLY A 1 5.20 11.70 -21.85
N ALA A 2 4.76 10.72 -21.05
CA ALA A 2 3.54 10.83 -20.25
C ALA A 2 3.86 11.13 -18.78
N MET A 3 5.08 10.78 -18.33
CA MET A 3 5.58 10.99 -16.98
C MET A 3 4.59 10.57 -15.89
N GLY A 4 4.34 9.27 -15.79
CA GLY A 4 3.44 8.69 -14.80
C GLY A 4 2.00 8.60 -15.29
N PRO A 5 1.08 8.13 -14.43
CA PRO A 5 -0.34 7.98 -14.72
C PRO A 5 -1.06 9.33 -14.68
N GLN A 6 -2.20 9.39 -15.36
CA GLN A 6 -3.05 10.59 -15.44
C GLN A 6 -3.92 10.79 -14.19
N GLY A 7 -4.10 9.77 -13.37
CA GLY A 7 -4.92 9.77 -12.16
C GLY A 7 -5.59 8.42 -12.04
N SER A 8 -6.00 8.00 -10.84
CA SER A 8 -6.65 6.72 -10.58
C SER A 8 -7.44 6.82 -9.28
N THR A 9 -7.81 5.66 -8.73
CA THR A 9 -8.55 5.50 -7.49
C THR A 9 -9.72 6.49 -7.44
N GLN A 10 -10.65 6.35 -8.39
CA GLN A 10 -11.82 7.22 -8.49
C GLN A 10 -12.72 7.11 -7.26
N ASN A 11 -13.60 8.09 -7.13
CA ASN A 11 -14.59 8.25 -6.09
C ASN A 11 -15.97 7.92 -6.66
N ALA A 12 -17.02 7.98 -5.81
CA ALA A 12 -18.42 7.68 -6.19
C ALA A 12 -18.57 6.35 -6.95
N LEU A 13 -17.66 5.41 -6.66
CA LEU A 13 -17.60 4.08 -7.25
C LEU A 13 -18.79 3.20 -6.85
N ARG A 14 -18.81 1.99 -7.41
CA ARG A 14 -19.86 0.99 -7.18
C ARG A 14 -19.98 0.68 -5.68
N ARG A 15 -21.22 0.57 -5.22
CA ARG A 15 -21.59 0.30 -3.84
C ARG A 15 -21.08 -1.07 -3.39
N THR A 16 -20.05 -1.11 -2.55
CA THR A 16 -19.49 -2.36 -2.02
C THR A 16 -19.02 -2.12 -0.57
N GLY A 17 -18.40 -3.14 0.04
CA GLY A 17 -17.88 -3.11 1.39
C GLY A 17 -16.41 -3.50 1.43
N ARG A 18 -16.02 -4.52 0.66
CA ARG A 18 -14.64 -5.01 0.64
C ARG A 18 -14.34 -5.50 -0.77
N VAL A 19 -13.16 -5.18 -1.29
CA VAL A 19 -12.70 -5.57 -2.62
C VAL A 19 -11.19 -5.82 -2.55
N ASN A 20 -10.64 -6.57 -3.50
CA ASN A 20 -9.22 -6.88 -3.59
C ASN A 20 -8.37 -5.62 -3.73
N GLY A 21 -7.07 -5.77 -3.50
CA GLY A 21 -6.09 -4.71 -3.59
C GLY A 21 -5.83 -4.17 -2.20
N GLY A 22 -6.24 -2.93 -1.93
CA GLY A 22 -6.03 -2.31 -0.66
C GLY A 22 -6.95 -1.11 -0.47
N HIS A 23 -6.45 -0.20 0.34
CA HIS A 23 -7.01 1.07 0.77
C HIS A 23 -6.84 2.11 -0.35
N PRO A 24 -7.56 3.23 -0.34
CA PRO A 24 -7.43 4.25 -1.37
C PRO A 24 -6.16 5.06 -1.11
N VAL A 25 -5.46 5.40 -2.20
CA VAL A 25 -4.24 6.19 -2.15
C VAL A 25 -4.32 7.27 -3.22
N THR A 26 -3.51 8.32 -3.09
CA THR A 26 -3.43 9.43 -4.01
C THR A 26 -1.99 9.61 -4.43
N THR A 27 -1.76 10.25 -5.57
CA THR A 27 -0.46 10.55 -6.19
C THR A 27 0.55 11.04 -5.15
N GLN A 28 0.10 12.00 -4.34
CA GLN A 28 0.83 12.66 -3.28
C GLN A 28 1.45 11.68 -2.29
N MET A 29 0.76 10.57 -1.99
CA MET A 29 1.28 9.60 -1.06
C MET A 29 2.52 8.94 -1.69
N VAL A 30 2.46 8.61 -2.99
CA VAL A 30 3.58 7.99 -3.70
C VAL A 30 4.80 8.89 -3.64
N GLU A 31 4.67 10.13 -4.13
CA GLU A 31 5.77 11.07 -4.17
C GLU A 31 6.32 11.31 -2.77
N THR A 32 5.48 11.44 -1.74
CA THR A 32 5.97 11.66 -0.36
C THR A 32 6.90 10.51 0.04
N VAL A 33 6.41 9.27 0.09
CA VAL A 33 7.26 8.13 0.45
C VAL A 33 8.49 8.13 -0.45
N GLN A 34 8.36 8.31 -1.75
CA GLN A 34 9.51 8.31 -2.67
C GLN A 34 10.55 9.38 -2.34
N ASN A 35 10.15 10.58 -1.92
CA ASN A 35 11.08 11.65 -1.57
C ASN A 35 11.88 11.23 -0.34
N LEU A 36 11.20 10.60 0.62
CA LEU A 36 11.84 10.17 1.86
C LEU A 36 12.62 8.86 1.68
N ALA A 37 12.16 7.96 0.82
CA ALA A 37 12.72 6.66 0.52
C ALA A 37 13.18 6.62 -0.94
N PRO A 38 14.31 7.27 -1.28
CA PRO A 38 14.81 7.29 -2.66
C PRO A 38 15.28 5.90 -3.12
N ASN A 39 15.44 4.94 -2.19
CA ASN A 39 15.88 3.58 -2.47
C ASN A 39 14.74 2.65 -2.92
N LEU A 40 13.48 3.11 -2.89
CA LEU A 40 12.34 2.30 -3.32
C LEU A 40 11.97 2.67 -4.75
N HIS A 41 11.34 1.74 -5.46
CA HIS A 41 10.89 1.97 -6.82
C HIS A 41 9.60 2.79 -6.69
N PRO A 42 9.30 3.70 -7.63
CA PRO A 42 8.10 4.51 -7.55
C PRO A 42 6.82 3.66 -7.64
N GLU A 43 6.85 2.55 -8.37
CA GLU A 43 5.69 1.69 -8.56
C GLU A 43 5.39 0.85 -7.32
N GLN A 44 6.43 0.37 -6.62
CA GLN A 44 6.26 -0.44 -5.40
C GLN A 44 5.48 0.36 -4.37
N ILE A 45 5.88 1.63 -4.21
CA ILE A 45 5.30 2.55 -3.25
C ILE A 45 3.78 2.52 -3.35
N ARG A 46 3.19 2.78 -4.52
CA ARG A 46 1.74 2.74 -4.65
C ARG A 46 1.15 1.46 -4.05
N TYR A 47 1.70 0.29 -4.38
CA TYR A 47 1.18 -0.96 -3.85
C TYR A 47 1.29 -1.02 -2.33
N SER A 48 2.42 -0.55 -1.81
CA SER A 48 2.67 -0.56 -0.38
C SER A 48 1.66 0.35 0.30
N LEU A 49 1.47 1.56 -0.20
CA LEU A 49 0.52 2.54 0.32
C LEU A 49 -0.88 1.97 0.32
N GLU A 50 -1.25 1.17 -0.69
CA GLU A 50 -2.58 0.58 -0.75
C GLU A 50 -2.70 -0.46 0.38
N ASN A 51 -1.65 -1.21 0.67
CA ASN A 51 -1.70 -2.22 1.72
C ASN A 51 -1.62 -1.61 3.11
N THR A 52 -0.68 -0.71 3.37
CA THR A 52 -0.48 -0.06 4.67
C THR A 52 -1.61 0.95 4.94
N GLY A 53 -2.04 1.67 3.91
CA GLY A 53 -3.07 2.69 3.94
C GLY A 53 -2.49 4.05 4.34
N SER A 54 -1.20 4.14 4.67
CA SER A 54 -0.54 5.36 5.12
C SER A 54 0.90 5.46 4.62
N VAL A 55 1.31 6.71 4.33
CA VAL A 55 2.65 7.07 3.88
C VAL A 55 3.59 6.76 5.03
N GLU A 56 3.27 7.28 6.21
CA GLU A 56 4.00 7.13 7.45
C GLU A 56 4.35 5.67 7.69
N GLU A 57 3.37 4.78 7.65
CA GLU A 57 3.55 3.34 7.88
C GLU A 57 4.54 2.78 6.86
N THR A 58 4.39 3.19 5.60
CA THR A 58 5.25 2.76 4.51
C THR A 58 6.70 3.20 4.76
N VAL A 59 6.90 4.40 5.29
CA VAL A 59 8.22 4.94 5.60
C VAL A 59 8.78 4.27 6.88
N GLU A 60 7.92 3.94 7.84
CA GLU A 60 8.26 3.31 9.11
C GLU A 60 8.76 1.88 8.91
N ARG A 61 8.14 1.13 7.99
CA ARG A 61 8.53 -0.24 7.68
C ARG A 61 9.76 -0.20 6.77
N TYR A 62 9.83 0.76 5.85
CA TYR A 62 10.94 0.93 4.93
C TYR A 62 12.26 1.04 5.72
N LEU A 63 12.34 1.96 6.69
CA LEU A 63 13.55 2.11 7.52
C LEU A 63 13.88 0.84 8.33
N ARG A 64 12.92 -0.07 8.52
CA ARG A 64 13.11 -1.34 9.22
C ARG A 64 13.75 -2.34 8.23
N GLY A 65 13.65 -2.07 6.93
CA GLY A 65 14.15 -2.91 5.86
C GLY A 65 13.15 -4.02 5.56
N ASP A 66 11.84 -3.74 5.74
CA ASP A 66 10.73 -4.66 5.51
C ASP A 66 10.65 -5.10 4.07
N GLU A 67 9.72 -5.99 3.76
CA GLU A 67 9.50 -6.48 2.43
C GLU A 67 8.62 -5.53 1.65
N PHE A 68 8.98 -5.32 0.39
CA PHE A 68 8.26 -4.44 -0.53
C PHE A 68 8.12 -5.15 -1.87
N SER A 69 6.90 -5.54 -2.18
CA SER A 69 6.55 -6.19 -3.44
C SER A 69 6.13 -5.12 -4.45
N PHE A 70 5.85 -5.55 -5.68
CA PHE A 70 5.43 -4.70 -6.77
C PHE A 70 3.91 -4.88 -6.97
N PRO A 71 3.24 -3.88 -7.56
CA PRO A 71 1.80 -3.93 -7.79
C PRO A 71 1.39 -4.95 -8.85
N PRO A 72 0.10 -5.34 -8.88
CA PRO A 72 -0.39 -6.27 -9.87
C PRO A 72 -0.25 -5.62 -11.24
N GLY A 73 0.02 -6.43 -12.25
CA GLY A 73 0.20 -5.96 -13.61
C GLY A 73 1.67 -5.61 -13.90
N PHE A 74 2.56 -5.66 -12.91
CA PHE A 74 3.98 -5.37 -13.11
C PHE A 74 4.77 -6.62 -13.58
N GLU A 75 4.32 -7.83 -13.21
CA GLU A 75 4.98 -9.09 -13.60
C GLU A 75 4.75 -9.39 -15.07
#